data_3A1B
# 
_entry.id   3A1B 
# 
_audit_conform.dict_name       mmcif_pdbx.dic 
_audit_conform.dict_version    5.380 
_audit_conform.dict_location   http://mmcif.pdb.org/dictionaries/ascii/mmcif_pdbx.dic 
# 
loop_
_database_2.database_id 
_database_2.database_code 
_database_2.pdbx_database_accession 
_database_2.pdbx_DOI 
PDB   3A1B         pdb_00003a1b 10.2210/pdb3a1b/pdb 
RCSB  RCSB028686   ?            ?                   
WWPDB D_1000028686 ?            ?                   
# 
_pdbx_database_related.db_name        PDB 
_pdbx_database_related.db_id          3A1A 
_pdbx_database_related.details        'The same protein in the free state' 
_pdbx_database_related.content_type   unspecified 
# 
_pdbx_database_status.status_code                     REL 
_pdbx_database_status.entry_id                        3A1B 
_pdbx_database_status.recvd_initial_deposition_date   2009-03-28 
_pdbx_database_status.deposit_site                    PDBJ 
_pdbx_database_status.process_site                    PDBJ 
_pdbx_database_status.status_code_sf                  REL 
_pdbx_database_status.status_code_mr                  ? 
_pdbx_database_status.SG_entry                        ? 
_pdbx_database_status.pdb_format_compatible           Y 
_pdbx_database_status.status_code_cs                  ? 
_pdbx_database_status.methods_development_category    ? 
_pdbx_database_status.status_code_nmr_data            ? 
# 
loop_
_audit_author.name 
_audit_author.pdbx_ordinal 
'Otani, J.'     1 
'Arita, K.'     2 
'Ariyoshi, M.'  3 
'Shirakawa, M.' 4 
# 
_citation.id                        primary 
_citation.title                     
'Structural basis for recognition of H3K4 methylation status by the DNA methyltransferase 3A ATRX-DNMT3-DNMT3L domain' 
_citation.journal_abbrev            'Embo Rep.' 
_citation.journal_volume            10 
_citation.page_first                1235 
_citation.page_last                 1241 
_citation.year                      2009 
_citation.journal_id_ASTM           ? 
_citation.country                   UK 
_citation.journal_id_ISSN           1469-221X 
_citation.journal_id_CSD            ? 
_citation.book_publisher            ? 
_citation.pdbx_database_id_PubMed   19834512 
_citation.pdbx_database_id_DOI      10.1038/embor.2009.218 
# 
loop_
_citation_author.citation_id 
_citation_author.name 
_citation_author.ordinal 
_citation_author.identifier_ORCID 
primary 'Otani, J.'     1 ? 
primary 'Nankumo, T.'   2 ? 
primary 'Arita, K.'     3 ? 
primary 'Inamoto, S.'   4 ? 
primary 'Ariyoshi, M.'  5 ? 
primary 'Shirakawa, M.' 6 ? 
# 
_cell.entry_id           3A1B 
_cell.length_a           68.547 
_cell.length_b           68.547 
_cell.length_c           109.950 
_cell.angle_alpha        90.00 
_cell.angle_beta         90.00 
_cell.angle_gamma        90.00 
_cell.Z_PDB              8 
_cell.pdbx_unique_axis   ? 
_cell.length_a_esd       ? 
_cell.length_b_esd       ? 
_cell.length_c_esd       ? 
_cell.angle_alpha_esd    ? 
_cell.angle_beta_esd     ? 
_cell.angle_gamma_esd    ? 
# 
_symmetry.entry_id                         3A1B 
_symmetry.space_group_name_H-M             'P 41 21 2' 
_symmetry.pdbx_full_space_group_name_H-M   ? 
_symmetry.cell_setting                     ? 
_symmetry.Int_Tables_number                92 
_symmetry.space_group_name_Hall            ? 
# 
loop_
_entity.id 
_entity.type 
_entity.src_method 
_entity.pdbx_description 
_entity.formula_weight 
_entity.pdbx_number_of_molecules 
_entity.pdbx_ec 
_entity.pdbx_mutation 
_entity.pdbx_fragment 
_entity.details 
1 polymer     man 'DNA (cytosine-5)-methyltransferase 3A, Histone H3.1' 18072.805 1  2.1.1.37 ? 
'ADD(ATRX-DNMT3-DNMT3L) domain(residues 476-614), UNP residues 2-21(Histone H3.1)' ? 
2 non-polymer syn 'ZINC ION'                                            65.409    3  ?        ? ? ? 
3 non-polymer syn 1,2-ETHANEDIOL                                        62.068    7  ?        ? ? ? 
4 water       nat water                                                 18.015    38 ?        ? ? ? 
# 
_entity_name_com.entity_id   1 
_entity_name_com.name        
'Dnmt3a, DNA methyltransferase HsaIIIA, DNA MTase HsaIIIA, M.HsaIIIA, H3/a, H3/b, H3/c, H3/d, H3/f, H3/h, H3/i, H3/j, H3/k, H3/l' 
# 
_entity_poly.entity_id                      1 
_entity_poly.type                           'polypeptide(L)' 
_entity_poly.nstd_linkage                   no 
_entity_poly.nstd_monomer                   no 
_entity_poly.pdbx_seq_one_letter_code       
;ARTKQTARKSTGGKAPRKQLRERLVYEVRQKCRNIEDICISCGSLNVTLEHPLFVGGMCQNCKNCFLECAYQYDDDGYQS
YCTICCGGREVLMCGNNNCCRCFCVECVDLLVGPGAAQAAIKEDPWNCYMCGHKGTYGLLRRREDWPSRLQMFFANNHD
;
_entity_poly.pdbx_seq_one_letter_code_can   
;ARTKQTARKSTGGKAPRKQLRERLVYEVRQKCRNIEDICISCGSLNVTLEHPLFVGGMCQNCKNCFLECAYQYDDDGYQS
YCTICCGGREVLMCGNNNCCRCFCVECVDLLVGPGAAQAAIKEDPWNCYMCGHKGTYGLLRRREDWPSRLQMFFANNHD
;
_entity_poly.pdbx_strand_id                 A 
_entity_poly.pdbx_target_identifier         ? 
# 
loop_
_entity_poly_seq.entity_id 
_entity_poly_seq.num 
_entity_poly_seq.mon_id 
_entity_poly_seq.hetero 
1 1   ALA n 
1 2   ARG n 
1 3   THR n 
1 4   LYS n 
1 5   GLN n 
1 6   THR n 
1 7   ALA n 
1 8   ARG n 
1 9   LYS n 
1 10  SER n 
1 11  THR n 
1 12  GLY n 
1 13  GLY n 
1 14  LYS n 
1 15  ALA n 
1 16  PRO n 
1 17  ARG n 
1 18  LYS n 
1 19  GLN n 
1 20  LEU n 
1 21  ARG n 
1 22  GLU n 
1 23  ARG n 
1 24  LEU n 
1 25  VAL n 
1 26  TYR n 
1 27  GLU n 
1 28  VAL n 
1 29  ARG n 
1 30  GLN n 
1 31  LYS n 
1 32  CYS n 
1 33  ARG n 
1 34  ASN n 
1 35  ILE n 
1 36  GLU n 
1 37  ASP n 
1 38  ILE n 
1 39  CYS n 
1 40  ILE n 
1 41  SER n 
1 42  CYS n 
1 43  GLY n 
1 44  SER n 
1 45  LEU n 
1 46  ASN n 
1 47  VAL n 
1 48  THR n 
1 49  LEU n 
1 50  GLU n 
1 51  HIS n 
1 52  PRO n 
1 53  LEU n 
1 54  PHE n 
1 55  VAL n 
1 56  GLY n 
1 57  GLY n 
1 58  MET n 
1 59  CYS n 
1 60  GLN n 
1 61  ASN n 
1 62  CYS n 
1 63  LYS n 
1 64  ASN n 
1 65  CYS n 
1 66  PHE n 
1 67  LEU n 
1 68  GLU n 
1 69  CYS n 
1 70  ALA n 
1 71  TYR n 
1 72  GLN n 
1 73  TYR n 
1 74  ASP n 
1 75  ASP n 
1 76  ASP n 
1 77  GLY n 
1 78  TYR n 
1 79  GLN n 
1 80  SER n 
1 81  TYR n 
1 82  CYS n 
1 83  THR n 
1 84  ILE n 
1 85  CYS n 
1 86  CYS n 
1 87  GLY n 
1 88  GLY n 
1 89  ARG n 
1 90  GLU n 
1 91  VAL n 
1 92  LEU n 
1 93  MET n 
1 94  CYS n 
1 95  GLY n 
1 96  ASN n 
1 97  ASN n 
1 98  ASN n 
1 99  CYS n 
1 100 CYS n 
1 101 ARG n 
1 102 CYS n 
1 103 PHE n 
1 104 CYS n 
1 105 VAL n 
1 106 GLU n 
1 107 CYS n 
1 108 VAL n 
1 109 ASP n 
1 110 LEU n 
1 111 LEU n 
1 112 VAL n 
1 113 GLY n 
1 114 PRO n 
1 115 GLY n 
1 116 ALA n 
1 117 ALA n 
1 118 GLN n 
1 119 ALA n 
1 120 ALA n 
1 121 ILE n 
1 122 LYS n 
1 123 GLU n 
1 124 ASP n 
1 125 PRO n 
1 126 TRP n 
1 127 ASN n 
1 128 CYS n 
1 129 TYR n 
1 130 MET n 
1 131 CYS n 
1 132 GLY n 
1 133 HIS n 
1 134 LYS n 
1 135 GLY n 
1 136 THR n 
1 137 TYR n 
1 138 GLY n 
1 139 LEU n 
1 140 LEU n 
1 141 ARG n 
1 142 ARG n 
1 143 ARG n 
1 144 GLU n 
1 145 ASP n 
1 146 TRP n 
1 147 PRO n 
1 148 SER n 
1 149 ARG n 
1 150 LEU n 
1 151 GLN n 
1 152 MET n 
1 153 PHE n 
1 154 PHE n 
1 155 ALA n 
1 156 ASN n 
1 157 ASN n 
1 158 HIS n 
1 159 ASP n 
# 
loop_
_entity_src_gen.entity_id 
_entity_src_gen.pdbx_src_id 
_entity_src_gen.pdbx_alt_source_flag 
_entity_src_gen.pdbx_seq_type 
_entity_src_gen.pdbx_beg_seq_num 
_entity_src_gen.pdbx_end_seq_num 
_entity_src_gen.gene_src_common_name 
_entity_src_gen.gene_src_genus 
_entity_src_gen.pdbx_gene_src_gene 
_entity_src_gen.gene_src_species 
_entity_src_gen.gene_src_strain 
_entity_src_gen.gene_src_tissue 
_entity_src_gen.gene_src_tissue_fraction 
_entity_src_gen.gene_src_details 
_entity_src_gen.pdbx_gene_src_fragment 
_entity_src_gen.pdbx_gene_src_scientific_name 
_entity_src_gen.pdbx_gene_src_ncbi_taxonomy_id 
_entity_src_gen.pdbx_gene_src_variant 
_entity_src_gen.pdbx_gene_src_cell_line 
_entity_src_gen.pdbx_gene_src_atcc 
_entity_src_gen.pdbx_gene_src_organ 
_entity_src_gen.pdbx_gene_src_organelle 
_entity_src_gen.pdbx_gene_src_cell 
_entity_src_gen.pdbx_gene_src_cellular_location 
_entity_src_gen.host_org_common_name 
_entity_src_gen.pdbx_host_org_scientific_name 
_entity_src_gen.pdbx_host_org_ncbi_taxonomy_id 
_entity_src_gen.host_org_genus 
_entity_src_gen.pdbx_host_org_gene 
_entity_src_gen.pdbx_host_org_organ 
_entity_src_gen.host_org_species 
_entity_src_gen.pdbx_host_org_tissue 
_entity_src_gen.pdbx_host_org_tissue_fraction 
_entity_src_gen.pdbx_host_org_strain 
_entity_src_gen.pdbx_host_org_variant 
_entity_src_gen.pdbx_host_org_cell_line 
_entity_src_gen.pdbx_host_org_atcc 
_entity_src_gen.pdbx_host_org_culture_collection 
_entity_src_gen.pdbx_host_org_cell 
_entity_src_gen.pdbx_host_org_organelle 
_entity_src_gen.pdbx_host_org_cellular_location 
_entity_src_gen.pdbx_host_org_vector_type 
_entity_src_gen.pdbx_host_org_vector 
_entity_src_gen.host_org_details 
_entity_src_gen.expression_system_id 
_entity_src_gen.plasmid_name 
_entity_src_gen.plasmid_details 
_entity_src_gen.pdbx_description 
1 1 sample ? 1  20  human ? ? ? ? ? ? ? ? 'Homo sapiens' 9606 ? ? ? ? ? ? ? ? 'Escherichia coli' 469008 ? ? ? ? ? ? 'BL21(DE3)' ? 
? ? ? ? ? ? PLASMID ? ? ? pGEX ? ? 
1 2 sample ? 21 159 human ? ? ? ? ? ? ? ? 'Homo sapiens' 9606 ? ? ? ? ? ? ? ? 'Escherichia coli' 469008 ? ? ? ? ? ? 'BL21(DE3)' ? 
? ? ? ? ? ? PLASMID ? ? ? pGEX ? ? 
# 
loop_
_struct_ref.id 
_struct_ref.db_name 
_struct_ref.db_code 
_struct_ref.pdbx_db_accession 
_struct_ref.entity_id 
_struct_ref.pdbx_seq_one_letter_code 
_struct_ref.pdbx_align_begin 
_struct_ref.pdbx_db_isoform 
1 UNP H31_HUMAN   P68431 1 ARTKQTARKSTGGKAPRKQL 2   ? 
2 UNP DNM3A_HUMAN Q9Y6K1 1 
;RERLVYEVRQKCRNIEDICISCGSLNVTLEHPLFVGGMCQNCKNCFLECAYQYDDDGYQSYCTICCGGREVLMCGNNNCC
RCFCVECVDLLVGPGAAQAAIKEDPWNCYMCGHKGTYGLLRRREDWPSRLQMFFANNHD
;
476 ? 
# 
loop_
_struct_ref_seq.align_id 
_struct_ref_seq.ref_id 
_struct_ref_seq.pdbx_PDB_id_code 
_struct_ref_seq.pdbx_strand_id 
_struct_ref_seq.seq_align_beg 
_struct_ref_seq.pdbx_seq_align_beg_ins_code 
_struct_ref_seq.seq_align_end 
_struct_ref_seq.pdbx_seq_align_end_ins_code 
_struct_ref_seq.pdbx_db_accession 
_struct_ref_seq.db_align_beg 
_struct_ref_seq.pdbx_db_align_beg_ins_code 
_struct_ref_seq.db_align_end 
_struct_ref_seq.pdbx_db_align_end_ins_code 
_struct_ref_seq.pdbx_auth_seq_align_beg 
_struct_ref_seq.pdbx_auth_seq_align_end 
1 1 3A1B A 1  ? 20  ? P68431 2   ? 21  ? 456 475 
2 2 3A1B A 21 ? 159 ? Q9Y6K1 476 ? 614 ? 476 614 
# 
loop_
_chem_comp.id 
_chem_comp.type 
_chem_comp.mon_nstd_flag 
_chem_comp.name 
_chem_comp.pdbx_synonyms 
_chem_comp.formula 
_chem_comp.formula_weight 
ALA 'L-peptide linking' y ALANINE         ?                 'C3 H7 N O2'     89.093  
ARG 'L-peptide linking' y ARGININE        ?                 'C6 H15 N4 O2 1' 175.209 
ASN 'L-peptide linking' y ASPARAGINE      ?                 'C4 H8 N2 O3'    132.118 
ASP 'L-peptide linking' y 'ASPARTIC ACID' ?                 'C4 H7 N O4'     133.103 
CYS 'L-peptide linking' y CYSTEINE        ?                 'C3 H7 N O2 S'   121.158 
EDO non-polymer         . 1,2-ETHANEDIOL  'ETHYLENE GLYCOL' 'C2 H6 O2'       62.068  
GLN 'L-peptide linking' y GLUTAMINE       ?                 'C5 H10 N2 O3'   146.144 
GLU 'L-peptide linking' y 'GLUTAMIC ACID' ?                 'C5 H9 N O4'     147.129 
GLY 'peptide linking'   y GLYCINE         ?                 'C2 H5 N O2'     75.067  
HIS 'L-peptide linking' y HISTIDINE       ?                 'C6 H10 N3 O2 1' 156.162 
HOH non-polymer         . WATER           ?                 'H2 O'           18.015  
ILE 'L-peptide linking' y ISOLEUCINE      ?                 'C6 H13 N O2'    131.173 
LEU 'L-peptide linking' y LEUCINE         ?                 'C6 H13 N O2'    131.173 
LYS 'L-peptide linking' y LYSINE          ?                 'C6 H15 N2 O2 1' 147.195 
MET 'L-peptide linking' y METHIONINE      ?                 'C5 H11 N O2 S'  149.211 
PHE 'L-peptide linking' y PHENYLALANINE   ?                 'C9 H11 N O2'    165.189 
PRO 'L-peptide linking' y PROLINE         ?                 'C5 H9 N O2'     115.130 
SER 'L-peptide linking' y SERINE          ?                 'C3 H7 N O3'     105.093 
THR 'L-peptide linking' y THREONINE       ?                 'C4 H9 N O3'     119.119 
TRP 'L-peptide linking' y TRYPTOPHAN      ?                 'C11 H12 N2 O2'  204.225 
TYR 'L-peptide linking' y TYROSINE        ?                 'C9 H11 N O3'    181.189 
VAL 'L-peptide linking' y VALINE          ?                 'C5 H11 N O2'    117.146 
ZN  non-polymer         . 'ZINC ION'      ?                 'Zn 2'           65.409  
# 
_exptl.entry_id          3A1B 
_exptl.method            'X-RAY DIFFRACTION' 
_exptl.crystals_number   1 
# 
_exptl_crystal.id                    1 
_exptl_crystal.density_meas          ? 
_exptl_crystal.density_Matthews      3.57 
_exptl_crystal.density_percent_sol   65.58 
_exptl_crystal.description           ? 
_exptl_crystal.F_000                 ? 
_exptl_crystal.preparation           ? 
# 
_exptl_crystal_grow.crystal_id      1 
_exptl_crystal_grow.method          'VAPOR DIFFUSION, HANGING DROP' 
_exptl_crystal_grow.temp            293 
_exptl_crystal_grow.temp_details    ? 
_exptl_crystal_grow.pH              5.5 
_exptl_crystal_grow.pdbx_details    
'10% PEG 2000 monomethyl ether, 0.1M Bis-Tris, pH 5.5, VAPOR DIFFUSION, HANGING DROP, temperature 293K' 
_exptl_crystal_grow.pdbx_pH_range   ? 
# 
_diffrn.id                     1 
_diffrn.ambient_temp           100 
_diffrn.ambient_temp_details   ? 
_diffrn.crystal_id             1 
# 
_diffrn_detector.diffrn_id              1 
_diffrn_detector.detector               CCD 
_diffrn_detector.type                   'ADSC QUANTUM 315' 
_diffrn_detector.pdbx_collection_date   2008-06-10 
_diffrn_detector.details                mirrors 
# 
_diffrn_radiation.diffrn_id                        1 
_diffrn_radiation.wavelength_id                    1 
_diffrn_radiation.pdbx_monochromatic_or_laue_m_l   M 
_diffrn_radiation.monochromator                    ? 
_diffrn_radiation.pdbx_diffrn_protocol             'SINGLE WAVELENGTH' 
_diffrn_radiation.pdbx_scattering_type             x-ray 
# 
_diffrn_radiation_wavelength.id           1 
_diffrn_radiation_wavelength.wavelength   1.0 
_diffrn_radiation_wavelength.wt           1.0 
# 
_diffrn_source.diffrn_id                   1 
_diffrn_source.source                      SYNCHROTRON 
_diffrn_source.type                        'PHOTON FACTORY BEAMLINE BL-5A' 
_diffrn_source.pdbx_synchrotron_site       'Photon Factory' 
_diffrn_source.pdbx_synchrotron_beamline   BL-5A 
_diffrn_source.pdbx_wavelength             ? 
_diffrn_source.pdbx_wavelength_list        1.0 
# 
_reflns.entry_id                     3A1B 
_reflns.observed_criterion_sigma_F   1.0 
_reflns.observed_criterion_sigma_I   1.0 
_reflns.d_resolution_high            2.292 
_reflns.d_resolution_low             32.721 
_reflns.number_all                   12159 
_reflns.number_obs                   12159 
_reflns.percent_possible_obs         98.3 
_reflns.pdbx_Rmerge_I_obs            0.082 
_reflns.pdbx_Rsym_value              ? 
_reflns.pdbx_netI_over_sigmaI        15 
_reflns.B_iso_Wilson_estimate        ? 
_reflns.pdbx_redundancy              24.1 
_reflns.R_free_details               ? 
_reflns.limit_h_max                  ? 
_reflns.limit_h_min                  ? 
_reflns.limit_k_max                  ? 
_reflns.limit_k_min                  ? 
_reflns.limit_l_max                  ? 
_reflns.limit_l_min                  ? 
_reflns.observed_criterion_F_max     ? 
_reflns.observed_criterion_F_min     ? 
_reflns.pdbx_chi_squared             ? 
_reflns.pdbx_scaling_rejects         ? 
_reflns.pdbx_ordinal                 1 
_reflns.pdbx_diffrn_id               1 
# 
_reflns_shell.d_res_high             2.292 
_reflns_shell.d_res_low              2.38 
_reflns_shell.percent_possible_all   86.9 
_reflns_shell.Rmerge_I_obs           0.428 
_reflns_shell.pdbx_Rsym_value        ? 
_reflns_shell.meanI_over_sigI_obs    ? 
_reflns_shell.pdbx_redundancy        15.5 
_reflns_shell.percent_possible_obs   ? 
_reflns_shell.number_unique_all      ? 
_reflns_shell.number_measured_all    ? 
_reflns_shell.number_measured_obs    ? 
_reflns_shell.number_unique_obs      ? 
_reflns_shell.pdbx_chi_squared       ? 
_reflns_shell.pdbx_ordinal           1 
_reflns_shell.pdbx_diffrn_id         1 
# 
_refine.entry_id                                 3A1B 
_refine.ls_number_reflns_obs                     11534 
_refine.ls_number_reflns_all                     ? 
_refine.pdbx_ls_sigma_I                          ? 
_refine.pdbx_ls_sigma_F                          ? 
_refine.pdbx_data_cutoff_high_absF               ? 
_refine.pdbx_data_cutoff_low_absF                ? 
_refine.pdbx_data_cutoff_high_rms_absF           ? 
_refine.ls_d_res_low                             32.72 
_refine.ls_d_res_high                            2.292 
_refine.ls_percent_reflns_obs                    98.14 
_refine.ls_R_factor_obs                          0.19344 
_refine.ls_R_factor_all                          ? 
_refine.ls_R_factor_R_work                       0.19198 
_refine.ls_R_factor_R_free                       0.22408 
_refine.ls_R_factor_R_free_error                 ? 
_refine.ls_R_factor_R_free_error_details         ? 
_refine.ls_percent_reflns_R_free                 4.8 
_refine.ls_number_reflns_R_free                  576 
_refine.ls_number_parameters                     ? 
_refine.ls_number_restraints                     ? 
_refine.occupancy_min                            ? 
_refine.occupancy_max                            ? 
_refine.correlation_coeff_Fo_to_Fc               0.958 
_refine.correlation_coeff_Fo_to_Fc_free          0.938 
_refine.B_iso_mean                               43.685 
_refine.aniso_B[1][1]                            2.16 
_refine.aniso_B[2][2]                            2.16 
_refine.aniso_B[3][3]                            -4.33 
_refine.aniso_B[1][2]                            0.00 
_refine.aniso_B[1][3]                            0.00 
_refine.aniso_B[2][3]                            0.00 
_refine.solvent_model_details                    'BABINET MODEL WITH MASK' 
_refine.solvent_model_param_ksol                 ? 
_refine.solvent_model_param_bsol                 ? 
_refine.pdbx_solvent_vdw_probe_radii             1.20 
_refine.pdbx_solvent_ion_probe_radii             0.80 
_refine.pdbx_solvent_shrinkage_radii             0.80 
_refine.pdbx_ls_cross_valid_method               THROUGHOUT 
_refine.details                                  'HYDROGENS HAVE BEEN ADDED IN THE RIDING POSITIONS' 
_refine.pdbx_starting_model                      'PDB ENTRY 3A1A' 
_refine.pdbx_method_to_determine_struct          'MOLECULAR REPLACEMENT' 
_refine.pdbx_isotropic_thermal_model             Isotropic 
_refine.pdbx_stereochemistry_target_values       'MAXIMUM LIKELIHOOD' 
_refine.pdbx_stereochem_target_val_spec_case     ? 
_refine.pdbx_R_Free_selection_details            RANDOM 
_refine.pdbx_overall_ESU_R                       0.196 
_refine.pdbx_overall_ESU_R_Free                  0.173 
_refine.overall_SU_ML                            0.111 
_refine.overall_SU_B                             8.047 
_refine.ls_redundancy_reflns_obs                 ? 
_refine.B_iso_min                                ? 
_refine.B_iso_max                                ? 
_refine.overall_SU_R_Cruickshank_DPI             ? 
_refine.overall_SU_R_free                        ? 
_refine.ls_wR_factor_R_free                      ? 
_refine.ls_wR_factor_R_work                      ? 
_refine.overall_FOM_free_R_set                   ? 
_refine.overall_FOM_work_R_set                   ? 
_refine.pdbx_overall_phase_error                 ? 
_refine.pdbx_refine_id                           'X-RAY DIFFRACTION' 
_refine.pdbx_TLS_residual_ADP_flag               'LIKELY RESIDUAL' 
_refine.pdbx_diffrn_id                           1 
_refine.pdbx_overall_SU_R_free_Cruickshank_DPI   ? 
_refine.pdbx_overall_SU_R_Blow_DPI               ? 
_refine.pdbx_overall_SU_R_free_Blow_DPI          ? 
# 
_refine_hist.pdbx_refine_id                   'X-RAY DIFFRACTION' 
_refine_hist.cycle_id                         LAST 
_refine_hist.pdbx_number_atoms_protein        1173 
_refine_hist.pdbx_number_atoms_nucleic_acid   0 
_refine_hist.pdbx_number_atoms_ligand         31 
_refine_hist.number_atoms_solvent             38 
_refine_hist.number_atoms_total               1242 
_refine_hist.d_res_high                       2.292 
_refine_hist.d_res_low                        32.72 
# 
loop_
_refine_ls_restr.type 
_refine_ls_restr.dev_ideal 
_refine_ls_restr.dev_ideal_target 
_refine_ls_restr.weight 
_refine_ls_restr.number 
_refine_ls_restr.pdbx_refine_id 
_refine_ls_restr.pdbx_restraint_function 
r_bond_refined_d             0.013  0.022  ? 1219 'X-RAY DIFFRACTION' ? 
r_bond_other_d               ?      ?      ? ?    'X-RAY DIFFRACTION' ? 
r_angle_refined_deg          1.501  1.961  ? 1627 'X-RAY DIFFRACTION' ? 
r_angle_other_deg            ?      ?      ? ?    'X-RAY DIFFRACTION' ? 
r_dihedral_angle_1_deg       4.854  5.000  ? 150  'X-RAY DIFFRACTION' ? 
r_dihedral_angle_2_deg       33.229 23.443 ? 61   'X-RAY DIFFRACTION' ? 
r_dihedral_angle_3_deg       16.946 15.000 ? 212  'X-RAY DIFFRACTION' ? 
r_dihedral_angle_4_deg       17.577 15.000 ? 12   'X-RAY DIFFRACTION' ? 
r_chiral_restr               0.101  0.200  ? 168  'X-RAY DIFFRACTION' ? 
r_gen_planes_refined         0.005  0.020  ? 927  'X-RAY DIFFRACTION' ? 
r_gen_planes_other           ?      ?      ? ?    'X-RAY DIFFRACTION' ? 
r_nbd_refined                0.207  0.200  ? 555  'X-RAY DIFFRACTION' ? 
r_nbd_other                  ?      ?      ? ?    'X-RAY DIFFRACTION' ? 
r_nbtor_refined              0.304  0.200  ? 815  'X-RAY DIFFRACTION' ? 
r_nbtor_other                ?      ?      ? ?    'X-RAY DIFFRACTION' ? 
r_xyhbond_nbd_refined        0.145  0.200  ? 62   'X-RAY DIFFRACTION' ? 
r_xyhbond_nbd_other          ?      ?      ? ?    'X-RAY DIFFRACTION' ? 
r_metal_ion_refined          ?      ?      ? ?    'X-RAY DIFFRACTION' ? 
r_metal_ion_other            ?      ?      ? ?    'X-RAY DIFFRACTION' ? 
r_symmetry_vdw_refined       0.205  0.200  ? 34   'X-RAY DIFFRACTION' ? 
r_symmetry_vdw_other         ?      ?      ? ?    'X-RAY DIFFRACTION' ? 
r_symmetry_hbond_refined     0.173  0.200  ? 8    'X-RAY DIFFRACTION' ? 
r_symmetry_hbond_other       ?      ?      ? ?    'X-RAY DIFFRACTION' ? 
r_symmetry_metal_ion_refined ?      ?      ? ?    'X-RAY DIFFRACTION' ? 
r_symmetry_metal_ion_other   ?      ?      ? ?    'X-RAY DIFFRACTION' ? 
r_mcbond_it                  0.797  1.500  ? 761  'X-RAY DIFFRACTION' ? 
r_mcbond_other               ?      ?      ? ?    'X-RAY DIFFRACTION' ? 
r_mcangle_it                 1.277  2.000  ? 1177 'X-RAY DIFFRACTION' ? 
r_scbond_it                  2.282  3.000  ? 523  'X-RAY DIFFRACTION' ? 
r_scangle_it                 3.570  4.500  ? 448  'X-RAY DIFFRACTION' ? 
r_rigid_bond_restr           ?      ?      ? ?    'X-RAY DIFFRACTION' ? 
r_sphericity_free            ?      ?      ? ?    'X-RAY DIFFRACTION' ? 
r_sphericity_bonded          ?      ?      ? ?    'X-RAY DIFFRACTION' ? 
# 
_refine_ls_shell.pdbx_total_number_of_bins_used   20 
_refine_ls_shell.d_res_high                       2.292 
_refine_ls_shell.d_res_low                        2.351 
_refine_ls_shell.number_reflns_R_work             695 
_refine_ls_shell.R_factor_R_work                  0.232 
_refine_ls_shell.percent_reflns_obs               82.90 
_refine_ls_shell.R_factor_R_free                  0.263 
_refine_ls_shell.R_factor_R_free_error            ? 
_refine_ls_shell.percent_reflns_R_free            ? 
_refine_ls_shell.number_reflns_R_free             32 
_refine_ls_shell.number_reflns_all                ? 
_refine_ls_shell.R_factor_all                     ? 
_refine_ls_shell.number_reflns_obs                ? 
_refine_ls_shell.redundancy_reflns_obs            ? 
_refine_ls_shell.pdbx_refine_id                   'X-RAY DIFFRACTION' 
# 
_struct.entry_id                  3A1B 
_struct.title                     'Crystal structure of the DNMT3A ADD domain in complex with histone H3' 
_struct.pdbx_model_details        ? 
_struct.pdbx_CASP_flag            ? 
_struct.pdbx_model_type_details   ? 
# 
_struct_keywords.entry_id        3A1B 
_struct_keywords.pdbx_keywords   TRANSFERASE 
_struct_keywords.text            
;Zinc-finger, Histone binding, Chromosomal protein, DNA damage, DNA repair, DNA-binding, Methylation, Nucleosome core, Nucleus, Phosphoprotein, Alternative promoter usage, Metal-binding, Methyltransferase, S-adenosyl-L-methionine, Transferase
;
# 
loop_
_struct_asym.id 
_struct_asym.pdbx_blank_PDB_chainid_flag 
_struct_asym.pdbx_modified 
_struct_asym.entity_id 
_struct_asym.details 
A N N 1 ? 
B N N 2 ? 
C N N 2 ? 
D N N 2 ? 
E N N 3 ? 
F N N 3 ? 
G N N 3 ? 
H N N 3 ? 
I N N 3 ? 
J N N 3 ? 
K N N 3 ? 
L N N 4 ? 
# 
_struct_biol.id        1 
_struct_biol.details   ? 
# 
loop_
_struct_conf.conf_type_id 
_struct_conf.id 
_struct_conf.pdbx_PDB_helix_id 
_struct_conf.beg_label_comp_id 
_struct_conf.beg_label_asym_id 
_struct_conf.beg_label_seq_id 
_struct_conf.pdbx_beg_PDB_ins_code 
_struct_conf.end_label_comp_id 
_struct_conf.end_label_asym_id 
_struct_conf.end_label_seq_id 
_struct_conf.pdbx_end_PDB_ins_code 
_struct_conf.beg_auth_comp_id 
_struct_conf.beg_auth_asym_id 
_struct_conf.beg_auth_seq_id 
_struct_conf.end_auth_comp_id 
_struct_conf.end_auth_asym_id 
_struct_conf.end_auth_seq_id 
_struct_conf.pdbx_PDB_helix_class 
_struct_conf.details 
_struct_conf.pdbx_PDB_helix_length 
HELX_P HELX_P1 1 ARG A 17  ? GLN A 30  ? ARG A 472 GLN A 485 1 ? 14 
HELX_P HELX_P2 2 ASN A 34  ? ILE A 38  ? ASN A 489 ILE A 493 5 ? 5  
HELX_P HELX_P3 3 CYS A 59  ? ALA A 70  ? CYS A 514 ALA A 525 1 ? 12 
HELX_P HELX_P4 4 VAL A 105 ? VAL A 112 ? VAL A 560 VAL A 567 1 ? 8  
HELX_P HELX_P5 5 GLY A 115 ? LYS A 122 ? GLY A 570 LYS A 577 1 ? 8  
HELX_P HELX_P6 6 ASP A 145 ? ALA A 155 ? ASP A 600 ALA A 610 1 ? 11 
# 
_struct_conf_type.id          HELX_P 
_struct_conf_type.criteria    ? 
_struct_conf_type.reference   ? 
# 
loop_
_struct_conn.id 
_struct_conn.conn_type_id 
_struct_conn.pdbx_leaving_atom_flag 
_struct_conn.pdbx_PDB_id 
_struct_conn.ptnr1_label_asym_id 
_struct_conn.ptnr1_label_comp_id 
_struct_conn.ptnr1_label_seq_id 
_struct_conn.ptnr1_label_atom_id 
_struct_conn.pdbx_ptnr1_label_alt_id 
_struct_conn.pdbx_ptnr1_PDB_ins_code 
_struct_conn.pdbx_ptnr1_standard_comp_id 
_struct_conn.ptnr1_symmetry 
_struct_conn.ptnr2_label_asym_id 
_struct_conn.ptnr2_label_comp_id 
_struct_conn.ptnr2_label_seq_id 
_struct_conn.ptnr2_label_atom_id 
_struct_conn.pdbx_ptnr2_label_alt_id 
_struct_conn.pdbx_ptnr2_PDB_ins_code 
_struct_conn.ptnr1_auth_asym_id 
_struct_conn.ptnr1_auth_comp_id 
_struct_conn.ptnr1_auth_seq_id 
_struct_conn.ptnr2_auth_asym_id 
_struct_conn.ptnr2_auth_comp_id 
_struct_conn.ptnr2_auth_seq_id 
_struct_conn.ptnr2_symmetry 
_struct_conn.pdbx_ptnr3_label_atom_id 
_struct_conn.pdbx_ptnr3_label_seq_id 
_struct_conn.pdbx_ptnr3_label_comp_id 
_struct_conn.pdbx_ptnr3_label_asym_id 
_struct_conn.pdbx_ptnr3_label_alt_id 
_struct_conn.pdbx_ptnr3_PDB_ins_code 
_struct_conn.details 
_struct_conn.pdbx_dist_value 
_struct_conn.pdbx_value_order 
_struct_conn.pdbx_role 
metalc1  metalc ? ? B ZN . ZN ? ? ? 1_555 A CYS 39  SG ? ? A ZN 1 A CYS 494 1_555 ? ? ? ? ? ? ? 2.274 ? ? 
metalc2  metalc ? ? B ZN . ZN ? ? ? 1_555 A CYS 42  SG ? ? A ZN 1 A CYS 497 1_555 ? ? ? ? ? ? ? 2.298 ? ? 
metalc3  metalc ? ? B ZN . ZN ? ? ? 1_555 A CYS 59  SG ? ? A ZN 1 A CYS 514 1_555 ? ? ? ? ? ? ? 2.310 ? ? 
metalc4  metalc ? ? B ZN . ZN ? ? ? 1_555 A CYS 62  SG ? ? A ZN 1 A CYS 517 1_555 ? ? ? ? ? ? ? 2.379 ? ? 
metalc5  metalc ? ? C ZN . ZN ? ? ? 1_555 A CYS 82  SG ? ? A ZN 2 A CYS 537 1_555 ? ? ? ? ? ? ? 2.395 ? ? 
metalc6  metalc ? ? C ZN . ZN ? ? ? 1_555 A CYS 85  SG ? ? A ZN 2 A CYS 540 1_555 ? ? ? ? ? ? ? 2.340 ? ? 
metalc7  metalc ? ? C ZN . ZN ? ? ? 1_555 A CYS 104 SG ? ? A ZN 2 A CYS 559 1_555 ? ? ? ? ? ? ? 2.340 ? ? 
metalc8  metalc ? ? C ZN . ZN ? ? ? 1_555 A CYS 107 SG ? ? A ZN 2 A CYS 562 1_555 ? ? ? ? ? ? ? 2.369 ? ? 
metalc9  metalc ? ? D ZN . ZN ? ? ? 1_555 A CYS 94  SG ? ? A ZN 3 A CYS 549 1_555 ? ? ? ? ? ? ? 2.152 ? ? 
metalc10 metalc ? ? D ZN . ZN ? ? ? 1_555 A CYS 99  SG ? ? A ZN 3 A CYS 554 1_555 ? ? ? ? ? ? ? 2.346 ? ? 
metalc11 metalc ? ? D ZN . ZN ? ? ? 1_555 A CYS 128 SG ? ? A ZN 3 A CYS 583 1_555 ? ? ? ? ? ? ? 2.380 ? ? 
metalc12 metalc ? ? D ZN . ZN ? ? ? 1_555 A CYS 131 SG ? ? A ZN 3 A CYS 586 1_555 ? ? ? ? ? ? ? 2.211 ? ? 
# 
_struct_conn_type.id          metalc 
_struct_conn_type.criteria    ? 
_struct_conn_type.reference   ? 
# 
_struct_mon_prot_cis.pdbx_id                1 
_struct_mon_prot_cis.label_comp_id          ASP 
_struct_mon_prot_cis.label_seq_id           124 
_struct_mon_prot_cis.label_asym_id          A 
_struct_mon_prot_cis.label_alt_id           . 
_struct_mon_prot_cis.pdbx_PDB_ins_code      ? 
_struct_mon_prot_cis.auth_comp_id           ASP 
_struct_mon_prot_cis.auth_seq_id            579 
_struct_mon_prot_cis.auth_asym_id           A 
_struct_mon_prot_cis.pdbx_label_comp_id_2   PRO 
_struct_mon_prot_cis.pdbx_label_seq_id_2    125 
_struct_mon_prot_cis.pdbx_label_asym_id_2   A 
_struct_mon_prot_cis.pdbx_PDB_ins_code_2    ? 
_struct_mon_prot_cis.pdbx_auth_comp_id_2    PRO 
_struct_mon_prot_cis.pdbx_auth_seq_id_2     580 
_struct_mon_prot_cis.pdbx_auth_asym_id_2    A 
_struct_mon_prot_cis.pdbx_PDB_model_num     1 
_struct_mon_prot_cis.pdbx_omega_angle       -2.35 
# 
loop_
_struct_sheet.id 
_struct_sheet.type 
_struct_sheet.number_strands 
_struct_sheet.details 
A ? 3 ? 
B ? 2 ? 
C ? 2 ? 
# 
loop_
_struct_sheet_order.sheet_id 
_struct_sheet_order.range_id_1 
_struct_sheet_order.range_id_2 
_struct_sheet_order.offset 
_struct_sheet_order.sense 
A 1 2 ? anti-parallel 
A 2 3 ? anti-parallel 
B 1 2 ? anti-parallel 
C 1 2 ? anti-parallel 
# 
loop_
_struct_sheet_range.sheet_id 
_struct_sheet_range.id 
_struct_sheet_range.beg_label_comp_id 
_struct_sheet_range.beg_label_asym_id 
_struct_sheet_range.beg_label_seq_id 
_struct_sheet_range.pdbx_beg_PDB_ins_code 
_struct_sheet_range.end_label_comp_id 
_struct_sheet_range.end_label_asym_id 
_struct_sheet_range.end_label_seq_id 
_struct_sheet_range.pdbx_end_PDB_ins_code 
_struct_sheet_range.beg_auth_comp_id 
_struct_sheet_range.beg_auth_asym_id 
_struct_sheet_range.beg_auth_seq_id 
_struct_sheet_range.end_auth_comp_id 
_struct_sheet_range.end_auth_asym_id 
_struct_sheet_range.end_auth_seq_id 
A 1 ARG A 2   ? GLN A 5   ? ARG A 457 GLN A 460 
A 2 GLU A 90  ? MET A 93  ? GLU A 545 MET A 548 
A 3 CYS A 102 ? CYS A 104 ? CYS A 557 CYS A 559 
B 1 LEU A 49  ? GLU A 50  ? LEU A 504 GLU A 505 
B 2 GLY A 57  ? MET A 58  ? GLY A 512 MET A 513 
C 1 THR A 136 ? TYR A 137 ? THR A 591 TYR A 592 
C 2 LEU A 140 ? ARG A 141 ? LEU A 595 ARG A 596 
# 
loop_
_pdbx_struct_sheet_hbond.sheet_id 
_pdbx_struct_sheet_hbond.range_id_1 
_pdbx_struct_sheet_hbond.range_id_2 
_pdbx_struct_sheet_hbond.range_1_label_atom_id 
_pdbx_struct_sheet_hbond.range_1_label_comp_id 
_pdbx_struct_sheet_hbond.range_1_label_asym_id 
_pdbx_struct_sheet_hbond.range_1_label_seq_id 
_pdbx_struct_sheet_hbond.range_1_PDB_ins_code 
_pdbx_struct_sheet_hbond.range_1_auth_atom_id 
_pdbx_struct_sheet_hbond.range_1_auth_comp_id 
_pdbx_struct_sheet_hbond.range_1_auth_asym_id 
_pdbx_struct_sheet_hbond.range_1_auth_seq_id 
_pdbx_struct_sheet_hbond.range_2_label_atom_id 
_pdbx_struct_sheet_hbond.range_2_label_comp_id 
_pdbx_struct_sheet_hbond.range_2_label_asym_id 
_pdbx_struct_sheet_hbond.range_2_label_seq_id 
_pdbx_struct_sheet_hbond.range_2_PDB_ins_code 
_pdbx_struct_sheet_hbond.range_2_auth_atom_id 
_pdbx_struct_sheet_hbond.range_2_auth_comp_id 
_pdbx_struct_sheet_hbond.range_2_auth_asym_id 
_pdbx_struct_sheet_hbond.range_2_auth_seq_id 
A 1 2 N ARG A 2   ? N ARG A 457 O MET A 93  ? O MET A 548 
A 2 3 N LEU A 92  ? N LEU A 547 O PHE A 103 ? O PHE A 558 
B 1 2 N LEU A 49  ? N LEU A 504 O MET A 58  ? O MET A 513 
C 1 2 N TYR A 137 ? N TYR A 592 O LEU A 140 ? O LEU A 595 
# 
loop_
_struct_site.id 
_struct_site.pdbx_evidence_code 
_struct_site.pdbx_auth_asym_id 
_struct_site.pdbx_auth_comp_id 
_struct_site.pdbx_auth_seq_id 
_struct_site.pdbx_auth_ins_code 
_struct_site.pdbx_num_residues 
_struct_site.details 
AC1 Software A ZN  1   ? 4 'BINDING SITE FOR RESIDUE ZN A 1'    
AC2 Software A ZN  2   ? 4 'BINDING SITE FOR RESIDUE ZN A 2'    
AC3 Software A ZN  3   ? 4 'BINDING SITE FOR RESIDUE ZN A 3'    
AC4 Software A EDO 615 ? 8 'BINDING SITE FOR RESIDUE EDO A 615' 
AC5 Software A EDO 616 ? 6 'BINDING SITE FOR RESIDUE EDO A 616' 
AC6 Software A EDO 617 ? 6 'BINDING SITE FOR RESIDUE EDO A 617' 
AC7 Software A EDO 4   ? 3 'BINDING SITE FOR RESIDUE EDO A 4'   
AC8 Software A EDO 5   ? 6 'BINDING SITE FOR RESIDUE EDO A 5'   
AC9 Software A EDO 6   ? 6 'BINDING SITE FOR RESIDUE EDO A 6'   
BC1 Software A EDO 7   ? 7 'BINDING SITE FOR RESIDUE EDO A 7'   
# 
loop_
_struct_site_gen.id 
_struct_site_gen.site_id 
_struct_site_gen.pdbx_num_res 
_struct_site_gen.label_comp_id 
_struct_site_gen.label_asym_id 
_struct_site_gen.label_seq_id 
_struct_site_gen.pdbx_auth_ins_code 
_struct_site_gen.auth_comp_id 
_struct_site_gen.auth_asym_id 
_struct_site_gen.auth_seq_id 
_struct_site_gen.label_atom_id 
_struct_site_gen.label_alt_id 
_struct_site_gen.symmetry 
_struct_site_gen.details 
1  AC1 4 CYS A 39  ? CYS A 494 . ? 1_555 ? 
2  AC1 4 CYS A 42  ? CYS A 497 . ? 1_555 ? 
3  AC1 4 CYS A 59  ? CYS A 514 . ? 1_555 ? 
4  AC1 4 CYS A 62  ? CYS A 517 . ? 1_555 ? 
5  AC2 4 CYS A 82  ? CYS A 537 . ? 1_555 ? 
6  AC2 4 CYS A 85  ? CYS A 540 . ? 1_555 ? 
7  AC2 4 CYS A 104 ? CYS A 559 . ? 1_555 ? 
8  AC2 4 CYS A 107 ? CYS A 562 . ? 1_555 ? 
9  AC3 4 CYS A 94  ? CYS A 549 . ? 1_555 ? 
10 AC3 4 CYS A 99  ? CYS A 554 . ? 1_555 ? 
11 AC3 4 CYS A 128 ? CYS A 583 . ? 1_555 ? 
12 AC3 4 CYS A 131 ? CYS A 586 . ? 1_555 ? 
13 AC4 8 EDO K .   ? EDO A 7   . ? 1_555 ? 
14 AC4 8 HOH L .   ? HOH A 9   . ? 1_555 ? 
15 AC4 8 PHE A 66  ? PHE A 521 . ? 1_555 ? 
16 AC4 8 CYS A 69  ? CYS A 524 . ? 1_555 ? 
17 AC4 8 GLN A 79  ? GLN A 534 . ? 1_555 ? 
18 AC4 8 TYR A 81  ? TYR A 536 . ? 1_555 ? 
19 AC4 8 CYS A 82  ? CYS A 537 . ? 1_555 ? 
20 AC4 8 ARG A 101 ? ARG A 556 . ? 1_555 ? 
21 AC5 6 GLU A 36  ? GLU A 491 . ? 1_555 ? 
22 AC5 6 LEU A 49  ? LEU A 504 . ? 1_555 ? 
23 AC5 6 GLU A 50  ? GLU A 505 . ? 1_555 ? 
24 AC5 6 GLY A 56  ? GLY A 511 . ? 1_555 ? 
25 AC5 6 GLY A 57  ? GLY A 512 . ? 1_555 ? 
26 AC5 6 ARG A 143 ? ARG A 598 . ? 1_555 ? 
27 AC6 6 GLU A 22  ? GLU A 477 . ? 3_545 ? 
28 AC6 6 ALA A 70  ? ALA A 525 . ? 1_555 ? 
29 AC6 6 TYR A 71  ? TYR A 526 . ? 1_555 ? 
30 AC6 6 TYR A 73  ? TYR A 528 . ? 1_555 ? 
31 AC6 6 ASP A 109 ? ASP A 564 . ? 3_545 ? 
32 AC6 6 PRO A 114 ? PRO A 569 . ? 3_545 ? 
33 AC7 3 TRP A 126 ? TRP A 581 . ? 1_555 ? 
34 AC7 3 ASN A 127 ? ASN A 582 . ? 1_555 ? 
35 AC7 3 TYR A 137 ? TYR A 592 . ? 1_555 ? 
36 AC8 6 HOH L .   ? HOH A 21  . ? 1_555 ? 
37 AC8 6 ARG A 23  ? ARG A 478 . ? 3_545 ? 
38 AC8 6 TYR A 26  ? TYR A 481 . ? 3_545 ? 
39 AC8 6 GLU A 68  ? GLU A 523 . ? 1_555 ? 
40 AC8 6 TYR A 71  ? TYR A 526 . ? 1_555 ? 
41 AC8 6 GLN A 72  ? GLN A 527 . ? 1_555 ? 
42 AC9 6 GLY A 88  ? GLY A 543 . ? 1_555 ? 
43 AC9 6 ARG A 89  ? ARG A 544 . ? 1_555 ? 
44 AC9 6 GLU A 90  ? GLU A 545 . ? 1_555 ? 
45 AC9 6 CYS A 104 ? CYS A 559 . ? 1_555 ? 
46 AC9 6 VAL A 105 ? VAL A 560 . ? 1_555 ? 
47 AC9 6 GLU A 106 ? GLU A 561 . ? 1_555 ? 
48 BC1 7 PHE A 66  ? PHE A 521 . ? 1_555 ? 
49 BC1 7 ALA A 70  ? ALA A 525 . ? 1_555 ? 
50 BC1 7 GLN A 79  ? GLN A 534 . ? 1_555 ? 
51 BC1 7 ARG A 101 ? ARG A 556 . ? 1_555 ? 
52 BC1 7 PRO A 114 ? PRO A 569 . ? 3_545 ? 
53 BC1 7 LEU A 150 ? LEU A 605 . ? 1_555 ? 
54 BC1 7 EDO E .   ? EDO A 615 . ? 1_555 ? 
# 
_atom_sites.entry_id                    3A1B 
_atom_sites.fract_transf_matrix[1][1]   -0.00846175 
_atom_sites.fract_transf_matrix[1][2]   -0.00543966 
_atom_sites.fract_transf_matrix[1][3]   -0.01056635 
_atom_sites.fract_transf_matrix[2][1]   0.00960663 
_atom_sites.fract_transf_matrix[2][2]   -0.01076699 
_atom_sites.fract_transf_matrix[2][3]   -0.00215024 
_atom_sites.fract_transf_matrix[3][1]   -0.00436169 
_atom_sites.fract_transf_matrix[3][2]   -0.00511508 
_atom_sites.fract_transf_matrix[3][3]   0.00612622 
_atom_sites.fract_transf_vector[1]      0.390234 
_atom_sites.fract_transf_vector[2]      0.032023 
_atom_sites.fract_transf_vector[3]      0.138323 
# 
loop_
_atom_type.symbol 
C  
N  
O  
S  
ZN 
# 
loop_
_atom_site.group_PDB 
_atom_site.id 
_atom_site.type_symbol 
_atom_site.label_atom_id 
_atom_site.label_alt_id 
_atom_site.label_comp_id 
_atom_site.label_asym_id 
_atom_site.label_entity_id 
_atom_site.label_seq_id 
_atom_site.pdbx_PDB_ins_code 
_atom_site.Cartn_x 
_atom_site.Cartn_y 
_atom_site.Cartn_z 
_atom_site.occupancy 
_atom_site.B_iso_or_equiv 
_atom_site.pdbx_formal_charge 
_atom_site.auth_seq_id 
_atom_site.auth_comp_id 
_atom_site.auth_asym_id 
_atom_site.auth_atom_id 
_atom_site.pdbx_PDB_model_num 
ATOM   1    N  N   . ALA A 1 1   ? -8.184  -6.600  -12.998 1.00 48.77 ? 456 ALA A N   1 
ATOM   2    C  CA  . ALA A 1 1   ? -8.649  -5.805  -11.825 1.00 48.65 ? 456 ALA A CA  1 
ATOM   3    C  C   . ALA A 1 1   ? -9.597  -4.691  -12.259 1.00 48.74 ? 456 ALA A C   1 
ATOM   4    O  O   . ALA A 1 1   ? -9.365  -4.035  -13.270 1.00 48.75 ? 456 ALA A O   1 
ATOM   5    C  CB  . ALA A 1 1   ? -7.472  -5.229  -11.078 1.00 48.29 ? 456 ALA A CB  1 
ATOM   6    N  N   . ARG A 1 2   ? -10.671 -4.496  -11.496 1.00 48.73 ? 457 ARG A N   1 
ATOM   7    C  CA  . ARG A 1 2   ? -11.502 -3.301  -11.625 1.00 49.11 ? 457 ARG A CA  1 
ATOM   8    C  C   . ARG A 1 2   ? -10.772 -2.085  -11.017 1.00 48.70 ? 457 ARG A C   1 
ATOM   9    O  O   . ARG A 1 2   ? -10.060 -2.216  -10.032 1.00 47.95 ? 457 ARG A O   1 
ATOM   10   C  CB  . ARG A 1 2   ? -12.836 -3.518  -10.909 1.00 49.31 ? 457 ARG A CB  1 
ATOM   11   C  CG  . ARG A 1 2   ? -14.025 -2.842  -11.572 1.00 51.83 ? 457 ARG A CG  1 
ATOM   12   C  CD  . ARG A 1 2   ? -15.081 -2.416  -10.539 1.00 56.14 ? 457 ARG A CD  1 
ATOM   13   N  NE  . ARG A 1 2   ? -15.762 -3.549  -9.899  1.00 58.85 ? 457 ARG A NE  1 
ATOM   14   C  CZ  . ARG A 1 2   ? -16.575 -3.459  -8.841  1.00 59.94 ? 457 ARG A CZ  1 
ATOM   15   N  NH1 . ARG A 1 2   ? -16.827 -2.284  -8.263  1.00 60.72 ? 457 ARG A NH1 1 
ATOM   16   N  NH2 . ARG A 1 2   ? -17.140 -4.555  -8.349  1.00 59.56 ? 457 ARG A NH2 1 
ATOM   17   N  N   . THR A 1 3   ? -10.945 -0.915  -11.628 1.00 48.83 ? 458 THR A N   1 
ATOM   18   C  CA  . THR A 1 3   ? -10.392 0.344   -11.136 1.00 48.92 ? 458 THR A CA  1 
ATOM   19   C  C   . THR A 1 3   ? -11.478 1.354   -10.803 1.00 48.69 ? 458 THR A C   1 
ATOM   20   O  O   . THR A 1 3   ? -12.602 1.257   -11.289 1.00 48.78 ? 458 THR A O   1 
ATOM   21   C  CB  . THR A 1 3   ? -9.480  1.029   -12.176 1.00 49.25 ? 458 THR A CB  1 
ATOM   22   O  OG1 . THR A 1 3   ? -10.264 1.477   -13.298 1.00 50.15 ? 458 THR A OG1 1 
ATOM   23   C  CG2 . THR A 1 3   ? -8.376  0.101   -12.651 1.00 49.72 ? 458 THR A CG2 1 
ATOM   24   N  N   . LYS A 1 4   ? -11.137 2.320   -9.963  1.00 48.92 ? 459 LYS A N   1 
ATOM   25   C  CA  . LYS A 1 4   ? -11.975 3.496   -9.743  1.00 49.24 ? 459 LYS A CA  1 
ATOM   26   C  C   . LYS A 1 4   ? -11.083 4.707   -9.483  1.00 50.20 ? 459 LYS A C   1 
ATOM   27   O  O   . LYS A 1 4   ? -9.927  4.564   -9.050  1.00 50.01 ? 459 LYS A O   1 
ATOM   28   C  CB  . LYS A 1 4   ? -12.968 3.281   -8.585  1.00 48.48 ? 459 LYS A CB  1 
ATOM   29   C  CG  . LYS A 1 4   ? -12.332 3.065   -7.236  1.00 47.90 ? 459 LYS A CG  1 
ATOM   30   C  CD  . LYS A 1 4   ? -13.374 2.764   -6.146  1.00 48.86 ? 459 LYS A CD  1 
ATOM   31   C  CE  . LYS A 1 4   ? -12.765 2.713   -4.735  1.00 45.89 ? 459 LYS A CE  1 
ATOM   32   N  NZ  . LYS A 1 4   ? -13.819 2.376   -3.742  1.00 46.29 ? 459 LYS A NZ  1 
ATOM   33   N  N   . GLN A 1 5   ? -11.611 5.889   -9.780  1.00 51.40 ? 460 GLN A N   1 
ATOM   34   C  CA  . GLN A 1 5   ? -11.007 7.127   -9.328  1.00 53.17 ? 460 GLN A CA  1 
ATOM   35   C  C   . GLN A 1 5   ? -11.410 7.277   -7.877  1.00 53.40 ? 460 GLN A C   1 
ATOM   36   O  O   . GLN A 1 5   ? -12.539 6.952   -7.509  1.00 53.88 ? 460 GLN A O   1 
ATOM   37   C  CB  . GLN A 1 5   ? -11.516 8.321   -10.135 1.00 53.45 ? 460 GLN A CB  1 
ATOM   38   C  CG  . GLN A 1 5   ? -11.258 8.237   -11.646 1.00 58.26 ? 460 GLN A CG  1 
ATOM   39   C  CD  . GLN A 1 5   ? -9.776  8.121   -12.004 1.00 64.75 ? 460 GLN A CD  1 
ATOM   40   O  OE1 . GLN A 1 5   ? -8.948  8.946   -11.591 1.00 67.96 ? 460 GLN A OE1 1 
ATOM   41   N  NE2 . GLN A 1 5   ? -9.439  7.091   -12.781 1.00 67.21 ? 460 GLN A NE2 1 
ATOM   42   N  N   . THR A 1 6   ? -10.487 7.742   -7.041  1.00 53.77 ? 461 THR A N   1 
ATOM   43   C  CA  . THR A 1 6   ? -10.787 7.943   -5.635  1.00 53.65 ? 461 THR A CA  1 
ATOM   44   C  C   . THR A 1 6   ? -11.624 9.202   -5.464  1.00 54.34 ? 461 THR A C   1 
ATOM   45   O  O   . THR A 1 6   ? -11.582 10.111  -6.308  1.00 54.11 ? 461 THR A O   1 
ATOM   46   C  CB  . THR A 1 6   ? -9.517  8.023   -4.768  1.00 53.75 ? 461 THR A CB  1 
ATOM   47   O  OG1 . THR A 1 6   ? -8.672  9.076   -5.244  1.00 52.76 ? 461 THR A OG1 1 
ATOM   48   C  CG2 . THR A 1 6   ? -8.759  6.712   -4.817  1.00 52.78 ? 461 THR A CG2 1 
ATOM   49   N  N   . ALA A 1 7   ? -12.406 9.232   -4.386  1.00 54.70 ? 462 ALA A N   1 
ATOM   50   C  CA  . ALA A 1 7   ? -13.170 10.410  -4.035  1.00 55.31 ? 462 ALA A CA  1 
ATOM   51   C  C   . ALA A 1 7   ? -12.181 11.486  -3.622  1.00 55.73 ? 462 ALA A C   1 
ATOM   52   O  O   . ALA A 1 7   ? -11.294 11.238  -2.803  1.00 55.76 ? 462 ALA A O   1 
ATOM   53   C  CB  . ALA A 1 7   ? -14.151 10.104  -2.908  1.00 55.39 ? 462 ALA A CB  1 
ATOM   54   N  N   . ARG A 1 8   ? -12.320 12.665  -4.221  1.00 56.39 ? 463 ARG A N   1 
ATOM   55   C  CA  . ARG A 1 8   ? -11.474 13.808  -3.903  1.00 57.20 ? 463 ARG A CA  1 
ATOM   56   C  C   . ARG A 1 8   ? -11.444 14.013  -2.388  1.00 57.73 ? 463 ARG A C   1 
ATOM   57   O  O   . ARG A 1 8   ? -12.460 13.832  -1.708  1.00 57.94 ? 463 ARG A O   1 
ATOM   58   C  CB  . ARG A 1 8   ? -11.989 15.072  -4.611  1.00 57.06 ? 463 ARG A CB  1 
ATOM   59   C  CG  . ARG A 1 8   ? -11.907 15.037  -5.905  0.00 53.37 ? 463 ARG A CG  1 
ATOM   60   C  CD  . ARG A 1 8   ? -10.461 14.919  -6.412  0.00 57.35 ? 463 ARG A CD  1 
ATOM   61   N  NE  . ARG A 1 8   ? -10.298 15.408  -7.785  0.00 63.14 ? 463 ARG A NE  1 
ATOM   62   C  CZ  . ARG A 1 8   ? -9.186  15.264  -8.508  0.00 67.72 ? 463 ARG A CZ  1 
ATOM   63   N  NH1 . ARG A 1 8   ? -8.123  14.637  -8.007  0.00 67.72 ? 463 ARG A NH1 1 
ATOM   64   N  NH2 . ARG A 1 8   ? -9.137  15.740  -9.743  0.00 73.39 ? 463 ARG A NH2 1 
ATOM   65   N  N   . LYS A 1 9   ? -10.278 14.372  -1.861  1.00 58.20 ? 464 LYS A N   1 
ATOM   66   C  CA  . LYS A 1 9   ? -10.113 14.527  -0.418  1.00 58.48 ? 464 LYS A CA  1 
ATOM   67   C  C   . LYS A 1 9   ? -10.017 16.001  0.004   1.00 58.85 ? 464 LYS A C   1 
ATOM   68   O  O   . LYS A 1 9   ? -9.012  16.455  0.566   1.00 59.36 ? 464 LYS A O   1 
ATOM   69   C  CB  . LYS A 1 9   ? -8.898  13.721  0.043   1.00 58.39 ? 464 LYS A CB  1 
ATOM   70   C  CG  . LYS A 1 9   ? -8.923  13.346  1.506   1.00 58.23 ? 464 LYS A CG  1 
ATOM   71   C  CD  . LYS A 1 9   ? -8.445  11.923  1.704   1.00 56.99 ? 464 LYS A CD  1 
ATOM   72   C  CE  . LYS A 1 9   ? -7.159  11.629  0.974   1.00 54.28 ? 464 LYS A CE  1 
ATOM   73   N  NZ  . LYS A 1 9   ? -6.733  10.304  1.416   1.00 53.11 ? 464 LYS A NZ  1 
ATOM   74   N  N   . ARG A 1 17  ? 6.696   15.241  -2.679  1.00 50.01 ? 472 ARG A N   1 
ATOM   75   C  CA  . ARG A 1 17  ? 6.403   13.953  -2.059  1.00 50.41 ? 472 ARG A CA  1 
ATOM   76   C  C   . ARG A 1 17  ? 6.744   12.783  -2.986  1.00 50.17 ? 472 ARG A C   1 
ATOM   77   O  O   . ARG A 1 17  ? 7.508   11.896  -2.608  1.00 50.35 ? 472 ARG A O   1 
ATOM   78   C  CB  . ARG A 1 17  ? 4.934   13.869  -1.628  1.00 50.35 ? 472 ARG A CB  1 
ATOM   79   C  CG  . ARG A 1 17  ? 4.653   12.846  -0.504  1.00 51.86 ? 472 ARG A CG  1 
ATOM   80   C  CD  . ARG A 1 17  ? 4.866   13.488  0.913   1.00 54.14 ? 472 ARG A CD  1 
ATOM   81   N  NE  . ARG A 1 17  ? 6.135   13.100  1.546   1.00 54.45 ? 472 ARG A NE  1 
ATOM   82   C  CZ  . ARG A 1 17  ? 6.603   13.582  2.698   1.00 54.49 ? 472 ARG A CZ  1 
ATOM   83   N  NH1 . ARG A 1 17  ? 5.935   14.506  3.381   1.00 55.68 ? 472 ARG A NH1 1 
ATOM   84   N  NH2 . ARG A 1 17  ? 7.760   13.139  3.173   1.00 54.47 ? 472 ARG A NH2 1 
ATOM   85   N  N   . LYS A 1 18  ? 6.159   12.775  -4.185  1.00 49.64 ? 473 LYS A N   1 
ATOM   86   C  CA  . LYS A 1 18  ? 6.451   11.765  -5.200  1.00 49.17 ? 473 LYS A CA  1 
ATOM   87   C  C   . LYS A 1 18  ? 7.947   11.724  -5.546  1.00 48.50 ? 473 LYS A C   1 
ATOM   88   O  O   . LYS A 1 18  ? 8.570   10.668  -5.496  1.00 49.05 ? 473 LYS A O   1 
ATOM   89   C  CB  . LYS A 1 18  ? 5.635   12.038  -6.462  1.00 49.53 ? 473 LYS A CB  1 
ATOM   90   C  CG  . LYS A 1 18  ? 5.764   10.962  -7.516  1.00 49.45 ? 473 LYS A CG  1 
ATOM   91   C  CD  . LYS A 1 18  ? 4.803   11.233  -8.618  1.00 51.58 ? 473 LYS A CD  1 
ATOM   92   C  CE  . LYS A 1 18  ? 4.761   10.085  -9.580  1.00 52.82 ? 473 LYS A CE  1 
ATOM   93   N  NZ  . LYS A 1 18  ? 4.012   10.538  -10.791 1.00 52.84 ? 473 LYS A NZ  1 
ATOM   94   N  N   . GLN A 1 19  ? 8.513   12.873  -5.891  1.00 47.11 ? 474 GLN A N   1 
ATOM   95   C  CA  . GLN A 1 19  ? 9.949   12.990  -6.130  1.00 46.81 ? 474 GLN A CA  1 
ATOM   96   C  C   . GLN A 1 19  ? 10.790  12.251  -5.071  1.00 46.23 ? 474 GLN A C   1 
ATOM   97   O  O   . GLN A 1 19  ? 11.688  11.498  -5.399  1.00 45.62 ? 474 GLN A O   1 
ATOM   98   C  CB  . GLN A 1 19  ? 10.306  14.469  -6.202  1.00 46.48 ? 474 GLN A CB  1 
ATOM   99   C  CG  . GLN A 1 19  ? 11.746  14.755  -6.474  1.00 49.67 ? 474 GLN A CG  1 
ATOM   100  C  CD  . GLN A 1 19  ? 11.939  16.193  -6.884  1.00 53.00 ? 474 GLN A CD  1 
ATOM   101  O  OE1 . GLN A 1 19  ? 11.255  17.086  -6.379  1.00 56.02 ? 474 GLN A OE1 1 
ATOM   102  N  NE2 . GLN A 1 19  ? 12.847  16.429  -7.821  1.00 51.63 ? 474 GLN A NE2 1 
ATOM   103  N  N   . LEU A 1 20  ? 10.445  12.449  -3.803  1.00 46.46 ? 475 LEU A N   1 
ATOM   104  C  CA  . LEU A 1 20  ? 11.124  11.877  -2.664  1.00 46.79 ? 475 LEU A CA  1 
ATOM   105  C  C   . LEU A 1 20  ? 10.929  10.371  -2.568  1.00 46.35 ? 475 LEU A C   1 
ATOM   106  O  O   . LEU A 1 20  ? 11.893  9.661   -2.333  1.00 46.81 ? 475 LEU A O   1 
ATOM   107  C  CB  . LEU A 1 20  ? 10.623  12.528  -1.357  1.00 47.80 ? 475 LEU A CB  1 
ATOM   108  C  CG  . LEU A 1 20  ? 11.017  11.822  -0.031  1.00 49.94 ? 475 LEU A CG  1 
ATOM   109  C  CD1 . LEU A 1 20  ? 12.524  11.993  0.229   1.00 52.99 ? 475 LEU A CD1 1 
ATOM   110  C  CD2 . LEU A 1 20  ? 10.210  12.312  1.178   1.00 48.46 ? 475 LEU A CD2 1 
ATOM   111  N  N   . ARG A 1 21  ? 9.689   9.901   -2.724  1.00 45.04 ? 476 ARG A N   1 
ATOM   112  C  CA  . ARG A 1 21  ? 9.357   8.486   -2.626  1.00 44.82 ? 476 ARG A CA  1 
ATOM   113  C  C   . ARG A 1 21  ? 10.066  7.750   -3.721  1.00 43.81 ? 476 ARG A C   1 
ATOM   114  O  O   . ARG A 1 21  ? 10.645  6.696   -3.498  1.00 43.57 ? 476 ARG A O   1 
ATOM   115  C  CB  . ARG A 1 21  ? 7.861   8.235   -2.831  1.00 44.39 ? 476 ARG A CB  1 
ATOM   116  C  CG  . ARG A 1 21  ? 7.030   8.374   -1.600  1.00 46.59 ? 476 ARG A CG  1 
ATOM   117  C  CD  . ARG A 1 21  ? 5.581   7.976   -1.906  1.00 43.88 ? 476 ARG A CD  1 
ATOM   118  N  NE  . ARG A 1 21  ? 5.297   6.608   -1.479  1.00 42.26 ? 476 ARG A NE  1 
ATOM   119  C  CZ  . ARG A 1 21  ? 4.268   5.869   -1.908  1.00 42.93 ? 476 ARG A CZ  1 
ATOM   120  N  NH1 . ARG A 1 21  ? 3.477   6.333   -2.863  1.00 39.29 ? 476 ARG A NH1 1 
ATOM   121  N  NH2 . ARG A 1 21  ? 4.066   4.631   -1.423  1.00 40.55 ? 476 ARG A NH2 1 
ATOM   122  N  N   . GLU A 1 22  ? 9.991   8.340   -4.905  1.00 42.61 ? 477 GLU A N   1 
ATOM   123  C  CA  . GLU A 1 22  ? 10.622  7.821   -6.070  1.00 42.74 ? 477 GLU A CA  1 
ATOM   124  C  C   . GLU A 1 22  ? 12.148  7.664   -5.901  1.00 41.46 ? 477 GLU A C   1 
ATOM   125  O  O   . GLU A 1 22  ? 12.686  6.619   -6.214  1.00 40.94 ? 477 GLU A O   1 
ATOM   126  C  CB  . GLU A 1 22  ? 10.292  8.741   -7.220  1.00 43.16 ? 477 GLU A CB  1 
ATOM   127  C  CG  . GLU A 1 22  ? 10.253  8.035   -8.506  1.00 48.53 ? 477 GLU A CG  1 
ATOM   128  C  CD  . GLU A 1 22  ? 8.990   7.255   -8.742  1.00 53.46 ? 477 GLU A CD  1 
ATOM   129  O  OE1 . GLU A 1 22  ? 7.928   7.569   -8.168  1.00 53.60 ? 477 GLU A OE1 1 
ATOM   130  O  OE2 . GLU A 1 22  ? 9.074   6.318   -9.555  1.00 59.77 ? 477 GLU A OE2 1 
ATOM   131  N  N   . ARG A 1 23  ? 12.818  8.690   -5.385  1.00 40.65 ? 478 ARG A N   1 
ATOM   132  C  CA  . ARG A 1 23  ? 14.250  8.646   -5.101  1.00 40.37 ? 478 ARG A CA  1 
ATOM   133  C  C   . ARG A 1 23  ? 14.567  7.593   -4.031  1.00 40.81 ? 478 ARG A C   1 
ATOM   134  O  O   . ARG A 1 23  ? 15.499  6.825   -4.183  1.00 39.76 ? 478 ARG A O   1 
ATOM   135  C  CB  . ARG A 1 23  ? 14.734  10.023  -4.664  1.00 40.20 ? 478 ARG A CB  1 
ATOM   136  C  CG  . ARG A 1 23  ? 16.168  10.083  -4.160  1.00 42.88 ? 478 ARG A CG  1 
ATOM   137  C  CD  . ARG A 1 23  ? 17.180  9.640   -5.209  1.00 43.18 ? 478 ARG A CD  1 
ATOM   138  N  NE  . ARG A 1 23  ? 18.467  9.311   -4.618  1.00 44.66 ? 478 ARG A NE  1 
ATOM   139  C  CZ  . ARG A 1 23  ? 19.594  9.116   -5.306  1.00 44.55 ? 478 ARG A CZ  1 
ATOM   140  N  NH1 . ARG A 1 23  ? 19.613  9.228   -6.639  1.00 41.75 ? 478 ARG A NH1 1 
ATOM   141  N  NH2 . ARG A 1 23  ? 20.704  8.815   -4.644  1.00 41.63 ? 478 ARG A NH2 1 
ATOM   142  N  N   . LEU A 1 24  ? 13.752  7.517   -2.981  1.00 40.82 ? 479 LEU A N   1 
ATOM   143  C  CA  . LEU A 1 24  ? 14.033  6.570   -1.897  1.00 41.90 ? 479 LEU A CA  1 
ATOM   144  C  C   . LEU A 1 24  ? 13.819  5.125   -2.338  1.00 42.31 ? 479 LEU A C   1 
ATOM   145  O  O   . LEU A 1 24  ? 14.569  4.223   -1.940  1.00 43.01 ? 479 LEU A O   1 
ATOM   146  C  CB  . LEU A 1 24  ? 13.189  6.875   -0.661  1.00 41.75 ? 479 LEU A CB  1 
ATOM   147  C  CG  . LEU A 1 24  ? 13.579  8.166   0.062   1.00 43.12 ? 479 LEU A CG  1 
ATOM   148  C  CD1 . LEU A 1 24  ? 12.620  8.370   1.211   1.00 46.26 ? 479 LEU A CD1 1 
ATOM   149  C  CD2 . LEU A 1 24  ? 14.994  8.099   0.580   1.00 43.40 ? 479 LEU A CD2 1 
ATOM   150  N  N   . VAL A 1 25  ? 12.811  4.904   -3.177  1.00 41.96 ? 480 VAL A N   1 
ATOM   151  C  CA  . VAL A 1 25  ? 12.569  3.560   -3.699  1.00 42.14 ? 480 VAL A CA  1 
ATOM   152  C  C   . VAL A 1 25  ? 13.725  3.150   -4.578  1.00 40.45 ? 480 VAL A C   1 
ATOM   153  O  O   . VAL A 1 25  ? 14.209  2.051   -4.460  1.00 41.11 ? 480 VAL A O   1 
ATOM   154  C  CB  . VAL A 1 25  ? 11.195  3.436   -4.410  1.00 41.62 ? 480 VAL A CB  1 
ATOM   155  C  CG1 . VAL A 1 25  ? 11.199  2.303   -5.404  1.00 43.36 ? 480 VAL A CG1 1 
ATOM   156  C  CG2 . VAL A 1 25  ? 10.169  3.189   -3.389  1.00 44.56 ? 480 VAL A CG2 1 
ATOM   157  N  N   . TYR A 1 26  ? 14.175  4.034   -5.457  1.00 39.37 ? 481 TYR A N   1 
ATOM   158  C  CA  . TYR A 1 26  ? 15.407  3.778   -6.197  1.00 37.77 ? 481 TYR A CA  1 
ATOM   159  C  C   . TYR A 1 26  ? 16.594  3.364   -5.294  1.00 37.64 ? 481 TYR A C   1 
ATOM   160  O  O   . TYR A 1 26  ? 17.359  2.461   -5.644  1.00 37.39 ? 481 TYR A O   1 
ATOM   161  C  CB  . TYR A 1 26  ? 15.783  4.997   -7.033  1.00 35.87 ? 481 TYR A CB  1 
ATOM   162  C  CG  . TYR A 1 26  ? 17.083  4.841   -7.788  1.00 35.64 ? 481 TYR A CG  1 
ATOM   163  C  CD1 . TYR A 1 26  ? 17.147  4.093   -8.969  1.00 34.27 ? 481 TYR A CD1 1 
ATOM   164  C  CD2 . TYR A 1 26  ? 18.253  5.448   -7.331  1.00 35.29 ? 481 TYR A CD2 1 
ATOM   165  C  CE1 . TYR A 1 26  ? 18.337  3.963   -9.678  1.00 30.36 ? 481 TYR A CE1 1 
ATOM   166  C  CE2 . TYR A 1 26  ? 19.458  5.326   -8.036  1.00 33.97 ? 481 TYR A CE2 1 
ATOM   167  C  CZ  . TYR A 1 26  ? 19.484  4.590   -9.218  1.00 34.54 ? 481 TYR A CZ  1 
ATOM   168  O  OH  . TYR A 1 26  ? 20.662  4.461   -9.927  1.00 32.77 ? 481 TYR A OH  1 
ATOM   169  N  N   . GLU A 1 27  ? 16.731  4.008   -4.136  1.00 37.89 ? 482 GLU A N   1 
ATOM   170  C  CA  . GLU A 1 27  ? 17.865  3.719   -3.224  1.00 38.32 ? 482 GLU A CA  1 
ATOM   171  C  C   . GLU A 1 27  ? 17.730  2.360   -2.543  1.00 38.39 ? 482 GLU A C   1 
ATOM   172  O  O   . GLU A 1 27  ? 18.732  1.667   -2.351  1.00 37.73 ? 482 GLU A O   1 
ATOM   173  C  CB  . GLU A 1 27  ? 18.016  4.817   -2.185  1.00 37.79 ? 482 GLU A CB  1 
ATOM   174  C  CG  . GLU A 1 27  ? 18.505  6.125   -2.773  1.00 40.56 ? 482 GLU A CG  1 
ATOM   175  C  CD  . GLU A 1 27  ? 18.518  7.272   -1.761  1.00 42.77 ? 482 GLU A CD  1 
ATOM   176  O  OE1 . GLU A 1 27  ? 18.267  7.041   -0.559  1.00 46.10 ? 482 GLU A OE1 1 
ATOM   177  O  OE2 . GLU A 1 27  ? 18.787  8.412   -2.172  1.00 44.53 ? 482 GLU A OE2 1 
ATOM   178  N  N   . VAL A 1 28  ? 16.494  2.013   -2.155  1.00 38.90 ? 483 VAL A N   1 
ATOM   179  C  CA  . VAL A 1 28  ? 16.125  0.675   -1.691  1.00 38.89 ? 483 VAL A CA  1 
ATOM   180  C  C   . VAL A 1 28  ? 16.470  -0.375  -2.755  1.00 39.82 ? 483 VAL A C   1 
ATOM   181  O  O   . VAL A 1 28  ? 17.213  -1.331  -2.455  1.00 40.57 ? 483 VAL A O   1 
ATOM   182  C  CB  . VAL A 1 28  ? 14.635  0.587   -1.252  1.00 39.84 ? 483 VAL A CB  1 
ATOM   183  C  CG1 . VAL A 1 28  ? 14.271  -0.863  -0.844  1.00 41.37 ? 483 VAL A CG1 1 
ATOM   184  C  CG2 . VAL A 1 28  ? 14.364  1.495   -0.072  1.00 36.58 ? 483 VAL A CG2 1 
ATOM   185  N  N   . ARG A 1 29  ? 16.022  -0.166  -3.996  1.00 39.28 ? 484 ARG A N   1 
ATOM   186  C  CA  . ARG A 1 29  ? 16.322  -1.095  -5.098  1.00 39.90 ? 484 ARG A CA  1 
ATOM   187  C  C   . ARG A 1 29  ? 17.796  -1.216  -5.345  1.00 39.75 ? 484 ARG A C   1 
ATOM   188  O  O   . ARG A 1 29  ? 18.277  -2.284  -5.676  1.00 40.86 ? 484 ARG A O   1 
ATOM   189  C  CB  . ARG A 1 29  ? 15.665  -0.668  -6.421  1.00 39.71 ? 484 ARG A CB  1 
ATOM   190  C  CG  . ARG A 1 29  ? 14.143  -0.830  -6.497  1.00 41.40 ? 484 ARG A CG  1 
ATOM   191  C  CD  . ARG A 1 29  ? 13.563  -0.310  -7.864  1.00 42.03 ? 484 ARG A CD  1 
ATOM   192  N  NE  . ARG A 1 29  ? 14.345  -0.710  -9.052  1.00 45.32 ? 484 ARG A NE  1 
ATOM   193  C  CZ  . ARG A 1 29  ? 14.042  -1.742  -9.853  1.00 45.43 ? 484 ARG A CZ  1 
ATOM   194  N  NH1 . ARG A 1 29  ? 12.984  -2.495  -9.615  1.00 44.87 ? 484 ARG A NH1 1 
ATOM   195  N  NH2 . ARG A 1 29  ? 14.802  -2.013  -10.899 1.00 48.25 ? 484 ARG A NH2 1 
ATOM   196  N  N   . GLN A 1 30  ? 18.519  -0.107  -5.216  1.00 39.47 ? 485 GLN A N   1 
ATOM   197  C  CA  . GLN A 1 30  ? 19.953  -0.082  -5.393  1.00 38.25 ? 485 GLN A CA  1 
ATOM   198  C  C   . GLN A 1 30  ? 20.734  -0.551  -4.139  1.00 38.21 ? 485 GLN A C   1 
ATOM   199  O  O   . GLN A 1 30  ? 21.952  -0.584  -4.143  1.00 37.79 ? 485 GLN A O   1 
ATOM   200  C  CB  . GLN A 1 30  ? 20.384  1.315   -5.837  1.00 37.99 ? 485 GLN A CB  1 
ATOM   201  C  CG  . GLN A 1 30  ? 19.972  1.657   -7.268  1.00 39.26 ? 485 GLN A CG  1 
ATOM   202  C  CD  . GLN A 1 30  ? 20.374  0.542   -8.255  1.00 40.13 ? 485 GLN A CD  1 
ATOM   203  O  OE1 . GLN A 1 30  ? 21.530  0.432   -8.638  1.00 38.98 ? 485 GLN A OE1 1 
ATOM   204  N  NE2 . GLN A 1 30  ? 19.423  -0.297  -8.616  1.00 39.16 ? 485 GLN A NE2 1 
ATOM   205  N  N   . LYS A 1 31  ? 20.019  -0.900  -3.078  1.00 38.42 ? 486 LYS A N   1 
ATOM   206  C  CA  . LYS A 1 31  ? 20.620  -1.461  -1.864  1.00 39.62 ? 486 LYS A CA  1 
ATOM   207  C  C   . LYS A 1 31  ? 21.506  -0.491  -1.072  1.00 39.92 ? 486 LYS A C   1 
ATOM   208  O  O   . LYS A 1 31  ? 22.463  -0.896  -0.366  1.00 39.57 ? 486 LYS A O   1 
ATOM   209  C  CB  . LYS A 1 31  ? 21.287  -2.815  -2.180  1.00 39.97 ? 486 LYS A CB  1 
ATOM   210  C  CG  . LYS A 1 31  ? 20.205  -3.880  -2.479  1.00 43.76 ? 486 LYS A CG  1 
ATOM   211  C  CD  . LYS A 1 31  ? 20.821  -5.205  -2.800  1.00 52.12 ? 486 LYS A CD  1 
ATOM   212  C  CE  . LYS A 1 31  ? 19.814  -6.330  -2.512  1.00 55.76 ? 486 LYS A CE  1 
ATOM   213  N  NZ  . LYS A 1 31  ? 20.578  -7.644  -2.349  1.00 57.49 ? 486 LYS A NZ  1 
ATOM   214  N  N   . CYS A 1 32  ? 21.139  0.789   -1.178  1.00 39.34 ? 487 CYS A N   1 
ATOM   215  C  CA  . CYS A 1 32  ? 21.766  1.883   -0.455  1.00 39.82 ? 487 CYS A CA  1 
ATOM   216  C  C   . CYS A 1 32  ? 20.890  2.404   0.691   1.00 39.92 ? 487 CYS A C   1 
ATOM   217  O  O   . CYS A 1 32  ? 21.282  3.300   1.428   1.00 39.78 ? 487 CYS A O   1 
ATOM   218  C  CB  . CYS A 1 32  ? 22.094  3.021   -1.428  1.00 39.67 ? 487 CYS A CB  1 
ATOM   219  S  SG  . CYS A 1 32  ? 23.527  2.566   -2.424  1.00 42.86 ? 487 CYS A SG  1 
ATOM   220  N  N   . ARG A 1 33  ? 19.701  1.838   0.825   1.00 40.34 ? 488 ARG A N   1 
ATOM   221  C  CA  . ARG A 1 33  ? 18.812  2.173   1.914   1.00 41.22 ? 488 ARG A CA  1 
ATOM   222  C  C   . ARG A 1 33  ? 17.945  0.969   2.219   1.00 40.72 ? 488 ARG A C   1 
ATOM   223  O  O   . ARG A 1 33  ? 17.575  0.244   1.300   1.00 40.51 ? 488 ARG A O   1 
ATOM   224  C  CB  . ARG A 1 33  ? 17.915  3.354   1.528   1.00 41.73 ? 488 ARG A CB  1 
ATOM   225  C  CG  . ARG A 1 33  ? 17.429  4.102   2.756   1.00 44.47 ? 488 ARG A CG  1 
ATOM   226  C  CD  . ARG A 1 33  ? 16.758  5.383   2.427   1.00 46.74 ? 488 ARG A CD  1 
ATOM   227  N  NE  . ARG A 1 33  ? 17.629  6.451   1.919   1.00 44.10 ? 488 ARG A NE  1 
ATOM   228  C  CZ  . ARG A 1 33  ? 18.196  7.381   2.676   1.00 44.57 ? 488 ARG A CZ  1 
ATOM   229  N  NH1 . ARG A 1 33  ? 18.083  7.356   4.002   1.00 45.90 ? 488 ARG A NH1 1 
ATOM   230  N  NH2 . ARG A 1 33  ? 18.916  8.312   2.097   1.00 45.61 ? 488 ARG A NH2 1 
ATOM   231  N  N   . ASN A 1 34  ? 17.627  0.760   3.495   1.00 40.45 ? 489 ASN A N   1 
ATOM   232  C  CA  . ASN A 1 34  ? 16.692  -0.301  3.905   1.00 41.06 ? 489 ASN A CA  1 
ATOM   233  C  C   . ASN A 1 34  ? 15.249  0.141   3.868   1.00 40.45 ? 489 ASN A C   1 
ATOM   234  O  O   . ASN A 1 34  ? 14.953  1.247   4.295   1.00 39.56 ? 489 ASN A O   1 
ATOM   235  C  CB  . ASN A 1 34  ? 17.010  -0.762  5.311   1.00 41.60 ? 489 ASN A CB  1 
ATOM   236  C  CG  . ASN A 1 34  ? 18.346  -1.412  5.390   1.00 44.86 ? 489 ASN A CG  1 
ATOM   237  O  OD1 . ASN A 1 34  ? 18.848  -1.929  4.380   1.00 47.54 ? 489 ASN A OD1 1 
ATOM   238  N  ND2 . ASN A 1 34  ? 18.965  -1.373  6.570   1.00 46.46 ? 489 ASN A ND2 1 
ATOM   239  N  N   . ILE A 1 35  ? 14.353  -0.718  3.377   1.00 40.03 ? 490 ILE A N   1 
ATOM   240  C  CA  . ILE A 1 35  ? 12.931  -0.337  3.289   1.00 40.11 ? 490 ILE A CA  1 
ATOM   241  C  C   . ILE A 1 35  ? 12.312  -0.115  4.685   1.00 40.19 ? 490 ILE A C   1 
ATOM   242  O  O   . ILE A 1 35  ? 11.361  0.672   4.837   1.00 39.61 ? 490 ILE A O   1 
ATOM   243  C  CB  . ILE A 1 35  ? 12.101  -1.323  2.413   1.00 40.12 ? 490 ILE A CB  1 
ATOM   244  C  CG1 . ILE A 1 35  ? 10.814  -0.670  1.943   1.00 40.47 ? 490 ILE A CG1 1 
ATOM   245  C  CG2 . ILE A 1 35  ? 11.846  -2.668  3.142   1.00 41.65 ? 490 ILE A CG2 1 
ATOM   246  C  CD1 . ILE A 1 35  ? 9.970   -1.488  0.936   1.00 41.11 ? 490 ILE A CD1 1 
ATOM   247  N  N   . GLU A 1 36  ? 12.871  -0.800  5.689   1.00 39.70 ? 491 GLU A N   1 
ATOM   248  C  CA  . GLU A 1 36  ? 12.473  -0.652  7.080   1.00 41.06 ? 491 GLU A CA  1 
ATOM   249  C  C   . GLU A 1 36  ? 12.742  0.747   7.604   1.00 41.51 ? 491 GLU A C   1 
ATOM   250  O  O   . GLU A 1 36  ? 12.140  1.151   8.598   1.00 41.86 ? 491 GLU A O   1 
ATOM   251  C  CB  . GLU A 1 36  ? 13.222  -1.646  8.000   1.00 41.04 ? 491 GLU A CB  1 
ATOM   252  C  CG  . GLU A 1 36  ? 12.966  -3.113  7.679   1.00 43.16 ? 491 GLU A CG  1 
ATOM   253  C  CD  . GLU A 1 36  ? 13.890  -3.699  6.574   1.00 47.67 ? 491 GLU A CD  1 
ATOM   254  O  OE1 . GLU A 1 36  ? 14.707  -2.973  5.921   1.00 44.99 ? 491 GLU A OE1 1 
ATOM   255  O  OE2 . GLU A 1 36  ? 13.802  -4.935  6.388   1.00 50.38 ? 491 GLU A OE2 1 
ATOM   256  N  N   . ASP A 1 37  ? 13.663  1.466   6.961   1.00 41.02 ? 492 ASP A N   1 
ATOM   257  C  CA  . ASP A 1 37  ? 14.068  2.789   7.425   1.00 41.58 ? 492 ASP A CA  1 
ATOM   258  C  C   . ASP A 1 37  ? 13.350  3.956   6.727   1.00 41.09 ? 492 ASP A C   1 
ATOM   259  O  O   . ASP A 1 37  ? 13.699  5.110   6.939   1.00 40.84 ? 492 ASP A O   1 
ATOM   260  C  CB  . ASP A 1 37  ? 15.599  2.947   7.277   1.00 42.66 ? 492 ASP A CB  1 
ATOM   261  C  CG  . ASP A 1 37  ? 16.379  1.986   8.174   1.00 44.69 ? 492 ASP A CG  1 
ATOM   262  O  OD1 . ASP A 1 37  ? 15.924  1.682   9.294   1.00 46.22 ? 492 ASP A OD1 1 
ATOM   263  O  OD2 . ASP A 1 37  ? 17.449  1.527   7.756   1.00 50.74 ? 492 ASP A OD2 1 
ATOM   264  N  N   . ILE A 1 38  ? 12.353  3.668   5.898   1.00 40.51 ? 493 ILE A N   1 
ATOM   265  C  CA  . ILE A 1 38  ? 11.580  4.728   5.274   1.00 40.81 ? 493 ILE A CA  1 
ATOM   266  C  C   . ILE A 1 38  ? 10.112  4.458   5.538   1.00 40.64 ? 493 ILE A C   1 
ATOM   267  O  O   . ILE A 1 38  ? 9.714   3.305   5.736   1.00 40.86 ? 493 ILE A O   1 
ATOM   268  C  CB  . ILE A 1 38  ? 11.839  4.816   3.730   1.00 40.81 ? 493 ILE A CB  1 
ATOM   269  C  CG1 . ILE A 1 38  ? 11.172  3.663   2.987   1.00 42.08 ? 493 ILE A CG1 1 
ATOM   270  C  CG2 . ILE A 1 38  ? 13.341  4.763   3.411   1.00 39.87 ? 493 ILE A CG2 1 
ATOM   271  C  CD1 . ILE A 1 38  ? 11.179  3.794   1.407   1.00 43.25 ? 493 ILE A CD1 1 
ATOM   272  N  N   . CYS A 1 39  ? 9.302   5.516   5.536   1.00 39.94 ? 494 CYS A N   1 
ATOM   273  C  CA  . CYS A 1 39  ? 7.871   5.373   5.558   1.00 39.13 ? 494 CYS A CA  1 
ATOM   274  C  C   . CYS A 1 39  ? 7.423   4.918   4.165   1.00 39.73 ? 494 CYS A C   1 
ATOM   275  O  O   . CYS A 1 39  ? 7.523   5.667   3.197   1.00 38.95 ? 494 CYS A O   1 
ATOM   276  C  CB  . CYS A 1 39  ? 7.195   6.680   5.969   1.00 38.32 ? 494 CYS A CB  1 
ATOM   277  S  SG  . CYS A 1 39  ? 5.394   6.532   6.037   1.00 38.72 ? 494 CYS A SG  1 
ATOM   278  N  N   . ILE A 1 40  ? 6.928   3.676   4.057   1.00 41.01 ? 495 ILE A N   1 
ATOM   279  C  CA  . ILE A 1 40  ? 6.562   3.153   2.742   1.00 41.74 ? 495 ILE A CA  1 
ATOM   280  C  C   . ILE A 1 40  ? 5.300   3.842   2.202   1.00 41.61 ? 495 ILE A C   1 
ATOM   281  O  O   . ILE A 1 40  ? 4.963   3.724   1.000   1.00 41.55 ? 495 ILE A O   1 
ATOM   282  C  CB  . ILE A 1 40  ? 6.405   1.601   2.735   1.00 42.79 ? 495 ILE A CB  1 
ATOM   283  C  CG1 . ILE A 1 40  ? 5.391   1.133   3.782   1.00 45.00 ? 495 ILE A CG1 1 
ATOM   284  C  CG2 . ILE A 1 40  ? 7.756   0.944   2.969   1.00 42.84 ? 495 ILE A CG2 1 
ATOM   285  C  CD1 . ILE A 1 40  ? 4.816   -0.253  3.460   1.00 48.38 ? 495 ILE A CD1 1 
ATOM   286  N  N   . SER A 1 41  ? 4.639   4.591   3.083   1.00 40.75 ? 496 SER A N   1 
ATOM   287  C  CA  A SER A 1 41  ? 3.438   5.305   2.704   0.70 41.49 ? 496 SER A CA  1 
ATOM   288  C  CA  B SER A 1 41  ? 3.424   5.323   2.745   0.30 40.93 ? 496 SER A CA  1 
ATOM   289  C  C   . SER A 1 41  ? 3.753   6.680   2.114   1.00 41.48 ? 496 SER A C   1 
ATOM   290  O  O   . SER A 1 41  ? 3.224   7.016   1.084   1.00 42.28 ? 496 SER A O   1 
ATOM   291  C  CB  A SER A 1 41  ? 2.485   5.433   3.897   0.70 41.78 ? 496 SER A CB  1 
ATOM   292  C  CB  B SER A 1 41  ? 2.534   5.513   3.989   0.30 40.87 ? 496 SER A CB  1 
ATOM   293  O  OG  A SER A 1 41  ? 1.547   6.454   3.631   0.70 44.20 ? 496 SER A OG  1 
ATOM   294  O  OG  B SER A 1 41  ? 2.094   4.281   4.541   0.30 39.02 ? 496 SER A OG  1 
ATOM   295  N  N   . CYS A 1 42  ? 4.621   7.484   2.751   1.00 41.21 ? 497 CYS A N   1 
ATOM   296  C  CA  . CYS A 1 42  ? 4.897   8.822   2.196   1.00 40.70 ? 497 CYS A CA  1 
ATOM   297  C  C   . CYS A 1 42  ? 6.373   9.108   1.889   1.00 41.24 ? 497 CYS A C   1 
ATOM   298  O  O   . CYS A 1 42  ? 6.678   10.134  1.292   1.00 41.58 ? 497 CYS A O   1 
ATOM   299  C  CB  . CYS A 1 42  ? 4.376   9.909   3.143   1.00 41.12 ? 497 CYS A CB  1 
ATOM   300  S  SG  . CYS A 1 42  ? 5.417   10.096  4.633   1.00 39.17 ? 497 CYS A SG  1 
ATOM   301  N  N   . GLY A 1 43  ? 7.283   8.227   2.308   1.00 41.27 ? 498 GLY A N   1 
ATOM   302  C  CA  . GLY A 1 43  ? 8.718   8.432   2.074   1.00 40.63 ? 498 GLY A CA  1 
ATOM   303  C  C   . GLY A 1 43  ? 9.469   9.163   3.165   1.00 40.94 ? 498 GLY A C   1 
ATOM   304  O  O   . GLY A 1 43  ? 10.673  9.361   3.066   1.00 41.97 ? 498 GLY A O   1 
ATOM   305  N  N   . SER A 1 44  ? 8.782   9.578   4.217   1.00 40.90 ? 499 SER A N   1 
ATOM   306  C  CA  . SER A 1 44  ? 9.449   10.242  5.331   1.00 40.53 ? 499 SER A CA  1 
ATOM   307  C  C   . SER A 1 44  ? 10.493  9.305   5.884   1.00 40.87 ? 499 SER A C   1 
ATOM   308  O  O   . SER A 1 44  ? 10.289  8.070   5.894   1.00 39.65 ? 499 SER A O   1 
ATOM   309  C  CB  . SER A 1 44  ? 8.449   10.564  6.438   1.00 40.92 ? 499 SER A CB  1 
ATOM   310  O  OG  . SER A 1 44  ? 9.109   10.980  7.616   1.00 41.23 ? 499 SER A OG  1 
ATOM   311  N  N   . LEU A 1 45  ? 11.596  9.904   6.354   1.00 40.62 ? 500 LEU A N   1 
ATOM   312  C  CA  . LEU A 1 45  ? 12.650  9.197   7.050   1.00 40.91 ? 500 LEU A CA  1 
ATOM   313  C  C   . LEU A 1 45  ? 12.435  9.222   8.553   1.00 41.31 ? 500 LEU A C   1 
ATOM   314  O  O   . LEU A 1 45  ? 13.215  8.601   9.303   1.00 41.16 ? 500 LEU A O   1 
ATOM   315  C  CB  . LEU A 1 45  ? 14.043  9.777   6.705   1.00 41.27 ? 500 LEU A CB  1 
ATOM   316  C  CG  . LEU A 1 45  ? 14.511  9.642   5.253   1.00 41.21 ? 500 LEU A CG  1 
ATOM   317  C  CD1 . LEU A 1 45  ? 15.909  10.265  5.033   1.00 40.61 ? 500 LEU A CD1 1 
ATOM   318  C  CD2 . LEU A 1 45  ? 14.481  8.201   4.751   1.00 41.62 ? 500 LEU A CD2 1 
ATOM   319  N  N   . ASN A 1 46  ? 11.406  9.941   9.003   1.00 41.67 ? 501 ASN A N   1 
ATOM   320  C  CA  . ASN A 1 46  ? 11.078  9.966   10.434  1.00 42.74 ? 501 ASN A CA  1 
ATOM   321  C  C   . ASN A 1 46  ? 10.198  8.766   10.794  1.00 42.79 ? 501 ASN A C   1 
ATOM   322  O  O   . ASN A 1 46  ? 9.037   8.913   11.151  1.00 42.28 ? 501 ASN A O   1 
ATOM   323  C  CB  . ASN A 1 46  ? 10.419  11.282  10.873  1.00 43.31 ? 501 ASN A CB  1 
ATOM   324  C  CG  . ASN A 1 46  ? 10.336  11.418  12.408  1.00 45.95 ? 501 ASN A CG  1 
ATOM   325  O  OD1 . ASN A 1 46  ? 11.189  10.902  13.144  1.00 48.43 ? 501 ASN A OD1 1 
ATOM   326  N  ND2 . ASN A 1 46  ? 9.311   12.114  12.889  1.00 48.51 ? 501 ASN A ND2 1 
ATOM   327  N  N   . VAL A 1 47  ? 10.789  7.579   10.672  1.00 42.88 ? 502 VAL A N   1 
ATOM   328  C  CA  . VAL A 1 47  ? 10.135  6.324   10.944  1.00 42.64 ? 502 VAL A CA  1 
ATOM   329  C  C   . VAL A 1 47  ? 10.099  6.083   12.446  1.00 42.85 ? 502 VAL A C   1 
ATOM   330  O  O   . VAL A 1 47  ? 11.139  6.103   13.116  1.00 43.25 ? 502 VAL A O   1 
ATOM   331  C  CB  . VAL A 1 47  ? 10.833  5.188   10.176  1.00 42.54 ? 502 VAL A CB  1 
ATOM   332  C  CG1 . VAL A 1 47  ? 10.432  3.817   10.701  1.00 42.02 ? 502 VAL A CG1 1 
ATOM   333  C  CG2 . VAL A 1 47  ? 10.490  5.302   8.725   1.00 42.72 ? 502 VAL A CG2 1 
ATOM   334  N  N   . THR A 1 48  ? 8.885   5.895   12.968  1.00 42.81 ? 503 THR A N   1 
ATOM   335  C  CA  . THR A 1 48  ? 8.682   5.670   14.394  1.00 43.25 ? 503 THR A CA  1 
ATOM   336  C  C   . THR A 1 48  ? 7.949   4.367   14.648  1.00 43.51 ? 503 THR A C   1 
ATOM   337  O  O   . THR A 1 48  ? 7.705   4.025   15.798  1.00 43.83 ? 503 THR A O   1 
ATOM   338  C  CB  . THR A 1 48  ? 7.886   6.812   15.070  1.00 43.40 ? 503 THR A CB  1 
ATOM   339  O  OG1 . THR A 1 48  ? 6.717   7.125   14.292  1.00 42.95 ? 503 THR A OG1 1 
ATOM   340  C  CG2 . THR A 1 48  ? 8.773   8.061   15.250  1.00 43.59 ? 503 THR A CG2 1 
ATOM   341  N  N   . LEU A 1 49  ? 7.587   3.656   13.581  1.00 43.12 ? 504 LEU A N   1 
ATOM   342  C  CA  . LEU A 1 49  ? 6.970   2.341   13.732  1.00 43.33 ? 504 LEU A CA  1 
ATOM   343  C  C   . LEU A 1 49  ? 7.079   1.467   12.492  1.00 42.58 ? 504 LEU A C   1 
ATOM   344  O  O   . LEU A 1 49  ? 7.525   1.898   11.448  1.00 42.91 ? 504 LEU A O   1 
ATOM   345  C  CB  . LEU A 1 49  ? 5.522   2.425   14.287  1.00 44.38 ? 504 LEU A CB  1 
ATOM   346  C  CG  . LEU A 1 49  ? 4.281   3.197   13.764  1.00 45.79 ? 504 LEU A CG  1 
ATOM   347  C  CD1 . LEU A 1 49  ? 4.487   4.666   13.430  1.00 45.39 ? 504 LEU A CD1 1 
ATOM   348  C  CD2 . LEU A 1 49  ? 3.656   2.485   12.597  1.00 48.02 ? 504 LEU A CD2 1 
ATOM   349  N  N   . GLU A 1 50  ? 6.731   0.205   12.646  1.00 42.26 ? 505 GLU A N   1 
ATOM   350  C  CA  . GLU A 1 50  ? 6.741   -0.745  11.550  1.00 41.93 ? 505 GLU A CA  1 
ATOM   351  C  C   . GLU A 1 50  ? 5.358   -0.790  10.890  1.00 40.77 ? 505 GLU A C   1 
ATOM   352  O  O   . GLU A 1 50  ? 4.352   -0.885  11.576  1.00 40.37 ? 505 GLU A O   1 
ATOM   353  C  CB  . GLU A 1 50  ? 7.124   -2.117  12.099  1.00 42.19 ? 505 GLU A CB  1 
ATOM   354  C  CG  . GLU A 1 50  ? 8.576   -2.122  12.602  1.00 45.25 ? 505 GLU A CG  1 
ATOM   355  C  CD  . GLU A 1 50  ? 8.994   -3.453  13.152  1.00 50.03 ? 505 GLU A CD  1 
ATOM   356  O  OE1 . GLU A 1 50  ? 8.167   -4.389  13.113  1.00 53.28 ? 505 GLU A OE1 1 
ATOM   357  O  OE2 . GLU A 1 50  ? 10.139  -3.571  13.641  1.00 52.88 ? 505 GLU A OE2 1 
ATOM   358  N  N   . HIS A 1 51  ? 5.313   -0.707  9.566   1.00 39.43 ? 506 HIS A N   1 
ATOM   359  C  CA  . HIS A 1 51  ? 4.060   -0.848  8.857   1.00 38.44 ? 506 HIS A CA  1 
ATOM   360  C  C   . HIS A 1 51  ? 3.508   -2.221  9.204   1.00 37.96 ? 506 HIS A C   1 
ATOM   361  O  O   . HIS A 1 51  ? 4.277   -3.204  9.158   1.00 38.16 ? 506 HIS A O   1 
ATOM   362  C  CB  . HIS A 1 51  ? 4.287   -0.746  7.345   1.00 38.50 ? 506 HIS A CB  1 
ATOM   363  C  CG  . HIS A 1 51  ? 3.026   -0.535  6.575   1.00 37.66 ? 506 HIS A CG  1 
ATOM   364  N  ND1 . HIS A 1 51  ? 2.136   -1.554  6.315   1.00 39.69 ? 506 HIS A ND1 1 
ATOM   365  C  CD2 . HIS A 1 51  ? 2.486   0.583   6.030   1.00 39.32 ? 506 HIS A CD2 1 
ATOM   366  C  CE1 . HIS A 1 51  ? 1.112   -1.078  5.623   1.00 39.74 ? 506 HIS A CE1 1 
ATOM   367  N  NE2 . HIS A 1 51  ? 1.295   0.218   5.444   1.00 39.19 ? 506 HIS A NE2 1 
ATOM   368  N  N   . PRO A 1 52  ? 2.197   -2.312  9.562   1.00 36.76 ? 507 PRO A N   1 
ATOM   369  C  CA  . PRO A 1 52  ? 1.666   -3.615  10.024  1.00 35.90 ? 507 PRO A CA  1 
ATOM   370  C  C   . PRO A 1 52  ? 1.389   -4.668  8.923   1.00 35.49 ? 507 PRO A C   1 
ATOM   371  O  O   . PRO A 1 52  ? 1.270   -5.846  9.226   1.00 34.54 ? 507 PRO A O   1 
ATOM   372  C  CB  . PRO A 1 52  ? 0.357   -3.223  10.726  1.00 35.41 ? 507 PRO A CB  1 
ATOM   373  C  CG  . PRO A 1 52  ? -0.132  -2.048  9.936   1.00 34.82 ? 507 PRO A CG  1 
ATOM   374  C  CD  . PRO A 1 52  ? 1.144   -1.276  9.553   1.00 36.40 ? 507 PRO A CD  1 
ATOM   375  N  N   . LEU A 1 53  ? 1.317   -4.264  7.659   1.00 35.12 ? 508 LEU A N   1 
ATOM   376  C  CA  . LEU A 1 53  ? 0.942   -5.210  6.605   1.00 35.19 ? 508 LEU A CA  1 
ATOM   377  C  C   . LEU A 1 53  ? 2.130   -5.655  5.772   1.00 36.02 ? 508 LEU A C   1 
ATOM   378  O  O   . LEU A 1 53  ? 2.185   -6.811  5.343   1.00 35.65 ? 508 LEU A O   1 
ATOM   379  C  CB  . LEU A 1 53  ? -0.075  -4.579  5.651   1.00 35.22 ? 508 LEU A CB  1 
ATOM   380  C  CG  . LEU A 1 53  ? -1.454  -4.232  6.199   1.00 35.09 ? 508 LEU A CG  1 
ATOM   381  C  CD1 . LEU A 1 53  ? -2.366  -3.727  5.054   1.00 33.20 ? 508 LEU A CD1 1 
ATOM   382  C  CD2 . LEU A 1 53  ? -2.022  -5.434  6.886   1.00 30.60 ? 508 LEU A CD2 1 
ATOM   383  N  N   . PHE A 1 54  ? 3.040   -4.711  5.515   1.00 35.82 ? 509 PHE A N   1 
ATOM   384  C  CA  . PHE A 1 54  ? 4.171   -4.927  4.645   1.00 37.19 ? 509 PHE A CA  1 
ATOM   385  C  C   . PHE A 1 54  ? 5.453   -4.547  5.345   1.00 37.45 ? 509 PHE A C   1 
ATOM   386  O  O   . PHE A 1 54  ? 5.470   -3.648  6.191   1.00 38.05 ? 509 PHE A O   1 
ATOM   387  C  CB  . PHE A 1 54  ? 4.030   -4.096  3.356   1.00 37.26 ? 509 PHE A CB  1 
ATOM   388  C  CG  . PHE A 1 54  ? 2.823   -4.442  2.560   1.00 37.33 ? 509 PHE A CG  1 
ATOM   389  C  CD1 . PHE A 1 54  ? 2.769   -5.644  1.858   1.00 38.71 ? 509 PHE A CD1 1 
ATOM   390  C  CD2 . PHE A 1 54  ? 1.740   -3.585  2.513   1.00 37.37 ? 509 PHE A CD2 1 
ATOM   391  C  CE1 . PHE A 1 54  ? 1.641   -5.991  1.124   1.00 39.35 ? 509 PHE A CE1 1 
ATOM   392  C  CE2 . PHE A 1 54  ? 0.591   -3.924  1.798   1.00 37.06 ? 509 PHE A CE2 1 
ATOM   393  C  CZ  . PHE A 1 54  ? 0.542   -5.125  1.100   1.00 38.46 ? 509 PHE A CZ  1 
ATOM   394  N  N   . VAL A 1 55  ? 6.529   -5.236  4.983   1.00 38.02 ? 510 VAL A N   1 
ATOM   395  C  CA  . VAL A 1 55  ? 7.841   -4.907  5.486   1.00 37.91 ? 510 VAL A CA  1 
ATOM   396  C  C   . VAL A 1 55  ? 8.141   -3.465  5.045   1.00 38.33 ? 510 VAL A C   1 
ATOM   397  O  O   . VAL A 1 55  ? 7.982   -3.099  3.855   1.00 38.68 ? 510 VAL A O   1 
ATOM   398  C  CB  . VAL A 1 55  ? 8.907   -5.919  5.021   1.00 38.57 ? 510 VAL A CB  1 
ATOM   399  C  CG1 . VAL A 1 55  ? 10.280  -5.584  5.622   1.00 39.23 ? 510 VAL A CG1 1 
ATOM   400  C  CG2 . VAL A 1 55  ? 8.523   -7.340  5.456   1.00 37.77 ? 510 VAL A CG2 1 
ATOM   401  N  N   . GLY A 1 56  ? 8.528   -2.643  6.015   1.00 37.40 ? 511 GLY A N   1 
ATOM   402  C  CA  . GLY A 1 56  ? 8.853   -1.256  5.767   1.00 37.85 ? 511 GLY A CA  1 
ATOM   403  C  C   . GLY A 1 56  ? 8.466   -0.444  6.975   1.00 38.29 ? 511 GLY A C   1 
ATOM   404  O  O   . GLY A 1 56  ? 7.747   -0.943  7.863   1.00 38.38 ? 511 GLY A O   1 
ATOM   405  N  N   . GLY A 1 57  ? 8.938   0.796   7.027   1.00 38.15 ? 512 GLY A N   1 
ATOM   406  C  CA  . GLY A 1 57  ? 8.629   1.668   8.143   1.00 38.54 ? 512 GLY A CA  1 
ATOM   407  C  C   . GLY A 1 57  ? 7.351   2.465   7.943   1.00 39.16 ? 512 GLY A C   1 
ATOM   408  O  O   . GLY A 1 57  ? 6.723   2.402   6.896   1.00 39.04 ? 512 GLY A O   1 
ATOM   409  N  N   . MET A 1 58  ? 6.967   3.218   8.963   1.00 39.38 ? 513 MET A N   1 
ATOM   410  C  CA  . MET A 1 58  ? 5.822   4.077   8.854   1.00 40.75 ? 513 MET A CA  1 
ATOM   411  C  C   . MET A 1 58  ? 6.057   5.267   9.765   1.00 38.78 ? 513 MET A C   1 
ATOM   412  O  O   . MET A 1 58  ? 6.603   5.093   10.845  1.00 38.35 ? 513 MET A O   1 
ATOM   413  C  CB  . MET A 1 58  ? 4.567   3.309   9.284   1.00 40.51 ? 513 MET A CB  1 
ATOM   414  C  CG  . MET A 1 58  ? 3.266   4.012   8.933   1.00 41.98 ? 513 MET A CG  1 
ATOM   415  S  SD  . MET A 1 58  ? 1.828   2.928   9.206   1.00 46.22 ? 513 MET A SD  1 
ATOM   416  C  CE  . MET A 1 58  ? 0.821   3.485   7.842   1.00 43.49 ? 513 MET A CE  1 
ATOM   417  N  N   . CYS A 1 59  ? 5.691   6.469   9.328   1.00 37.62 ? 514 CYS A N   1 
ATOM   418  C  CA  . CYS A 1 59  ? 5.743   7.636   10.233  1.00 38.02 ? 514 CYS A CA  1 
ATOM   419  C  C   . CYS A 1 59  ? 4.436   7.775   11.006  1.00 38.32 ? 514 CYS A C   1 
ATOM   420  O  O   . CYS A 1 59  ? 3.412   7.185   10.624  1.00 37.16 ? 514 CYS A O   1 
ATOM   421  C  CB  . CYS A 1 59  ? 6.057   8.935   9.480   1.00 37.57 ? 514 CYS A CB  1 
ATOM   422  S  SG  . CYS A 1 59  ? 4.735   9.506   8.350   1.00 40.09 ? 514 CYS A SG  1 
ATOM   423  N  N   . GLN A 1 60  ? 4.481   8.528   12.108  1.00 39.80 ? 515 GLN A N   1 
ATOM   424  C  CA  . GLN A 1 60  ? 3.283   8.787   12.923  1.00 41.20 ? 515 GLN A CA  1 
ATOM   425  C  C   . GLN A 1 60  ? 2.119   9.387   12.123  1.00 41.07 ? 515 GLN A C   1 
ATOM   426  O  O   . GLN A 1 60  ? 1.004   8.925   12.271  1.00 42.59 ? 515 GLN A O   1 
ATOM   427  C  CB  . GLN A 1 60  ? 3.604   9.648   14.166  1.00 41.56 ? 515 GLN A CB  1 
ATOM   428  C  CG  . GLN A 1 60  ? 2.467   9.699   15.209  1.00 43.94 ? 515 GLN A CG  1 
ATOM   429  C  CD  . GLN A 1 60  ? 2.087   8.315   15.736  1.00 48.46 ? 515 GLN A CD  1 
ATOM   430  O  OE1 . GLN A 1 60  ? 2.947   7.579   16.235  1.00 51.19 ? 515 GLN A OE1 1 
ATOM   431  N  NE2 . GLN A 1 60  ? 0.798   7.942   15.603  1.00 48.25 ? 515 GLN A NE2 1 
ATOM   432  N  N   . ASN A 1 61  ? 2.383   10.383  11.276  1.00 41.10 ? 516 ASN A N   1 
ATOM   433  C  CA  A ASN A 1 61  ? 1.335   11.012  10.462  0.70 41.21 ? 516 ASN A CA  1 
ATOM   434  C  CA  B ASN A 1 61  ? 1.351   11.028  10.466  0.30 40.70 ? 516 ASN A CA  1 
ATOM   435  C  C   . ASN A 1 61  ? 0.647   10.037  9.542   1.00 40.96 ? 516 ASN A C   1 
ATOM   436  O  O   . ASN A 1 61  ? -0.566  10.111  9.342   1.00 41.70 ? 516 ASN A O   1 
ATOM   437  C  CB  A ASN A 1 61  ? 1.893   12.134  9.589   0.70 41.88 ? 516 ASN A CB  1 
ATOM   438  C  CB  B ASN A 1 61  ? 1.954   12.185  9.648   0.30 40.58 ? 516 ASN A CB  1 
ATOM   439  C  CG  A ASN A 1 61  ? 0.892   12.585  8.524   0.70 44.36 ? 516 ASN A CG  1 
ATOM   440  C  CG  B ASN A 1 61  ? 2.299   13.414  10.503  0.30 39.87 ? 516 ASN A CG  1 
ATOM   441  O  OD1 A ASN A 1 61  ? -0.158  13.173  8.847   0.70 46.70 ? 516 ASN A OD1 1 
ATOM   442  O  OD1 B ASN A 1 61  ? 1.696   13.653  11.553  0.30 38.30 ? 516 ASN A OD1 1 
ATOM   443  N  ND2 A ASN A 1 61  ? 1.194   12.281  7.251   0.70 44.36 ? 516 ASN A ND2 1 
ATOM   444  N  ND2 B ASN A 1 61  ? 3.266   14.201  10.039  0.30 37.65 ? 516 ASN A ND2 1 
ATOM   445  N  N   . CYS A 1 62  ? 1.415   9.127   8.954   1.00 40.73 ? 517 CYS A N   1 
ATOM   446  C  CA  . CYS A 1 62  ? 0.821   8.112   8.111   1.00 40.30 ? 517 CYS A CA  1 
ATOM   447  C  C   . CYS A 1 62  ? 0.050   7.121   8.933   1.00 40.20 ? 517 CYS A C   1 
ATOM   448  O  O   . CYS A 1 62  ? -1.040  6.701   8.526   1.00 40.20 ? 517 CYS A O   1 
ATOM   449  C  CB  . CYS A 1 62  ? 1.847   7.439   7.233   1.00 39.31 ? 517 CYS A CB  1 
ATOM   450  S  SG  . CYS A 1 62  ? 2.231   8.536   5.857   1.00 40.95 ? 517 CYS A SG  1 
ATOM   451  N  N   . LYS A 1 63  ? 0.570   6.780   10.107  1.00 40.57 ? 518 LYS A N   1 
ATOM   452  C  CA  . LYS A 1 63  ? -0.187  5.900   10.995  1.00 41.70 ? 518 LYS A CA  1 
ATOM   453  C  C   . LYS A 1 63  ? -1.568  6.519   11.253  1.00 41.87 ? 518 LYS A C   1 
ATOM   454  O  O   . LYS A 1 63  ? -2.587  5.853   11.085  1.00 41.86 ? 518 LYS A O   1 
ATOM   455  C  CB  . LYS A 1 63  ? 0.537   5.595   12.310  1.00 40.92 ? 518 LYS A CB  1 
ATOM   456  C  CG  . LYS A 1 63  ? -0.410  4.949   13.342  1.00 42.48 ? 518 LYS A CG  1 
ATOM   457  C  CD  . LYS A 1 63  ? 0.293   4.384   14.555  1.00 42.38 ? 518 LYS A CD  1 
ATOM   458  C  CE  . LYS A 1 63  ? -0.759  3.780   15.499  1.00 45.77 ? 518 LYS A CE  1 
ATOM   459  N  NZ  . LYS A 1 63  ? -0.176  2.888   16.522  1.00 47.16 ? 518 LYS A NZ  1 
ATOM   460  N  N   . ASN A 1 64  ? -1.592  7.804   11.608  1.00 42.40 ? 519 ASN A N   1 
ATOM   461  C  CA  . ASN A 1 64  ? -2.858  8.508   11.830  1.00 42.77 ? 519 ASN A CA  1 
ATOM   462  C  C   . ASN A 1 64  ? -3.820  8.445   10.650  1.00 43.08 ? 519 ASN A C   1 
ATOM   463  O  O   . ASN A 1 64  ? -5.009  8.232   10.863  1.00 42.74 ? 519 ASN A O   1 
ATOM   464  C  CB  . ASN A 1 64  ? -2.621  9.956   12.243  1.00 42.80 ? 519 ASN A CB  1 
ATOM   465  C  CG  . ASN A 1 64  ? -1.957  10.073  13.615  1.00 44.14 ? 519 ASN A CG  1 
ATOM   466  O  OD1 . ASN A 1 64  ? -1.286  11.069  13.919  1.00 43.22 ? 519 ASN A OD1 1 
ATOM   467  N  ND2 . ASN A 1 64  ? -2.128  9.047   14.439  1.00 42.73 ? 519 ASN A ND2 1 
ATOM   468  N  N   . CYS A 1 65  ? -3.327  8.646   9.421   1.00 43.47 ? 520 CYS A N   1 
ATOM   469  C  CA  . CYS A 1 65  ? -4.186  8.507   8.225   1.00 44.79 ? 520 CYS A CA  1 
ATOM   470  C  C   . CYS A 1 65  ? -4.737  7.104   8.072   1.00 44.32 ? 520 CYS A C   1 
ATOM   471  O  O   . CYS A 1 65  ? -5.907  6.936   7.755   1.00 43.97 ? 520 CYS A O   1 
ATOM   472  C  CB  . CYS A 1 65  ? -3.439  8.868   6.940   1.00 44.81 ? 520 CYS A CB  1 
ATOM   473  S  SG  . CYS A 1 65  ? -3.096  10.595  6.920   1.00 51.24 ? 520 CYS A SG  1 
ATOM   474  N  N   . PHE A 1 66  ? -3.871  6.111   8.260   1.00 44.91 ? 521 PHE A N   1 
ATOM   475  C  CA  . PHE A 1 66  ? -4.232  4.703   8.111   1.00 45.48 ? 521 PHE A CA  1 
ATOM   476  C  C   . PHE A 1 66  ? -5.403  4.355   9.032   1.00 45.20 ? 521 PHE A C   1 
ATOM   477  O  O   . PHE A 1 66  ? -6.361  3.703   8.608   1.00 44.77 ? 521 PHE A O   1 
ATOM   478  C  CB  . PHE A 1 66  ? -3.018  3.826   8.432   1.00 46.59 ? 521 PHE A CB  1 
ATOM   479  C  CG  . PHE A 1 66  ? -3.130  2.377   7.961   1.00 48.50 ? 521 PHE A CG  1 
ATOM   480  C  CD1 . PHE A 1 66  ? -2.788  2.017   6.649   1.00 50.79 ? 521 PHE A CD1 1 
ATOM   481  C  CD2 . PHE A 1 66  ? -3.521  1.374   8.834   1.00 50.85 ? 521 PHE A CD2 1 
ATOM   482  C  CE1 . PHE A 1 66  ? -2.850  0.685   6.219   1.00 51.81 ? 521 PHE A CE1 1 
ATOM   483  C  CE2 . PHE A 1 66  ? -3.594  0.030   8.410   1.00 52.69 ? 521 PHE A CE2 1 
ATOM   484  C  CZ  . PHE A 1 66  ? -3.252  -0.312  7.108   1.00 51.99 ? 521 PHE A CZ  1 
ATOM   485  N  N   . LEU A 1 67  ? -5.322  4.804   10.285  1.00 44.84 ? 522 LEU A N   1 
ATOM   486  C  CA  . LEU A 1 67  ? -6.380  4.562   11.264  1.00 44.68 ? 522 LEU A CA  1 
ATOM   487  C  C   . LEU A 1 67  ? -7.725  5.130   10.800  1.00 44.94 ? 522 LEU A C   1 
ATOM   488  O  O   . LEU A 1 67  ? -8.758  4.514   11.016  1.00 44.98 ? 522 LEU A O   1 
ATOM   489  C  CB  . LEU A 1 67  ? -5.997  5.152   12.617  1.00 44.50 ? 522 LEU A CB  1 
ATOM   490  C  CG  . LEU A 1 67  ? -4.841  4.501   13.389  1.00 45.23 ? 522 LEU A CG  1 
ATOM   491  C  CD1 . LEU A 1 67  ? -4.474  5.358   14.571  1.00 44.91 ? 522 LEU A CD1 1 
ATOM   492  C  CD2 . LEU A 1 67  ? -5.183  3.084   13.854  1.00 46.16 ? 522 LEU A CD2 1 
ATOM   493  N  N   . GLU A 1 68  ? -7.705  6.307   10.177  1.00 45.11 ? 523 GLU A N   1 
ATOM   494  C  CA  . GLU A 1 68  ? -8.917  6.940   9.662   1.00 45.14 ? 523 GLU A CA  1 
ATOM   495  C  C   . GLU A 1 68  ? -9.387  6.245   8.398   1.00 43.85 ? 523 GLU A C   1 
ATOM   496  O  O   . GLU A 1 68  ? -10.540 5.863   8.301   1.00 41.95 ? 523 GLU A O   1 
ATOM   497  C  CB  . GLU A 1 68  ? -8.679  8.423   9.407   1.00 45.59 ? 523 GLU A CB  1 
ATOM   498  C  CG  . GLU A 1 68  ? -8.243  9.139   10.673  1.00 51.41 ? 523 GLU A CG  1 
ATOM   499  C  CD  . GLU A 1 68  ? -7.834  10.589  10.454  1.00 58.44 ? 523 GLU A CD  1 
ATOM   500  O  OE1 . GLU A 1 68  ? -8.328  11.201  9.486   1.00 62.45 ? 523 GLU A OE1 1 
ATOM   501  O  OE2 . GLU A 1 68  ? -7.037  11.120  11.269  1.00 61.24 ? 523 GLU A OE2 1 
ATOM   502  N  N   . CYS A 1 69  ? -8.471  6.054   7.449   1.00 44.00 ? 524 CYS A N   1 
ATOM   503  C  CA  . CYS A 1 69  ? -8.811  5.459   6.163   1.00 44.53 ? 524 CYS A CA  1 
ATOM   504  C  C   . CYS A 1 69  ? -9.353  4.055   6.254   1.00 42.93 ? 524 CYS A C   1 
ATOM   505  O  O   . CYS A 1 69  ? -10.107 3.662   5.398   1.00 42.96 ? 524 CYS A O   1 
ATOM   506  C  CB  . CYS A 1 69  ? -7.630  5.513   5.192   1.00 44.66 ? 524 CYS A CB  1 
ATOM   507  S  SG  . CYS A 1 69  ? -7.452  7.240   4.660   1.00 54.29 ? 524 CYS A SG  1 
ATOM   508  N  N   . ALA A 1 70  ? -8.973  3.313   7.290   1.00 41.47 ? 525 ALA A N   1 
ATOM   509  C  CA  . ALA A 1 70  ? -9.476  1.964   7.463   1.00 41.10 ? 525 ALA A CA  1 
ATOM   510  C  C   . ALA A 1 70  ? -11.011 1.928   7.520   1.00 40.31 ? 525 ALA A C   1 
ATOM   511  O  O   . ALA A 1 70  ? -11.596 0.902   7.201   1.00 40.79 ? 525 ALA A O   1 
ATOM   512  C  CB  . ALA A 1 70  ? -8.872  1.326   8.737   1.00 40.87 ? 525 ALA A CB  1 
ATOM   513  N  N   . TYR A 1 71  ? -11.642 3.029   7.962   1.00 38.77 ? 526 TYR A N   1 
ATOM   514  C  CA  . TYR A 1 71  ? -13.096 3.089   8.185   1.00 37.53 ? 526 TYR A CA  1 
ATOM   515  C  C   . TYR A 1 71  ? -13.810 3.854   7.083   1.00 37.22 ? 526 TYR A C   1 
ATOM   516  O  O   . TYR A 1 71  ? -15.006 4.080   7.173   1.00 36.23 ? 526 TYR A O   1 
ATOM   517  C  CB  . TYR A 1 71  ? -13.427 3.666   9.574   1.00 37.04 ? 526 TYR A CB  1 
ATOM   518  C  CG  . TYR A 1 71  ? -12.861 2.786   10.645  1.00 36.51 ? 526 TYR A CG  1 
ATOM   519  C  CD1 . TYR A 1 71  ? -11.602 3.030   11.155  1.00 34.82 ? 526 TYR A CD1 1 
ATOM   520  C  CD2 . TYR A 1 71  ? -13.561 1.661   11.096  1.00 35.47 ? 526 TYR A CD2 1 
ATOM   521  C  CE1 . TYR A 1 71  ? -11.039 2.198   12.102  1.00 34.94 ? 526 TYR A CE1 1 
ATOM   522  C  CE2 . TYR A 1 71  ? -13.006 0.806   12.024  1.00 35.48 ? 526 TYR A CE2 1 
ATOM   523  C  CZ  . TYR A 1 71  ? -11.740 1.086   12.525  1.00 36.76 ? 526 TYR A CZ  1 
ATOM   524  O  OH  . TYR A 1 71  ? -11.164 0.258   13.460  1.00 36.74 ? 526 TYR A OH  1 
ATOM   525  N  N   . GLN A 1 72  ? -13.067 4.218   6.035   1.00 37.38 ? 527 GLN A N   1 
ATOM   526  C  CA  . GLN A 1 72  ? -13.624 4.983   4.919   1.00 38.87 ? 527 GLN A CA  1 
ATOM   527  C  C   . GLN A 1 72  ? -13.884 4.069   3.735   1.00 38.56 ? 527 GLN A C   1 
ATOM   528  O  O   . GLN A 1 72  ? -12.939 3.604   3.055   1.00 38.57 ? 527 GLN A O   1 
ATOM   529  C  CB  . GLN A 1 72  ? -12.684 6.124   4.487   1.00 37.88 ? 527 GLN A CB  1 
ATOM   530  C  CG  . GLN A 1 72  ? -12.491 7.202   5.507   1.00 40.00 ? 527 GLN A CG  1 
ATOM   531  C  CD  . GLN A 1 72  ? -11.636 8.366   4.991   1.00 42.91 ? 527 GLN A CD  1 
ATOM   532  O  OE1 . GLN A 1 72  ? -10.579 8.172   4.387   1.00 50.38 ? 527 GLN A OE1 1 
ATOM   533  N  NE2 . GLN A 1 72  ? -12.095 9.584   5.241   1.00 48.72 ? 527 GLN A NE2 1 
ATOM   534  N  N   . TYR A 1 73  ? -15.162 3.833   3.483   1.00 38.64 ? 528 TYR A N   1 
ATOM   535  C  CA  . TYR A 1 73  ? -15.605 2.986   2.379   1.00 39.35 ? 528 TYR A CA  1 
ATOM   536  C  C   . TYR A 1 73  ? -16.455 3.766   1.400   1.00 40.13 ? 528 TYR A C   1 
ATOM   537  O  O   . TYR A 1 73  ? -17.143 4.704   1.791   1.00 39.49 ? 528 TYR A O   1 
ATOM   538  C  CB  . TYR A 1 73  ? -16.413 1.815   2.930   1.00 39.45 ? 528 TYR A CB  1 
ATOM   539  C  CG  . TYR A 1 73  ? -15.528 0.774   3.528   1.00 38.89 ? 528 TYR A CG  1 
ATOM   540  C  CD1 . TYR A 1 73  ? -14.958 0.948   4.785   1.00 37.76 ? 528 TYR A CD1 1 
ATOM   541  C  CD2 . TYR A 1 73  ? -15.238 -0.378  2.830   1.00 39.73 ? 528 TYR A CD2 1 
ATOM   542  C  CE1 . TYR A 1 73  ? -14.114 -0.017  5.327   1.00 40.32 ? 528 TYR A CE1 1 
ATOM   543  C  CE2 . TYR A 1 73  ? -14.384 -1.340  3.348   1.00 41.00 ? 528 TYR A CE2 1 
ATOM   544  C  CZ  . TYR A 1 73  ? -13.843 -1.164  4.592   1.00 40.83 ? 528 TYR A CZ  1 
ATOM   545  O  OH  . TYR A 1 73  ? -13.029 -2.149  5.082   1.00 43.08 ? 528 TYR A OH  1 
ATOM   546  N  N   . ASP A 1 74  ? -16.410 3.372   0.129   1.00 41.07 ? 529 ASP A N   1 
ATOM   547  C  CA  . ASP A 1 74  ? -17.295 3.946   -0.895  1.00 41.83 ? 529 ASP A CA  1 
ATOM   548  C  C   . ASP A 1 74  ? -18.607 3.159   -0.978  1.00 42.24 ? 529 ASP A C   1 
ATOM   549  O  O   . ASP A 1 74  ? -18.745 2.110   -0.355  1.00 41.59 ? 529 ASP A O   1 
ATOM   550  C  CB  . ASP A 1 74  ? -16.587 3.975   -2.256  1.00 42.00 ? 529 ASP A CB  1 
ATOM   551  C  CG  . ASP A 1 74  ? -15.449 4.994   -2.307  1.00 43.56 ? 529 ASP A CG  1 
ATOM   552  O  OD1 . ASP A 1 74  ? -15.441 5.966   -1.504  1.00 45.36 ? 529 ASP A OD1 1 
ATOM   553  O  OD2 . ASP A 1 74  ? -14.553 4.824   -3.155  1.00 43.62 ? 529 ASP A OD2 1 
ATOM   554  N  N   . ASP A 1 75  ? -19.581 3.658   -1.735  1.00 43.46 ? 530 ASP A N   1 
ATOM   555  C  CA  . ASP A 1 75  ? -20.880 2.974   -1.774  1.00 44.63 ? 530 ASP A CA  1 
ATOM   556  C  C   . ASP A 1 75  ? -20.814 1.641   -2.544  1.00 44.26 ? 530 ASP A C   1 
ATOM   557  O  O   . ASP A 1 75  ? -21.746 0.843   -2.496  1.00 43.77 ? 530 ASP A O   1 
ATOM   558  C  CB  . ASP A 1 75  ? -22.020 3.896   -2.243  1.00 45.13 ? 530 ASP A CB  1 
ATOM   559  C  CG  . ASP A 1 75  ? -21.817 4.425   -3.650  1.00 48.17 ? 530 ASP A CG  1 
ATOM   560  O  OD1 . ASP A 1 75  ? -20.848 4.026   -4.338  1.00 51.61 ? 530 ASP A OD1 1 
ATOM   561  O  OD2 . ASP A 1 75  ? -22.649 5.254   -4.082  1.00 52.61 ? 530 ASP A OD2 1 
ATOM   562  N  N   . ASP A 1 76  ? -19.675 1.391   -3.193  1.00 43.87 ? 531 ASP A N   1 
ATOM   563  C  CA  . ASP A 1 76  ? -19.407 0.104   -3.823  1.00 43.46 ? 531 ASP A CA  1 
ATOM   564  C  C   . ASP A 1 76  ? -18.979 -0.994  -2.830  1.00 43.20 ? 531 ASP A C   1 
ATOM   565  O  O   . ASP A 1 76  ? -18.692 -2.119  -3.247  1.00 43.69 ? 531 ASP A O   1 
ATOM   566  C  CB  . ASP A 1 76  ? -18.364 0.261   -4.933  1.00 43.44 ? 531 ASP A CB  1 
ATOM   567  C  CG  . ASP A 1 76  ? -16.989 0.707   -4.412  1.00 44.67 ? 531 ASP A CG  1 
ATOM   568  O  OD1 . ASP A 1 76  ? -16.770 0.773   -3.179  1.00 46.84 ? 531 ASP A OD1 1 
ATOM   569  O  OD2 . ASP A 1 76  ? -16.112 0.998   -5.250  1.00 46.01 ? 531 ASP A OD2 1 
ATOM   570  N  N   . GLY A 1 77  ? -18.923 -0.671  -1.535  1.00 42.51 ? 532 GLY A N   1 
ATOM   571  C  CA  . GLY A 1 77  ? -18.499 -1.630  -0.502  1.00 41.84 ? 532 GLY A CA  1 
ATOM   572  C  C   . GLY A 1 77  ? -16.982 -1.778  -0.334  1.00 41.92 ? 532 GLY A C   1 
ATOM   573  O  O   . GLY A 1 77  ? -16.522 -2.489  0.575   1.00 41.54 ? 532 GLY A O   1 
ATOM   574  N  N   . TYR A 1 78  ? -16.212 -1.098  -1.194  1.00 41.23 ? 533 TYR A N   1 
ATOM   575  C  CA  . TYR A 1 78  ? -14.738 -1.123  -1.157  1.00 40.96 ? 533 TYR A CA  1 
ATOM   576  C  C   . TYR A 1 78  ? -14.149 0.082   -0.417  1.00 40.55 ? 533 TYR A C   1 
ATOM   577  O  O   . TYR A 1 78  ? -14.785 1.133   -0.304  1.00 41.30 ? 533 TYR A O   1 
ATOM   578  C  CB  . TYR A 1 78  ? -14.157 -1.206  -2.590  1.00 41.18 ? 533 TYR A CB  1 
ATOM   579  C  CG  . TYR A 1 78  ? -14.118 -2.617  -3.149  1.00 41.54 ? 533 TYR A CG  1 
ATOM   580  C  CD1 . TYR A 1 78  ? -12.914 -3.301  -3.265  1.00 42.98 ? 533 TYR A CD1 1 
ATOM   581  C  CD2 . TYR A 1 78  ? -15.289 -3.271  -3.536  1.00 43.72 ? 533 TYR A CD2 1 
ATOM   582  C  CE1 . TYR A 1 78  ? -12.865 -4.595  -3.754  1.00 42.66 ? 533 TYR A CE1 1 
ATOM   583  C  CE2 . TYR A 1 78  ? -15.259 -4.574  -4.031  1.00 44.23 ? 533 TYR A CE2 1 
ATOM   584  C  CZ  . TYR A 1 78  ? -14.041 -5.226  -4.128  1.00 43.97 ? 533 TYR A CZ  1 
ATOM   585  O  OH  . TYR A 1 78  ? -13.995 -6.514  -4.611  1.00 44.83 ? 533 TYR A OH  1 
ATOM   586  N  N   . GLN A 1 79  ? -12.934 -0.079  0.088   1.00 40.06 ? 534 GLN A N   1 
ATOM   587  C  CA  . GLN A 1 79  ? -12.204 0.999   0.744   1.00 40.40 ? 534 GLN A CA  1 
ATOM   588  C  C   . GLN A 1 79  ? -12.019 2.187   -0.179  1.00 39.84 ? 534 GLN A C   1 
ATOM   589  O  O   . GLN A 1 79  ? -11.819 2.024   -1.407  1.00 38.45 ? 534 GLN A O   1 
ATOM   590  C  CB  . GLN A 1 79  ? -10.848 0.498   1.290   1.00 39.84 ? 534 GLN A CB  1 
ATOM   591  C  CG  . GLN A 1 79  ? -11.076 -0.182  2.666   1.00 41.90 ? 534 GLN A CG  1 
ATOM   592  C  CD  . GLN A 1 79  ? -9.850  -0.476  3.487   1.00 43.81 ? 534 GLN A CD  1 
ATOM   593  O  OE1 . GLN A 1 79  ? -9.974  -0.895  4.659   1.00 51.45 ? 534 GLN A OE1 1 
ATOM   594  N  NE2 . GLN A 1 79  ? -8.662  -0.270  2.916   1.00 44.95 ? 534 GLN A NE2 1 
ATOM   595  N  N   . SER A 1 80  ? -12.085 3.379   0.409   1.00 38.86 ? 535 SER A N   1 
ATOM   596  C  CA  . SER A 1 80  ? -12.072 4.581   -0.389  1.00 38.83 ? 535 SER A CA  1 
ATOM   597  C  C   . SER A 1 80  ? -10.689 4.812   -0.970  1.00 39.73 ? 535 SER A C   1 
ATOM   598  O  O   . SER A 1 80  ? -10.573 5.305   -2.088  1.00 39.59 ? 535 SER A O   1 
ATOM   599  C  CB  . SER A 1 80  ? -12.533 5.765   0.430   1.00 38.74 ? 535 SER A CB  1 
ATOM   600  O  OG  . SER A 1 80  ? -13.916 5.606   0.781   1.00 39.98 ? 535 SER A OG  1 
ATOM   601  N  N   . TYR A 1 81  ? -9.647  4.417   -0.228  1.00 39.37 ? 536 TYR A N   1 
ATOM   602  C  CA  . TYR A 1 81  ? -8.289  4.781   -0.585  1.00 39.52 ? 536 TYR A CA  1 
ATOM   603  C  C   . TYR A 1 81  ? -7.314  3.614   -0.577  1.00 38.81 ? 536 TYR A C   1 
ATOM   604  O  O   . TYR A 1 81  ? -7.623  2.521   -0.078  1.00 37.55 ? 536 TYR A O   1 
ATOM   605  C  CB  . TYR A 1 81  ? -7.780  5.912   0.330   1.00 40.62 ? 536 TYR A CB  1 
ATOM   606  C  CG  . TYR A 1 81  ? -8.636  7.139   0.234   1.00 41.55 ? 536 TYR A CG  1 
ATOM   607  C  CD1 . TYR A 1 81  ? -8.605  7.936   -0.910  1.00 42.45 ? 536 TYR A CD1 1 
ATOM   608  C  CD2 . TYR A 1 81  ? -9.503  7.486   1.259   1.00 41.61 ? 536 TYR A CD2 1 
ATOM   609  C  CE1 . TYR A 1 81  ? -9.391  9.042   -1.029  1.00 41.37 ? 536 TYR A CE1 1 
ATOM   610  C  CE2 . TYR A 1 81  ? -10.311 8.597   1.152   1.00 42.72 ? 536 TYR A CE2 1 
ATOM   611  C  CZ  . TYR A 1 81  ? -10.243 9.376   0.006   1.00 43.33 ? 536 TYR A CZ  1 
ATOM   612  O  OH  . TYR A 1 81  ? -11.046 10.496  -0.115  1.00 45.18 ? 536 TYR A OH  1 
ATOM   613  N  N   . CYS A 1 82  ? -6.143  3.878   -1.150  1.00 38.32 ? 537 CYS A N   1 
ATOM   614  C  CA  . CYS A 1 82  ? -5.036  2.947   -1.208  1.00 38.53 ? 537 CYS A CA  1 
ATOM   615  C  C   . CYS A 1 82  ? -4.656  2.434   0.174   1.00 38.99 ? 537 CYS A C   1 
ATOM   616  O  O   . CYS A 1 82  ? -4.518  3.193   1.135   1.00 38.27 ? 537 CYS A O   1 
ATOM   617  C  CB  . CYS A 1 82  ? -3.814  3.605   -1.887  1.00 38.07 ? 537 CYS A CB  1 
ATOM   618  S  SG  . CYS A 1 82  ? -2.307  2.540   -2.008  1.00 39.44 ? 537 CYS A SG  1 
ATOM   619  N  N   . THR A 1 83  ? -4.493  1.123   0.235   1.00 39.75 ? 538 THR A N   1 
ATOM   620  C  CA  . THR A 1 83  ? -4.036  0.392   1.411   1.00 41.09 ? 538 THR A CA  1 
ATOM   621  C  C   . THR A 1 83  ? -2.629  0.832   1.830   1.00 42.50 ? 538 THR A C   1 
ATOM   622  O  O   . THR A 1 83  ? -2.326  0.886   3.020   1.00 44.30 ? 538 THR A O   1 
ATOM   623  C  CB  . THR A 1 83  ? -4.106  -1.142  1.118   1.00 40.42 ? 538 THR A CB  1 
ATOM   624  O  OG1 . THR A 1 83  ? -5.439  -1.589  1.358   1.00 43.15 ? 538 THR A OG1 1 
ATOM   625  C  CG2 . THR A 1 83  ? -3.176  -1.936  1.979   1.00 39.01 ? 538 THR A CG2 1 
ATOM   626  N  N   . ILE A 1 84  ? -1.770  1.179   0.878   1.00 42.85 ? 539 ILE A N   1 
ATOM   627  C  CA  . ILE A 1 84  ? -0.401  1.565   1.227   1.00 43.60 ? 539 ILE A CA  1 
ATOM   628  C  C   . ILE A 1 84  ? -0.233  3.033   1.616   1.00 43.94 ? 539 ILE A C   1 
ATOM   629  O  O   . ILE A 1 84  ? 0.390   3.321   2.607   1.00 45.50 ? 539 ILE A O   1 
ATOM   630  C  CB  . ILE A 1 84  ? 0.617   1.214   0.101   1.00 43.81 ? 539 ILE A CB  1 
ATOM   631  C  CG1 . ILE A 1 84  ? 0.712   -0.297  -0.082  1.00 44.09 ? 539 ILE A CG1 1 
ATOM   632  C  CG2 . ILE A 1 84  ? 2.008   1.774   0.423   1.00 42.53 ? 539 ILE A CG2 1 
ATOM   633  C  CD1 . ILE A 1 84  ? 1.116   -0.675  -1.506  1.00 47.53 ? 539 ILE A CD1 1 
ATOM   634  N  N   . CYS A 1 85  ? -0.767  3.956   0.837   1.00 44.92 ? 540 CYS A N   1 
ATOM   635  C  CA  . CYS A 1 85  ? -0.488  5.372   1.037   1.00 44.92 ? 540 CYS A CA  1 
ATOM   636  C  C   . CYS A 1 85  ? -1.679  6.157   1.557   1.00 45.82 ? 540 CYS A C   1 
ATOM   637  O  O   . CYS A 1 85  ? -1.592  7.384   1.709   1.00 45.29 ? 540 CYS A O   1 
ATOM   638  C  CB  . CYS A 1 85  ? -0.044  5.980   -0.288  1.00 44.47 ? 540 CYS A CB  1 
ATOM   639  S  SG  . CYS A 1 85  ? -1.355  6.194   -1.557  1.00 44.10 ? 540 CYS A SG  1 
ATOM   640  N  N   . CYS A 1 86  ? -2.804  5.460   1.776   1.00 45.89 ? 541 CYS A N   1 
ATOM   641  C  CA  . CYS A 1 86  ? -4.057  6.079   2.217   1.00 46.61 ? 541 CYS A CA  1 
ATOM   642  C  C   . CYS A 1 86  ? -4.565  7.194   1.348   1.00 45.73 ? 541 CYS A C   1 
ATOM   643  O  O   . CYS A 1 86  ? -5.334  8.016   1.814   1.00 46.01 ? 541 CYS A O   1 
ATOM   644  C  CB  . CYS A 1 86  ? -3.940  6.605   3.643   1.00 47.11 ? 541 CYS A CB  1 
ATOM   645  S  SG  . CYS A 1 86  ? -3.213  5.411   4.710   1.00 52.17 ? 541 CYS A SG  1 
ATOM   646  N  N   . GLY A 1 87  ? -4.148  7.224   0.094   1.00 45.60 ? 542 GLY A N   1 
ATOM   647  C  CA  . GLY A 1 87  ? -4.684  8.191   -0.856  1.00 44.82 ? 542 GLY A CA  1 
ATOM   648  C  C   . GLY A 1 87  ? -4.766  7.544   -2.212  1.00 44.67 ? 542 GLY A C   1 
ATOM   649  O  O   . GLY A 1 87  ? -5.413  6.500   -2.362  1.00 45.17 ? 542 GLY A O   1 
ATOM   650  N  N   . GLY A 1 88  ? -4.091  8.150   -3.190  1.00 44.30 ? 543 GLY A N   1 
ATOM   651  C  CA  . GLY A 1 88  ? -4.122  7.712   -4.572  1.00 43.51 ? 543 GLY A CA  1 
ATOM   652  C  C   . GLY A 1 88  ? -5.184  8.408   -5.401  1.00 43.73 ? 543 GLY A C   1 
ATOM   653  O  O   . GLY A 1 88  ? -6.185  8.897   -4.864  1.00 44.33 ? 543 GLY A O   1 
ATOM   654  N  N   . ARG A 1 89  ? -4.985  8.440   -6.714  1.00 43.22 ? 544 ARG A N   1 
ATOM   655  C  CA  . ARG A 1 89  ? -5.959  9.023   -7.630  1.00 43.52 ? 544 ARG A CA  1 
ATOM   656  C  C   . ARG A 1 89  ? -6.825  7.955   -8.269  1.00 42.38 ? 544 ARG A C   1 
ATOM   657  O  O   . ARG A 1 89  ? -8.045  8.061   -8.311  1.00 42.40 ? 544 ARG A O   1 
ATOM   658  C  CB  . ARG A 1 89  ? -5.245  9.786   -8.736  1.00 44.16 ? 544 ARG A CB  1 
ATOM   659  C  CG  . ARG A 1 89  ? -4.787  11.157  -8.346  1.00 47.87 ? 544 ARG A CG  1 
ATOM   660  C  CD  . ARG A 1 89  ? -4.738  12.008  -9.612  1.00 54.87 ? 544 ARG A CD  1 
ATOM   661  N  NE  . ARG A 1 89  ? -3.590  12.910  -9.652  1.00 59.19 ? 544 ARG A NE  1 
ATOM   662  C  CZ  . ARG A 1 89  ? -2.326  12.533  -9.460  1.00 62.14 ? 544 ARG A CZ  1 
ATOM   663  N  NH1 . ARG A 1 89  ? -2.023  11.261  -9.174  1.00 62.62 ? 544 ARG A NH1 1 
ATOM   664  N  NH2 . ARG A 1 89  ? -1.359  13.441  -9.537  1.00 64.26 ? 544 ARG A NH2 1 
ATOM   665  N  N   . GLU A 1 90  ? -6.158  6.946   -8.803  1.00 41.66 ? 545 GLU A N   1 
ATOM   666  C  CA  . GLU A 1 90  ? -6.790  5.798   -9.412  1.00 40.78 ? 545 GLU A CA  1 
ATOM   667  C  C   . GLU A 1 90  ? -6.351  4.550   -8.657  1.00 39.54 ? 545 GLU A C   1 
ATOM   668  O  O   . GLU A 1 90  ? -5.156  4.346   -8.427  1.00 38.80 ? 545 GLU A O   1 
ATOM   669  C  CB  . GLU A 1 90  ? -6.376  5.691   -10.885 1.00 40.69 ? 545 GLU A CB  1 
ATOM   670  C  CG  . GLU A 1 90  ? -6.788  4.372   -11.525 1.00 43.36 ? 545 GLU A CG  1 
ATOM   671  C  CD  . GLU A 1 90  ? -6.728  4.392   -13.036 1.00 46.03 ? 545 GLU A CD  1 
ATOM   672  O  OE1 . GLU A 1 90  ? -7.535  5.112   -13.667 1.00 48.10 ? 545 GLU A OE1 1 
ATOM   673  O  OE2 . GLU A 1 90  ? -5.866  3.682   -13.597 1.00 47.36 ? 545 GLU A OE2 1 
ATOM   674  N  N   . VAL A 1 91  ? -7.314  3.719   -8.285  1.00 38.52 ? 546 VAL A N   1 
ATOM   675  C  CA  . VAL A 1 91  ? -7.006  2.537   -7.498  1.00 37.90 ? 546 VAL A CA  1 
ATOM   676  C  C   . VAL A 1 91  ? -7.476  1.237   -8.127  1.00 37.71 ? 546 VAL A C   1 
ATOM   677  O  O   . VAL A 1 91  ? -8.562  1.170   -8.694  1.00 37.35 ? 546 VAL A O   1 
ATOM   678  C  CB  . VAL A 1 91  ? -7.549  2.643   -6.027  1.00 37.94 ? 546 VAL A CB  1 
ATOM   679  C  CG1 . VAL A 1 91  ? -6.881  3.792   -5.281  1.00 36.70 ? 546 VAL A CG1 1 
ATOM   680  C  CG2 . VAL A 1 91  ? -9.075  2.760   -5.982  1.00 36.82 ? 546 VAL A CG2 1 
ATOM   681  N  N   . LEU A 1 92  ? -6.650  0.204   -8.008  1.00 37.90 ? 547 LEU A N   1 
ATOM   682  C  CA  . LEU A 1 92  ? -7.067  -1.156  -8.358  1.00 38.37 ? 547 LEU A CA  1 
ATOM   683  C  C   . LEU A 1 92  ? -7.820  -1.780  -7.191  1.00 38.18 ? 547 LEU A C   1 
ATOM   684  O  O   . LEU A 1 92  ? -7.394  -1.678  -6.037  1.00 38.21 ? 547 LEU A O   1 
ATOM   685  C  CB  . LEU A 1 92  ? -5.867  -2.034  -8.729  1.00 38.64 ? 547 LEU A CB  1 
ATOM   686  C  CG  . LEU A 1 92  ? -4.699  -1.428  -9.520  1.00 39.81 ? 547 LEU A CG  1 
ATOM   687  C  CD1 . LEU A 1 92  ? -3.671  -2.503  -9.841  1.00 40.58 ? 547 LEU A CD1 1 
ATOM   688  C  CD2 . LEU A 1 92  ? -5.161  -0.745  -10.762 1.00 38.00 ? 547 LEU A CD2 1 
ATOM   689  N  N   . MET A 1 93  ? -8.930  -2.430  -7.500  1.00 38.04 ? 548 MET A N   1 
ATOM   690  C  CA  . MET A 1 93  ? -9.757  -3.079  -6.498  1.00 38.59 ? 548 MET A CA  1 
ATOM   691  C  C   . MET A 1 93  ? -9.543  -4.584  -6.515  1.00 38.20 ? 548 MET A C   1 
ATOM   692  O  O   . MET A 1 93  ? -9.552  -5.194  -7.582  1.00 37.79 ? 548 MET A O   1 
ATOM   693  C  CB  . MET A 1 93  ? -11.219 -2.783  -6.789  1.00 38.26 ? 548 MET A CB  1 
ATOM   694  C  CG  . MET A 1 93  ? -11.608 -1.361  -6.548  1.00 38.51 ? 548 MET A CG  1 
ATOM   695  S  SD  . MET A 1 93  ? -13.245 -1.061  -7.207  1.00 41.29 ? 548 MET A SD  1 
ATOM   696  C  CE  . MET A 1 93  ? -12.802 -0.211  -8.664  1.00 39.62 ? 548 MET A CE  1 
ATOM   697  N  N   . CYS A 1 94  ? -9.345  -5.165  -5.334  1.00 38.06 ? 549 CYS A N   1 
ATOM   698  C  CA  . CYS A 1 94  ? -9.198  -6.610  -5.168  1.00 39.51 ? 549 CYS A CA  1 
ATOM   699  C  C   . CYS A 1 94  ? -10.436 -7.333  -5.672  1.00 40.94 ? 549 CYS A C   1 
ATOM   700  O  O   . CYS A 1 94  ? -11.567 -6.886  -5.455  1.00 41.74 ? 549 CYS A O   1 
ATOM   701  C  CB  . CYS A 1 94  ? -8.920  -6.957  -3.704  1.00 39.80 ? 549 CYS A CB  1 
ATOM   702  S  SG  . CYS A 1 94  ? -8.507  -8.675  -3.370  1.00 37.20 ? 549 CYS A SG  1 
ATOM   703  N  N   . GLY A 1 95  ? -10.220 -8.438  -6.380  1.00 42.53 ? 550 GLY A N   1 
ATOM   704  C  CA  . GLY A 1 95  ? -11.301 -9.168  -7.031  1.00 43.87 ? 550 GLY A CA  1 
ATOM   705  C  C   . GLY A 1 95  ? -12.116 -10.025 -6.089  1.00 45.58 ? 550 GLY A C   1 
ATOM   706  O  O   . GLY A 1 95  ? -13.144 -10.591 -6.490  1.00 45.93 ? 550 GLY A O   1 
ATOM   707  N  N   . ASN A 1 96  ? -11.682 -10.142 -4.838  1.00 47.18 ? 551 ASN A N   1 
ATOM   708  C  CA  . ASN A 1 96  ? -12.479 -10.888 -3.872  1.00 49.21 ? 551 ASN A CA  1 
ATOM   709  C  C   . ASN A 1 96  ? -13.139 -10.081 -2.742  1.00 49.87 ? 551 ASN A C   1 
ATOM   710  O  O   . ASN A 1 96  ? -12.612 -9.069  -2.241  1.00 49.91 ? 551 ASN A O   1 
ATOM   711  C  CB  . ASN A 1 96  ? -11.760 -12.160 -3.377  1.00 49.66 ? 551 ASN A CB  1 
ATOM   712  C  CG  . ASN A 1 96  ? -10.938 -11.928 -2.125  1.00 51.31 ? 551 ASN A CG  1 
ATOM   713  O  OD1 . ASN A 1 96  ? -11.388 -12.212 -1.001  1.00 53.18 ? 551 ASN A OD1 1 
ATOM   714  N  ND2 . ASN A 1 96  ? -9.729  -11.412 -2.305  1.00 52.96 ? 551 ASN A ND2 1 
ATOM   715  N  N   . ASN A 1 97  ? -14.315 -10.566 -2.361  1.00 50.89 ? 552 ASN A N   1 
ATOM   716  C  CA  . ASN A 1 97  ? -15.294 -9.788  -1.628  1.00 51.49 ? 552 ASN A CA  1 
ATOM   717  C  C   . ASN A 1 97  ? -15.056 -9.684  -0.127  1.00 51.50 ? 552 ASN A C   1 
ATOM   718  O  O   . ASN A 1 97  ? -15.630 -8.813  0.522   1.00 51.99 ? 552 ASN A O   1 
ATOM   719  C  CB  . ASN A 1 97  ? -16.692 -10.348 -1.899  1.00 52.00 ? 552 ASN A CB  1 
ATOM   720  C  CG  . ASN A 1 97  ? -17.689 -9.267  -2.281  1.00 53.38 ? 552 ASN A CG  1 
ATOM   721  O  OD1 . ASN A 1 97  ? -18.793 -9.564  -2.752  1.00 53.21 ? 552 ASN A OD1 1 
ATOM   722  N  ND2 . ASN A 1 97  ? -17.297 -7.997  -2.095  1.00 55.53 ? 552 ASN A ND2 1 
ATOM   723  N  N   . ASN A 1 98  ? -14.221 -10.570 0.417   1.00 51.20 ? 553 ASN A N   1 
ATOM   724  C  CA  . ASN A 1 98  ? -13.912 -10.576 1.848   1.00 50.49 ? 553 ASN A CA  1 
ATOM   725  C  C   . ASN A 1 98  ? -12.749 -9.662  2.082   1.00 49.89 ? 553 ASN A C   1 
ATOM   726  O  O   . ASN A 1 98  ? -12.208 -9.565  3.201   1.00 50.64 ? 553 ASN A O   1 
ATOM   727  C  CB  . ASN A 1 98  ? -13.512 -11.972 2.316   1.00 51.14 ? 553 ASN A CB  1 
ATOM   728  C  CG  . ASN A 1 98  ? -14.303 -13.071 1.633   1.00 52.65 ? 553 ASN A CG  1 
ATOM   729  O  OD1 . ASN A 1 98  ? -15.419 -13.413 2.046   1.00 52.87 ? 553 ASN A OD1 1 
ATOM   730  N  ND2 . ASN A 1 98  ? -13.716 -13.640 0.576   1.00 54.99 ? 553 ASN A ND2 1 
ATOM   731  N  N   . CYS A 1 99  ? -12.320 -9.010  1.011   1.00 47.60 ? 554 CYS A N   1 
ATOM   732  C  CA  . CYS A 1 99  ? -11.123 -8.219  1.111   1.00 46.15 ? 554 CYS A CA  1 
ATOM   733  C  C   . CYS A 1 99  ? -11.444 -6.727  1.136   1.00 44.91 ? 554 CYS A C   1 
ATOM   734  O  O   . CYS A 1 99  ? -11.085 -6.030  2.099   1.00 44.93 ? 554 CYS A O   1 
ATOM   735  C  CB  . CYS A 1 99  ? -10.156 -8.568  -0.016  1.00 45.60 ? 554 CYS A CB  1 
ATOM   736  S  SG  . CYS A 1 99  ? -8.645  -7.654  0.164   1.00 45.84 ? 554 CYS A SG  1 
ATOM   737  N  N   . CYS A 1 100 ? -12.102 -6.259  0.069   1.00 42.83 ? 555 CYS A N   1 
ATOM   738  C  CA  . CYS A 1 100 ? -12.454 -4.848  -0.110  1.00 40.97 ? 555 CYS A CA  1 
ATOM   739  C  C   . CYS A 1 100 ? -11.299 -3.825  -0.196  1.00 40.22 ? 555 CYS A C   1 
ATOM   740  O  O   . CYS A 1 100 ? -11.549 -2.613  -0.150  1.00 39.61 ? 555 CYS A O   1 
ATOM   741  C  CB  . CYS A 1 100 ? -13.467 -4.443  0.943   1.00 40.70 ? 555 CYS A CB  1 
ATOM   742  S  SG  . CYS A 1 100 ? -14.857 -5.586  0.908   1.00 40.44 ? 555 CYS A SG  1 
ATOM   743  N  N   . ARG A 1 101 ? -10.066 -4.299  -0.360  1.00 38.73 ? 556 ARG A N   1 
ATOM   744  C  CA  . ARG A 1 101 ? -8.911  -3.401  -0.473  1.00 39.00 ? 556 ARG A CA  1 
ATOM   745  C  C   . ARG A 1 101 ? -8.647  -2.820  -1.855  1.00 38.53 ? 556 ARG A C   1 
ATOM   746  O  O   . ARG A 1 101 ? -9.001  -3.411  -2.863  1.00 38.41 ? 556 ARG A O   1 
ATOM   747  C  CB  . ARG A 1 101 ? -7.628  -4.076  0.007   1.00 38.86 ? 556 ARG A CB  1 
ATOM   748  C  CG  . ARG A 1 101 ? -7.656  -4.375  1.479   1.00 41.71 ? 556 ARG A CG  1 
ATOM   749  C  CD  . ARG A 1 101 ? -6.299  -4.790  2.016   1.00 44.17 ? 556 ARG A CD  1 
ATOM   750  N  NE  . ARG A 1 101 ? -6.426  -4.995  3.453   1.00 46.83 ? 556 ARG A NE  1 
ATOM   751  C  CZ  . ARG A 1 101 ? -6.282  -4.045  4.382   1.00 49.46 ? 556 ARG A CZ  1 
ATOM   752  N  NH1 . ARG A 1 101 ? -6.433  -4.399  5.652   1.00 51.35 ? 556 ARG A NH1 1 
ATOM   753  N  NH2 . ARG A 1 101 ? -5.966  -2.765  4.073   1.00 45.92 ? 556 ARG A NH2 1 
ATOM   754  N  N   . CYS A 1 102 ? -7.964  -1.678  -1.867  1.00 37.84 ? 557 CYS A N   1 
ATOM   755  C  CA  . CYS A 1 102 ? -7.592  -0.969  -3.066  1.00 36.81 ? 557 CYS A CA  1 
ATOM   756  C  C   . CYS A 1 102 ? -6.131  -0.612  -2.955  1.00 36.70 ? 557 CYS A C   1 
ATOM   757  O  O   . CYS A 1 102 ? -5.619  -0.453  -1.838  1.00 36.30 ? 557 CYS A O   1 
ATOM   758  C  CB  . CYS A 1 102 ? -8.425  0.298   -3.212  1.00 36.16 ? 557 CYS A CB  1 
ATOM   759  S  SG  . CYS A 1 102 ? -10.185 -0.074  -3.345  1.00 39.06 ? 557 CYS A SG  1 
ATOM   760  N  N   . PHE A 1 103 ? -5.474  -0.519  -4.118  1.00 35.87 ? 558 PHE A N   1 
ATOM   761  C  CA  . PHE A 1 103 ? -4.081  -0.156  -4.249  1.00 36.59 ? 558 PHE A CA  1 
ATOM   762  C  C   . PHE A 1 103 ? -3.954  0.797   -5.415  1.00 37.26 ? 558 PHE A C   1 
ATOM   763  O  O   . PHE A 1 103 ? -4.406  0.468   -6.527  1.00 37.61 ? 558 PHE A O   1 
ATOM   764  C  CB  . PHE A 1 103 ? -3.230  -1.404  -4.529  1.00 36.38 ? 558 PHE A CB  1 
ATOM   765  C  CG  . PHE A 1 103 ? -3.079  -2.320  -3.331  1.00 36.84 ? 558 PHE A CG  1 
ATOM   766  C  CD1 . PHE A 1 103 ? -4.077  -3.226  -3.002  1.00 36.57 ? 558 PHE A CD1 1 
ATOM   767  C  CD2 . PHE A 1 103 ? -1.939  -2.263  -2.536  1.00 37.89 ? 558 PHE A CD2 1 
ATOM   768  C  CE1 . PHE A 1 103 ? -3.959  -4.064  -1.898  1.00 36.71 ? 558 PHE A CE1 1 
ATOM   769  C  CE2 . PHE A 1 103 ? -1.800  -3.120  -1.418  1.00 37.86 ? 558 PHE A CE2 1 
ATOM   770  C  CZ  . PHE A 1 103 ? -2.815  -4.013  -1.112  1.00 37.20 ? 558 PHE A CZ  1 
ATOM   771  N  N   . CYS A 1 104 ? -3.356  1.971   -5.194  1.00 36.71 ? 559 CYS A N   1 
ATOM   772  C  CA  . CYS A 1 104 ? -3.338  2.983   -6.247  1.00 37.01 ? 559 CYS A CA  1 
ATOM   773  C  C   . CYS A 1 104 ? -2.234  2.656   -7.249  1.00 37.13 ? 559 CYS A C   1 
ATOM   774  O  O   . CYS A 1 104 ? -1.275  1.922   -6.914  1.00 36.28 ? 559 CYS A O   1 
ATOM   775  C  CB  . CYS A 1 104 ? -3.192  4.408   -5.692  1.00 35.76 ? 559 CYS A CB  1 
ATOM   776  S  SG  . CYS A 1 104 ? -1.501  4.777   -5.116  1.00 39.29 ? 559 CYS A SG  1 
ATOM   777  N  N   . VAL A 1 105 ? -2.363  3.198   -8.466  1.00 37.03 ? 560 VAL A N   1 
ATOM   778  C  CA  . VAL A 1 105 ? -1.388  2.889   -9.510  1.00 38.54 ? 560 VAL A CA  1 
ATOM   779  C  C   . VAL A 1 105 ? 0.016   3.401   -9.194  1.00 39.25 ? 560 VAL A C   1 
ATOM   780  O  O   . VAL A 1 105 ? 1.009   2.795   -9.611  1.00 38.94 ? 560 VAL A O   1 
ATOM   781  C  CB  . VAL A 1 105 ? -1.875  3.220   -10.979 1.00 38.20 ? 560 VAL A CB  1 
ATOM   782  C  CG1 . VAL A 1 105 ? -3.204  3.880   -10.997 1.00 39.28 ? 560 VAL A CG1 1 
ATOM   783  C  CG2 . VAL A 1 105 ? -0.840  4.016   -11.774 1.00 39.29 ? 560 VAL A CG2 1 
ATOM   784  N  N   . GLU A 1 106 ? 0.091   4.496   -8.433  1.00 41.01 ? 561 GLU A N   1 
ATOM   785  C  CA  . GLU A 1 106 ? 1.378   5.059   -8.056  1.00 43.10 ? 561 GLU A CA  1 
ATOM   786  C  C   . GLU A 1 106 ? 2.166   4.093   -7.168  1.00 41.96 ? 561 GLU A C   1 
ATOM   787  O  O   . GLU A 1 106 ? 3.308   3.787   -7.481  1.00 42.17 ? 561 GLU A O   1 
ATOM   788  C  CB  . GLU A 1 106 ? 1.273   6.461   -7.430  1.00 43.06 ? 561 GLU A CB  1 
ATOM   789  C  CG  . GLU A 1 106 ? 2.673   7.005   -6.981  1.00 47.20 ? 561 GLU A CG  1 
ATOM   790  C  CD  . GLU A 1 106 ? 2.650   8.381   -6.278  1.00 48.09 ? 561 GLU A CD  1 
ATOM   791  O  OE1 . GLU A 1 106 ? 2.002   9.330   -6.802  1.00 53.41 ? 561 GLU A OE1 1 
ATOM   792  O  OE2 . GLU A 1 106 ? 3.303   8.506   -5.202  1.00 54.16 ? 561 GLU A OE2 1 
ATOM   793  N  N   . CYS A 1 107 ? 1.553   3.582   -6.101  1.00 41.59 ? 562 CYS A N   1 
ATOM   794  C  CA  . CYS A 1 107 ? 2.250   2.656   -5.205  1.00 41.19 ? 562 CYS A CA  1 
ATOM   795  C  C   . CYS A 1 107 ? 2.554   1.343   -5.891  1.00 41.11 ? 562 CYS A C   1 
ATOM   796  O  O   . CYS A 1 107 ? 3.606   0.745   -5.665  1.00 41.56 ? 562 CYS A O   1 
ATOM   797  C  CB  . CYS A 1 107 ? 1.428   2.396   -3.929  1.00 41.44 ? 562 CYS A CB  1 
ATOM   798  S  SG  . CYS A 1 107 ? 1.369   3.853   -2.872  1.00 42.88 ? 562 CYS A SG  1 
ATOM   799  N  N   . VAL A 1 108 ? 1.646   0.882   -6.739  1.00 40.34 ? 563 VAL A N   1 
ATOM   800  C  CA  . VAL A 1 108 ? 1.905   -0.365  -7.474  1.00 40.05 ? 563 VAL A CA  1 
ATOM   801  C  C   . VAL A 1 108 ? 3.111   -0.233  -8.417  1.00 39.90 ? 563 VAL A C   1 
ATOM   802  O  O   . VAL A 1 108 ? 4.065   -1.004  -8.314  1.00 39.16 ? 563 VAL A O   1 
ATOM   803  C  CB  . VAL A 1 108 ? 0.638   -0.869  -8.188  1.00 40.39 ? 563 VAL A CB  1 
ATOM   804  C  CG1 . VAL A 1 108 ? 0.934   -2.086  -9.071  1.00 40.11 ? 563 VAL A CG1 1 
ATOM   805  C  CG2 . VAL A 1 108 ? -0.456  -1.154  -7.146  1.00 38.38 ? 563 VAL A CG2 1 
ATOM   806  N  N   . ASP A 1 109 ? 3.096   0.767   -9.292  1.00 40.16 ? 564 ASP A N   1 
ATOM   807  C  CA  . ASP A 1 109 ? 4.230   0.987   -10.181 1.00 40.94 ? 564 ASP A CA  1 
ATOM   808  C  C   . ASP A 1 109 ? 5.514   1.237   -9.418  1.00 40.62 ? 564 ASP A C   1 
ATOM   809  O  O   . ASP A 1 109 ? 6.563   0.766   -9.821  1.00 40.40 ? 564 ASP A O   1 
ATOM   810  C  CB  . ASP A 1 109 ? 3.972   2.131   -11.141 1.00 41.58 ? 564 ASP A CB  1 
ATOM   811  C  CG  . ASP A 1 109 ? 2.956   1.763   -12.231 1.00 45.22 ? 564 ASP A CG  1 
ATOM   812  O  OD1 . ASP A 1 109 ? 2.778   0.553   -12.555 1.00 45.79 ? 564 ASP A OD1 1 
ATOM   813  O  OD2 . ASP A 1 109 ? 2.328   2.709   -12.756 1.00 50.03 ? 564 ASP A OD2 1 
ATOM   814  N  N   . LEU A 1 110 ? 5.402   1.949   -8.296  1.00 40.46 ? 565 LEU A N   1 
ATOM   815  C  CA  . LEU A 1 110 ? 6.548   2.291   -7.448  1.00 39.74 ? 565 LEU A CA  1 
ATOM   816  C  C   . LEU A 1 110 ? 7.133   1.101   -6.674  1.00 38.98 ? 565 LEU A C   1 
ATOM   817  O  O   . LEU A 1 110 ? 8.335   0.896   -6.696  1.00 38.31 ? 565 LEU A O   1 
ATOM   818  C  CB  . LEU A 1 110 ? 6.130   3.396   -6.470  1.00 39.81 ? 565 LEU A CB  1 
ATOM   819  C  CG  . LEU A 1 110 ? 7.143   4.050   -5.541  1.00 40.51 ? 565 LEU A CG  1 
ATOM   820  C  CD1 . LEU A 1 110 ? 8.204   4.778   -6.354  1.00 39.74 ? 565 LEU A CD1 1 
ATOM   821  C  CD2 . LEU A 1 110 ? 6.407   5.010   -4.637  1.00 41.04 ? 565 LEU A CD2 1 
ATOM   822  N  N   . LEU A 1 111 ? 6.283   0.351   -5.970  1.00 38.06 ? 566 LEU A N   1 
ATOM   823  C  CA  . LEU A 1 111 ? 6.727   -0.733  -5.089  1.00 38.03 ? 566 LEU A CA  1 
ATOM   824  C  C   . LEU A 1 111 ? 6.756   -2.136  -5.708  1.00 38.10 ? 566 LEU A C   1 
ATOM   825  O  O   . LEU A 1 111 ? 7.638   -2.950  -5.391  1.00 38.48 ? 566 LEU A O   1 
ATOM   826  C  CB  . LEU A 1 111 ? 5.854   -0.762  -3.829  1.00 37.81 ? 566 LEU A CB  1 
ATOM   827  C  CG  . LEU A 1 111 ? 6.067   0.475   -2.925  1.00 37.31 ? 566 LEU A CG  1 
ATOM   828  C  CD1 . LEU A 1 111 ? 5.075   0.456   -1.818  1.00 40.45 ? 566 LEU A CD1 1 
ATOM   829  C  CD2 . LEU A 1 111 ? 7.454   0.470   -2.321  1.00 35.08 ? 566 LEU A CD2 1 
ATOM   830  N  N   . VAL A 1 112 ? 5.799   -2.437  -6.575  1.00 37.44 ? 567 VAL A N   1 
ATOM   831  C  CA  . VAL A 1 112 ? 5.833   -3.711  -7.282  1.00 36.73 ? 567 VAL A CA  1 
ATOM   832  C  C   . VAL A 1 112 ? 6.724   -3.606  -8.516  1.00 37.13 ? 567 VAL A C   1 
ATOM   833  O  O   . VAL A 1 112 ? 7.609   -4.451  -8.730  1.00 37.13 ? 567 VAL A O   1 
ATOM   834  C  CB  . VAL A 1 112 ? 4.417   -4.226  -7.627  1.00 36.85 ? 567 VAL A CB  1 
ATOM   835  C  CG1 . VAL A 1 112 ? 4.520   -5.567  -8.336  1.00 35.49 ? 567 VAL A CG1 1 
ATOM   836  C  CG2 . VAL A 1 112 ? 3.564   -4.320  -6.342  1.00 33.57 ? 567 VAL A CG2 1 
ATOM   837  N  N   . GLY A 1 113 ? 6.512   -2.556  -9.307  1.00 36.89 ? 568 GLY A N   1 
ATOM   838  C  CA  . GLY A 1 113 ? 7.418   -2.245  -10.399 1.00 36.51 ? 568 GLY A CA  1 
ATOM   839  C  C   . GLY A 1 113 ? 6.709   -1.598  -11.573 1.00 36.22 ? 568 GLY A C   1 
ATOM   840  O  O   . GLY A 1 113 ? 5.480   -1.713  -11.705 1.00 36.43 ? 568 GLY A O   1 
ATOM   841  N  N   . PRO A 1 114 ? 7.477   -0.909  -12.439 1.00 35.86 ? 569 PRO A N   1 
ATOM   842  C  CA  . PRO A 1 114 ? 6.869   -0.316  -13.625 1.00 35.51 ? 569 PRO A CA  1 
ATOM   843  C  C   . PRO A 1 114 ? 6.216   -1.412  -14.466 1.00 35.45 ? 569 PRO A C   1 
ATOM   844  O  O   . PRO A 1 114 ? 6.825   -2.475  -14.692 1.00 35.64 ? 569 PRO A O   1 
ATOM   845  C  CB  . PRO A 1 114 ? 8.064   0.303   -14.366 1.00 35.40 ? 569 PRO A CB  1 
ATOM   846  C  CG  . PRO A 1 114 ? 9.123   0.434   -13.351 1.00 35.77 ? 569 PRO A CG  1 
ATOM   847  C  CD  . PRO A 1 114 ? 8.929   -0.659  -12.370 1.00 35.27 ? 569 PRO A CD  1 
ATOM   848  N  N   . GLY A 1 115 ? 4.989   -1.157  -14.914 1.00 34.96 ? 570 GLY A N   1 
ATOM   849  C  CA  . GLY A 1 115 ? 4.236   -2.138  -15.698 1.00 34.51 ? 570 GLY A CA  1 
ATOM   850  C  C   . GLY A 1 115 ? 3.224   -2.910  -14.873 1.00 34.39 ? 570 GLY A C   1 
ATOM   851  O  O   . GLY A 1 115 ? 2.203   -3.344  -15.389 1.00 33.98 ? 570 GLY A O   1 
ATOM   852  N  N   . ALA A 1 116 ? 3.501   -3.046  -13.573 1.00 34.76 ? 571 ALA A N   1 
ATOM   853  C  CA  . ALA A 1 116 ? 2.718   -3.874  -12.662 1.00 34.41 ? 571 ALA A CA  1 
ATOM   854  C  C   . ALA A 1 116 ? 1.255   -3.469  -12.551 1.00 34.85 ? 571 ALA A C   1 
ATOM   855  O  O   . ALA A 1 116 ? 0.387   -4.346  -12.420 1.00 35.36 ? 571 ALA A O   1 
ATOM   856  C  CB  . ALA A 1 116 ? 3.352   -3.898  -11.290 1.00 34.05 ? 571 ALA A CB  1 
ATOM   857  N  N   . ALA A 1 117 ? 0.974   -2.167  -12.582 1.00 34.14 ? 572 ALA A N   1 
ATOM   858  C  CA  . ALA A 1 117 ? -0.409  -1.705  -12.446 1.00 33.93 ? 572 ALA A CA  1 
ATOM   859  C  C   . ALA A 1 117 ? -1.193  -2.119  -13.677 1.00 34.08 ? 572 ALA A C   1 
ATOM   860  O  O   . ALA A 1 117 ? -2.264  -2.733  -13.581 1.00 34.72 ? 572 ALA A O   1 
ATOM   861  C  CB  . ALA A 1 117 ? -0.459  -0.190  -12.250 1.00 33.65 ? 572 ALA A CB  1 
ATOM   862  N  N   . GLN A 1 118 ? -0.634  -1.811  -14.841 1.00 33.38 ? 573 GLN A N   1 
ATOM   863  C  CA  . GLN A 1 118 ? -1.298  -2.092  -16.096 1.00 33.26 ? 573 GLN A CA  1 
ATOM   864  C  C   . GLN A 1 118 ? -1.508  -3.600  -16.269 1.00 32.72 ? 573 GLN A C   1 
ATOM   865  O  O   . GLN A 1 118 ? -2.557  -4.030  -16.742 1.00 32.31 ? 573 GLN A O   1 
ATOM   866  C  CB  . GLN A 1 118 ? -0.529  -1.458  -17.260 1.00 32.94 ? 573 GLN A CB  1 
ATOM   867  C  CG  . GLN A 1 118 ? -1.260  -1.504  -18.597 1.00 35.16 ? 573 GLN A CG  1 
ATOM   868  C  CD  . GLN A 1 118 ? -2.627  -0.823  -18.570 1.00 36.54 ? 573 GLN A CD  1 
ATOM   869  O  OE1 . GLN A 1 118 ? -2.846  0.147   -17.841 1.00 37.87 ? 573 GLN A OE1 1 
ATOM   870  N  NE2 . GLN A 1 118 ? -3.554  -1.342  -19.363 1.00 36.29 ? 573 GLN A NE2 1 
ATOM   871  N  N   . ALA A 1 119 ? -0.528  -4.389  -15.838 1.00 32.63 ? 574 ALA A N   1 
ATOM   872  C  CA  . ALA A 1 119 ? -0.644  -5.849  -15.833 1.00 33.05 ? 574 ALA A CA  1 
ATOM   873  C  C   . ALA A 1 119 ? -1.773  -6.335  -14.926 1.00 33.44 ? 574 ALA A C   1 
ATOM   874  O  O   . ALA A 1 119 ? -2.504  -7.238  -15.300 1.00 33.38 ? 574 ALA A O   1 
ATOM   875  C  CB  . ALA A 1 119 ? 0.675   -6.499  -15.439 1.00 32.76 ? 574 ALA A CB  1 
ATOM   876  N  N   . ALA A 1 120 ? -1.913  -5.729  -13.742 1.00 34.45 ? 575 ALA A N   1 
ATOM   877  C  CA  . ALA A 1 120 ? -3.016  -6.051  -12.820 1.00 34.96 ? 575 ALA A CA  1 
ATOM   878  C  C   . ALA A 1 120 ? -4.367  -5.633  -13.399 1.00 35.60 ? 575 ALA A C   1 
ATOM   879  O  O   . ALA A 1 120 ? -5.322  -6.422  -13.400 1.00 35.83 ? 575 ALA A O   1 
ATOM   880  C  CB  . ALA A 1 120 ? -2.786  -5.413  -11.476 1.00 35.13 ? 575 ALA A CB  1 
ATOM   881  N  N   . ILE A 1 121 ? -4.441  -4.408  -13.920 1.00 36.25 ? 576 ILE A N   1 
ATOM   882  C  CA  . ILE A 1 121 ? -5.655  -3.934  -14.603 1.00 36.73 ? 576 ILE A CA  1 
ATOM   883  C  C   . ILE A 1 121 ? -6.144  -4.937  -15.653 1.00 37.30 ? 576 ILE A C   1 
ATOM   884  O  O   . ILE A 1 121 ? -7.351  -5.192  -15.753 1.00 37.34 ? 576 ILE A O   1 
ATOM   885  C  CB  . ILE A 1 121 ? -5.471  -2.523  -15.241 1.00 36.73 ? 576 ILE A CB  1 
ATOM   886  C  CG1 . ILE A 1 121 ? -5.130  -1.482  -14.171 1.00 36.67 ? 576 ILE A CG1 1 
ATOM   887  C  CG2 . ILE A 1 121 ? -6.715  -2.102  -16.041 1.00 36.98 ? 576 ILE A CG2 1 
ATOM   888  C  CD1 . ILE A 1 121 ? -4.636  -0.133  -14.715 1.00 36.62 ? 576 ILE A CD1 1 
ATOM   889  N  N   . LYS A 1 122 ? -5.225  -5.517  -16.425 1.00 38.00 ? 577 LYS A N   1 
ATOM   890  C  CA  . LYS A 1 122 ? -5.634  -6.488  -17.454 1.00 38.84 ? 577 LYS A CA  1 
ATOM   891  C  C   . LYS A 1 122 ? -5.561  -7.968  -17.043 1.00 39.37 ? 577 LYS A C   1 
ATOM   892  O  O   . LYS A 1 122 ? -5.676  -8.859  -17.881 1.00 39.52 ? 577 LYS A O   1 
ATOM   893  C  CB  . LYS A 1 122 ? -4.977  -6.213  -18.825 1.00 38.93 ? 577 LYS A CB  1 
ATOM   894  C  CG  . LYS A 1 122 ? -3.449  -6.244  -18.903 1.00 38.92 ? 577 LYS A CG  1 
ATOM   895  C  CD  . LYS A 1 122 ? -3.008  -5.723  -20.283 1.00 39.12 ? 577 LYS A CD  1 
ATOM   896  C  CE  . LYS A 1 122 ? -1.556  -6.032  -20.603 1.00 38.87 ? 577 LYS A CE  1 
ATOM   897  N  NZ  . LYS A 1 122 ? -1.269  -5.758  -22.052 1.00 38.85 ? 577 LYS A NZ  1 
ATOM   898  N  N   . GLU A 1 123 ? -5.383  -8.222  -15.751 1.00 40.15 ? 578 GLU A N   1 
ATOM   899  C  CA  . GLU A 1 123 ? -5.533  -9.569  -15.207 1.00 41.11 ? 578 GLU A CA  1 
ATOM   900  C  C   . GLU A 1 123 ? -6.934  -9.715  -14.614 1.00 40.84 ? 578 GLU A C   1 
ATOM   901  O  O   . GLU A 1 123 ? -7.366  -8.873  -13.822 1.00 41.04 ? 578 GLU A O   1 
ATOM   902  C  CB  . GLU A 1 123 ? -4.478  -9.831  -14.141 1.00 40.87 ? 578 GLU A CB  1 
ATOM   903  C  CG  . GLU A 1 123 ? -4.411  -11.270 -13.668 1.00 42.19 ? 578 GLU A CG  1 
ATOM   904  C  CD  . GLU A 1 123 ? -3.366  -11.495 -12.566 1.00 43.43 ? 578 GLU A CD  1 
ATOM   905  O  OE1 . GLU A 1 123 ? -2.770  -10.524 -12.025 1.00 43.70 ? 578 GLU A OE1 1 
ATOM   906  O  OE2 . GLU A 1 123 ? -3.139  -12.684 -12.243 1.00 48.90 ? 578 GLU A OE2 1 
ATOM   907  N  N   . ASP A 1 124 ? -7.633  -10.784 -14.985 1.00 40.47 ? 579 ASP A N   1 
ATOM   908  C  CA  . ASP A 1 124 ? -9.001  -10.997 -14.518 1.00 40.51 ? 579 ASP A CA  1 
ATOM   909  C  C   . ASP A 1 124 ? -9.353  -12.469 -14.306 1.00 40.25 ? 579 ASP A C   1 
ATOM   910  O  O   . ASP A 1 124 ? -9.318  -13.240 -15.262 1.00 39.98 ? 579 ASP A O   1 
ATOM   911  C  CB  . ASP A 1 124 ? -9.995  -10.401 -15.514 1.00 40.76 ? 579 ASP A CB  1 
ATOM   912  C  CG  . ASP A 1 124 ? -11.391 -10.328 -14.948 1.00 41.38 ? 579 ASP A CG  1 
ATOM   913  O  OD1 . ASP A 1 124 ? -11.518 -9.925  -13.764 1.00 43.06 ? 579 ASP A OD1 1 
ATOM   914  O  OD2 . ASP A 1 124 ? -12.352 -10.661 -15.676 1.00 39.88 ? 579 ASP A OD2 1 
ATOM   915  N  N   . PRO A 1 125 ? -9.729  -12.863 -13.069 1.00 40.04 ? 580 PRO A N   1 
ATOM   916  C  CA  . PRO A 1 125 ? -9.820  -12.093 -11.821 1.00 39.94 ? 580 PRO A CA  1 
ATOM   917  C  C   . PRO A 1 125 ? -8.461  -11.748 -11.222 1.00 39.58 ? 580 PRO A C   1 
ATOM   918  O  O   . PRO A 1 125 ? -7.481  -12.459 -11.461 1.00 39.87 ? 580 PRO A O   1 
ATOM   919  C  CB  . PRO A 1 125 ? -10.563 -13.042 -10.876 1.00 39.95 ? 580 PRO A CB  1 
ATOM   920  C  CG  . PRO A 1 125 ? -10.239 -14.397 -11.386 1.00 40.41 ? 580 PRO A CG  1 
ATOM   921  C  CD  . PRO A 1 125 ? -10.163 -14.261 -12.874 1.00 40.07 ? 580 PRO A CD  1 
ATOM   922  N  N   . TRP A 1 126 ? -8.415  -10.666 -10.453 1.00 38.74 ? 581 TRP A N   1 
ATOM   923  C  CA  . TRP A 1 126 ? -7.173  -10.204 -9.839  1.00 38.09 ? 581 TRP A CA  1 
ATOM   924  C  C   . TRP A 1 126 ? -7.295  -10.215 -8.321  1.00 38.19 ? 581 TRP A C   1 
ATOM   925  O  O   . TRP A 1 126 ? -8.276  -9.719  -7.783  1.00 38.34 ? 581 TRP A O   1 
ATOM   926  C  CB  . TRP A 1 126 ? -6.817  -8.798  -10.322 1.00 37.21 ? 581 TRP A CB  1 
ATOM   927  C  CG  . TRP A 1 126 ? -5.535  -8.261  -9.716  1.00 37.09 ? 581 TRP A CG  1 
ATOM   928  C  CD1 . TRP A 1 126 ? -4.261  -8.631  -10.042 1.00 36.03 ? 581 TRP A CD1 1 
ATOM   929  C  CD2 . TRP A 1 126 ? -5.410  -7.262  -8.686  1.00 35.86 ? 581 TRP A CD2 1 
ATOM   930  N  NE1 . TRP A 1 126 ? -3.352  -7.927  -9.288  1.00 35.52 ? 581 TRP A NE1 1 
ATOM   931  C  CE2 . TRP A 1 126 ? -4.025  -7.081  -8.447  1.00 36.09 ? 581 TRP A CE2 1 
ATOM   932  C  CE3 . TRP A 1 126 ? -6.332  -6.509  -7.939  1.00 34.83 ? 581 TRP A CE3 1 
ATOM   933  C  CZ2 . TRP A 1 126 ? -3.533  -6.171  -7.488  1.00 36.87 ? 581 TRP A CZ2 1 
ATOM   934  C  CZ3 . TRP A 1 126 ? -5.849  -5.598  -6.988  1.00 35.55 ? 581 TRP A CZ3 1 
ATOM   935  C  CH2 . TRP A 1 126 ? -4.458  -5.443  -6.769  1.00 36.73 ? 581 TRP A CH2 1 
ATOM   936  N  N   . ASN A 1 127 ? -6.306  -10.796 -7.642  1.00 38.07 ? 582 ASN A N   1 
ATOM   937  C  CA  . ASN A 1 127 ? -6.258  -10.796 -6.187  1.00 38.02 ? 582 ASN A CA  1 
ATOM   938  C  C   . ASN A 1 127 ? -5.179  -9.856  -5.750  1.00 37.92 ? 582 ASN A C   1 
ATOM   939  O  O   . ASN A 1 127 ? -4.073  -9.925  -6.268  1.00 37.54 ? 582 ASN A O   1 
ATOM   940  C  CB  . ASN A 1 127 ? -5.929  -12.178 -5.648  1.00 38.10 ? 582 ASN A CB  1 
ATOM   941  C  CG  . ASN A 1 127 ? -7.034  -13.161 -5.871  1.00 39.65 ? 582 ASN A CG  1 
ATOM   942  O  OD1 . ASN A 1 127 ? -8.194  -12.890 -5.557  1.00 42.22 ? 582 ASN A OD1 1 
ATOM   943  N  ND2 . ASN A 1 127 ? -6.689  -14.320 -6.417  1.00 38.80 ? 582 ASN A ND2 1 
ATOM   944  N  N   . CYS A 1 128 ? -5.487  -8.993  -4.785  1.00 37.99 ? 583 CYS A N   1 
ATOM   945  C  CA  . CYS A 1 128 ? -4.549  -7.954  -4.378  1.00 38.32 ? 583 CYS A CA  1 
ATOM   946  C  C   . CYS A 1 128 ? -3.350  -8.560  -3.644  1.00 37.82 ? 583 CYS A C   1 
ATOM   947  O  O   . CYS A 1 128 ? -3.262  -9.773  -3.429  1.00 37.83 ? 583 CYS A O   1 
ATOM   948  C  CB  . CYS A 1 128 ? -5.256  -6.916  -3.513  1.00 38.62 ? 583 CYS A CB  1 
ATOM   949  S  SG  . CYS A 1 128 ? -5.362  -7.380  -1.751  1.00 39.95 ? 583 CYS A SG  1 
ATOM   950  N  N   . TYR A 1 129 ? -2.438  -7.708  -3.242  1.00 38.07 ? 584 TYR A N   1 
ATOM   951  C  CA  . TYR A 1 129 ? -1.177  -8.139  -2.637  1.00 38.60 ? 584 TYR A CA  1 
ATOM   952  C  C   . TYR A 1 129 ? -1.373  -8.680  -1.219  1.00 39.31 ? 584 TYR A C   1 
ATOM   953  O  O   . TYR A 1 129 ? -0.479  -9.347  -0.684  1.00 39.64 ? 584 TYR A O   1 
ATOM   954  C  CB  . TYR A 1 129 ? -0.173  -6.988  -2.678  1.00 37.52 ? 584 TYR A CB  1 
ATOM   955  C  CG  . TYR A 1 129 ? -0.077  -6.435  -4.086  1.00 38.89 ? 584 TYR A CG  1 
ATOM   956  C  CD1 . TYR A 1 129 ? -0.675  -5.212  -4.431  1.00 38.56 ? 584 TYR A CD1 1 
ATOM   957  C  CD2 . TYR A 1 129 ? 0.553   -7.174  -5.098  1.00 38.56 ? 584 TYR A CD2 1 
ATOM   958  C  CE1 . TYR A 1 129 ? -0.622  -4.735  -5.735  1.00 39.21 ? 584 TYR A CE1 1 
ATOM   959  C  CE2 . TYR A 1 129 ? 0.615   -6.706  -6.396  1.00 38.53 ? 584 TYR A CE2 1 
ATOM   960  C  CZ  . TYR A 1 129 ? 0.028   -5.491  -6.714  1.00 39.15 ? 584 TYR A CZ  1 
ATOM   961  O  OH  . TYR A 1 129 ? 0.096   -5.048  -8.018  1.00 39.44 ? 584 TYR A OH  1 
ATOM   962  N  N   . MET A 1 130 ? -2.541  -8.411  -0.629  1.00 39.61 ? 585 MET A N   1 
ATOM   963  C  CA  . MET A 1 130 ? -2.886  -8.999  0.652   1.00 40.69 ? 585 MET A CA  1 
ATOM   964  C  C   . MET A 1 130 ? -3.473  -10.396 0.485   1.00 41.79 ? 585 MET A C   1 
ATOM   965  O  O   . MET A 1 130 ? -3.351  -11.224 1.385   1.00 42.83 ? 585 MET A O   1 
ATOM   966  C  CB  . MET A 1 130 ? -3.846  -8.089  1.441   1.00 40.81 ? 585 MET A CB  1 
ATOM   967  C  CG  . MET A 1 130 ? -3.158  -6.822  2.017   1.00 39.98 ? 585 MET A CG  1 
ATOM   968  S  SD  . MET A 1 130 ? -1.742  -7.280  3.055   1.00 44.64 ? 585 MET A SD  1 
ATOM   969  C  CE  . MET A 1 130 ? -2.588  -8.145  4.365   1.00 40.33 ? 585 MET A CE  1 
ATOM   970  N  N   . CYS A 1 131 ? -4.110  -10.667 -0.658  1.00 42.15 ? 586 CYS A N   1 
ATOM   971  C  CA  . CYS A 1 131 ? -4.749  -11.969 -0.886  1.00 42.34 ? 586 CYS A CA  1 
ATOM   972  C  C   . CYS A 1 131 ? -3.881  -13.003 -1.610  1.00 42.52 ? 586 CYS A C   1 
ATOM   973  O  O   . CYS A 1 131 ? -4.014  -14.195 -1.360  1.00 42.52 ? 586 CYS A O   1 
ATOM   974  C  CB  . CYS A 1 131 ? -6.067  -11.795 -1.640  1.00 42.42 ? 586 CYS A CB  1 
ATOM   975  S  SG  . CYS A 1 131 ? -7.238  -10.718 -0.809  1.00 41.85 ? 586 CYS A SG  1 
ATOM   976  N  N   . GLY A 1 132 ? -3.010  -12.554 -2.506  1.00 43.00 ? 587 GLY A N   1 
ATOM   977  C  CA  . GLY A 1 132 ? -2.204  -13.467 -3.337  1.00 43.44 ? 587 GLY A CA  1 
ATOM   978  C  C   . GLY A 1 132 ? -1.356  -14.443 -2.535  1.00 43.80 ? 587 GLY A C   1 
ATOM   979  O  O   . GLY A 1 132 ? -0.808  -14.084 -1.486  1.00 43.62 ? 587 GLY A O   1 
ATOM   980  N  N   . HIS A 1 133 ? -1.239  -15.677 -3.028  1.00 44.10 ? 588 HIS A N   1 
ATOM   981  C  CA  . HIS A 1 133 ? -0.546  -16.731 -2.278  1.00 44.55 ? 588 HIS A CA  1 
ATOM   982  C  C   . HIS A 1 133 ? 0.969   -16.511 -2.108  1.00 44.25 ? 588 HIS A C   1 
ATOM   983  O  O   . HIS A 1 133 ? 1.544   -16.922 -1.102  1.00 44.17 ? 588 HIS A O   1 
ATOM   984  C  CB  . HIS A 1 133 ? -0.918  -18.158 -2.783  1.00 44.84 ? 588 HIS A CB  1 
ATOM   985  C  CG  . HIS A 1 133 ? -0.082  -18.671 -3.924  1.00 46.53 ? 588 HIS A CG  1 
ATOM   986  N  ND1 . HIS A 1 133 ? 0.361   -17.875 -4.961  1.00 48.11 ? 588 HIS A ND1 1 
ATOM   987  C  CD2 . HIS A 1 133 ? 0.341   -19.928 -4.214  1.00 48.50 ? 588 HIS A CD2 1 
ATOM   988  C  CE1 . HIS A 1 133 ? 1.050   -18.608 -5.820  1.00 47.84 ? 588 HIS A CE1 1 
ATOM   989  N  NE2 . HIS A 1 133 ? 1.048   -19.859 -5.393  1.00 49.04 ? 588 HIS A NE2 1 
ATOM   990  N  N   . LYS A 1 134 ? 1.603   -15.831 -3.057  1.00 44.12 ? 589 LYS A N   1 
ATOM   991  C  CA  . LYS A 1 134 ? 3.061   -15.684 -3.014  1.00 44.11 ? 589 LYS A CA  1 
ATOM   992  C  C   . LYS A 1 134 ? 3.600   -14.820 -1.853  1.00 43.51 ? 589 LYS A C   1 
ATOM   993  O  O   . LYS A 1 134 ? 4.666   -15.107 -1.301  1.00 43.92 ? 589 LYS A O   1 
ATOM   994  C  CB  . LYS A 1 134 ? 3.627   -15.187 -4.349  1.00 44.27 ? 589 LYS A CB  1 
ATOM   995  C  CG  . LYS A 1 134 ? 4.993   -15.769 -4.621  1.00 45.50 ? 589 LYS A CG  1 
ATOM   996  C  CD  . LYS A 1 134 ? 6.029   -14.711 -4.920  1.00 47.36 ? 589 LYS A CD  1 
ATOM   997  C  CE  . LYS A 1 134 ? 6.514   -14.798 -6.354  1.00 47.30 ? 589 LYS A CE  1 
ATOM   998  N  NZ  . LYS A 1 134 ? 7.820   -14.118 -6.478  1.00 47.27 ? 589 LYS A NZ  1 
ATOM   999  N  N   . GLY A 1 135 ? 2.896   -13.758 -1.489  1.00 42.15 ? 590 GLY A N   1 
ATOM   1000 C  CA  . GLY A 1 135 ? 3.392   -12.911 -0.411  1.00 41.33 ? 590 GLY A CA  1 
ATOM   1001 C  C   . GLY A 1 135 ? 4.423   -11.831 -0.750  1.00 40.70 ? 590 GLY A C   1 
ATOM   1002 O  O   . GLY A 1 135 ? 4.492   -10.835 -0.041  1.00 40.97 ? 590 GLY A O   1 
ATOM   1003 N  N   . THR A 1 136 ? 5.197   -12.005 -1.822  1.00 39.57 ? 591 THR A N   1 
ATOM   1004 C  CA  . THR A 1 136 ? 6.217   -11.038 -2.238  1.00 39.65 ? 591 THR A CA  1 
ATOM   1005 C  C   . THR A 1 136 ? 5.996   -10.596 -3.677  1.00 39.63 ? 591 THR A C   1 
ATOM   1006 O  O   . THR A 1 136 ? 5.880   -11.427 -4.573  1.00 40.38 ? 591 THR A O   1 
ATOM   1007 C  CB  . THR A 1 136 ? 7.657   -11.612 -2.113  1.00 39.50 ? 591 THR A CB  1 
ATOM   1008 O  OG1 . THR A 1 136 ? 7.928   -11.896 -0.747  1.00 40.63 ? 591 THR A OG1 1 
ATOM   1009 C  CG2 . THR A 1 136 ? 8.723   -10.614 -2.611  1.00 38.75 ? 591 THR A CG2 1 
ATOM   1010 N  N   . TYR A 1 137 ? 5.944   -9.287  -3.887  1.00 39.44 ? 592 TYR A N   1 
ATOM   1011 C  CA  . TYR A 1 137 ? 5.793   -8.690  -5.214  1.00 39.76 ? 592 TYR A CA  1 
ATOM   1012 C  C   . TYR A 1 137 ? 6.631   -7.399  -5.289  1.00 39.94 ? 592 TYR A C   1 
ATOM   1013 O  O   . TYR A 1 137 ? 6.249   -6.341  -4.761  1.00 39.88 ? 592 TYR A O   1 
ATOM   1014 C  CB  . TYR A 1 137 ? 4.312   -8.402  -5.510  1.00 39.72 ? 592 TYR A CB  1 
ATOM   1015 C  CG  . TYR A 1 137 ? 3.393   -9.503  -5.046  1.00 40.94 ? 592 TYR A CG  1 
ATOM   1016 C  CD1 . TYR A 1 137 ? 3.161   -10.636 -5.839  1.00 40.81 ? 592 TYR A CD1 1 
ATOM   1017 C  CD2 . TYR A 1 137 ? 2.761   -9.428  -3.802  1.00 41.50 ? 592 TYR A CD2 1 
ATOM   1018 C  CE1 . TYR A 1 137 ? 2.322   -11.660 -5.402  1.00 39.84 ? 592 TYR A CE1 1 
ATOM   1019 C  CE2 . TYR A 1 137 ? 1.928   -10.450 -3.360  1.00 41.75 ? 592 TYR A CE2 1 
ATOM   1020 C  CZ  . TYR A 1 137 ? 1.715   -11.552 -4.163  1.00 41.13 ? 592 TYR A CZ  1 
ATOM   1021 O  OH  . TYR A 1 137 ? 0.881   -12.544 -3.704  1.00 42.77 ? 592 TYR A OH  1 
ATOM   1022 N  N   . GLY A 1 138 ? 7.797   -7.505  -5.906  1.00 40.34 ? 593 GLY A N   1 
ATOM   1023 C  CA  . GLY A 1 138 ? 8.726   -6.373  -6.015  1.00 40.37 ? 593 GLY A CA  1 
ATOM   1024 C  C   . GLY A 1 138 ? 9.306   -6.041  -4.656  1.00 39.80 ? 593 GLY A C   1 
ATOM   1025 O  O   . GLY A 1 138 ? 9.925   -6.885  -4.025  1.00 40.57 ? 593 GLY A O   1 
ATOM   1026 N  N   . LEU A 1 139 ? 9.099   -4.814  -4.203  1.00 39.36 ? 594 LEU A N   1 
ATOM   1027 C  CA  . LEU A 1 139 ? 9.530   -4.432  -2.870  1.00 39.03 ? 594 LEU A CA  1 
ATOM   1028 C  C   . LEU A 1 139 ? 8.448   -4.753  -1.850  1.00 40.09 ? 594 LEU A C   1 
ATOM   1029 O  O   . LEU A 1 139 ? 8.702   -4.734  -0.649  1.00 40.79 ? 594 LEU A O   1 
ATOM   1030 C  CB  . LEU A 1 139 ? 9.920   -2.942  -2.822  1.00 38.54 ? 594 LEU A CB  1 
ATOM   1031 C  CG  . LEU A 1 139 ? 11.113  -2.513  -3.685  1.00 36.98 ? 594 LEU A CG  1 
ATOM   1032 C  CD1 . LEU A 1 139 ? 11.299  -0.996  -3.618  1.00 34.62 ? 594 LEU A CD1 1 
ATOM   1033 C  CD2 . LEU A 1 139 ? 12.354  -3.259  -3.261  1.00 32.39 ? 594 LEU A CD2 1 
ATOM   1034 N  N   . LEU A 1 140 ? 7.248   -5.064  -2.329  1.00 40.56 ? 595 LEU A N   1 
ATOM   1035 C  CA  . LEU A 1 140 ? 6.124   -5.402  -1.453  1.00 42.51 ? 595 LEU A CA  1 
ATOM   1036 C  C   . LEU A 1 140 ? 6.247   -6.812  -0.857  1.00 42.07 ? 595 LEU A C   1 
ATOM   1037 O  O   . LEU A 1 140 ? 6.150   -7.813  -1.579  1.00 42.95 ? 595 LEU A O   1 
ATOM   1038 C  CB  . LEU A 1 140 ? 4.818   -5.272  -2.241  1.00 42.15 ? 595 LEU A CB  1 
ATOM   1039 C  CG  . LEU A 1 140 ? 3.692   -4.433  -1.694  1.00 45.89 ? 595 LEU A CG  1 
ATOM   1040 C  CD1 . LEU A 1 140 ? 4.220   -3.116  -1.129  1.00 44.93 ? 595 LEU A CD1 1 
ATOM   1041 C  CD2 . LEU A 1 140 ? 2.601   -4.201  -2.760  1.00 44.45 ? 595 LEU A CD2 1 
ATOM   1042 N  N   . ARG A 1 141 ? 6.477   -6.889  0.450   1.00 42.02 ? 596 ARG A N   1 
ATOM   1043 C  CA  . ARG A 1 141 ? 6.660   -8.161  1.148   1.00 43.04 ? 596 ARG A CA  1 
ATOM   1044 C  C   . ARG A 1 141 ? 5.687   -8.186  2.317   1.00 42.17 ? 596 ARG A C   1 
ATOM   1045 O  O   . ARG A 1 141 ? 5.905   -7.507  3.326   1.00 42.10 ? 596 ARG A O   1 
ATOM   1046 C  CB  . ARG A 1 141 ? 8.124   -8.318  1.596   1.00 42.97 ? 596 ARG A CB  1 
ATOM   1047 C  CG  . ARG A 1 141 ? 8.474   -9.576  2.406   1.00 45.89 ? 596 ARG A CG  1 
ATOM   1048 C  CD  . ARG A 1 141 ? 9.936   -10.053 2.161   1.00 47.49 ? 596 ARG A CD  1 
ATOM   1049 N  NE  . ARG A 1 141 ? 11.000  -9.241  2.791   1.00 57.16 ? 596 ARG A NE  1 
ATOM   1050 C  CZ  . ARG A 1 141 ? 11.470  -8.075  2.318   1.00 60.00 ? 596 ARG A CZ  1 
ATOM   1051 N  NH1 . ARG A 1 141 ? 10.964  -7.545  1.211   1.00 61.50 ? 596 ARG A NH1 1 
ATOM   1052 N  NH2 . ARG A 1 141 ? 12.445  -7.423  2.959   1.00 60.57 ? 596 ARG A NH2 1 
ATOM   1053 N  N   . ARG A 1 142 ? 4.586   -8.924  2.133   1.00 41.22 ? 597 ARG A N   1 
ATOM   1054 C  CA  . ARG A 1 142 ? 3.552   -9.106  3.139   1.00 40.42 ? 597 ARG A CA  1 
ATOM   1055 C  C   . ARG A 1 142 ? 4.136   -9.783  4.380   1.00 40.08 ? 597 ARG A C   1 
ATOM   1056 O  O   . ARG A 1 142 ? 4.888   -10.746 4.259   1.00 39.51 ? 597 ARG A O   1 
ATOM   1057 C  CB  . ARG A 1 142 ? 2.404   -9.938  2.574   1.00 40.47 ? 597 ARG A CB  1 
ATOM   1058 C  CG  . ARG A 1 142 ? 1.227   -10.062 3.526   1.00 40.00 ? 597 ARG A CG  1 
ATOM   1059 C  CD  . ARG A 1 142 ? 0.003   -10.687 2.899   1.00 37.65 ? 597 ARG A CD  1 
ATOM   1060 N  NE  . ARG A 1 142 ? 0.167   -12.111 2.612   1.00 39.02 ? 597 ARG A NE  1 
ATOM   1061 C  CZ  . ARG A 1 142 ? 0.040   -12.652 1.398   1.00 38.71 ? 597 ARG A CZ  1 
ATOM   1062 N  NH1 . ARG A 1 142 ? -0.250  -11.898 0.342   1.00 37.75 ? 597 ARG A NH1 1 
ATOM   1063 N  NH2 . ARG A 1 142 ? 0.190   -13.956 1.239   1.00 38.72 ? 597 ARG A NH2 1 
ATOM   1064 N  N   . ARG A 1 143 ? 3.821   -9.244  5.558   1.00 39.35 ? 598 ARG A N   1 
ATOM   1065 C  CA  . ARG A 1 143 ? 4.264   -9.817  6.830   1.00 39.42 ? 598 ARG A CA  1 
ATOM   1066 C  C   . ARG A 1 143 ? 3.572   -11.164 7.086   1.00 39.82 ? 598 ARG A C   1 
ATOM   1067 O  O   . ARG A 1 143 ? 2.360   -11.304 6.852   1.00 39.00 ? 598 ARG A O   1 
ATOM   1068 C  CB  . ARG A 1 143 ? 3.902   -8.888  7.992   1.00 39.47 ? 598 ARG A CB  1 
ATOM   1069 C  CG  . ARG A 1 143 ? 4.297   -7.429  7.847   1.00 38.35 ? 598 ARG A CG  1 
ATOM   1070 C  CD  . ARG A 1 143 ? 5.491   -7.135  8.664   1.00 36.79 ? 598 ARG A CD  1 
ATOM   1071 N  NE  . ARG A 1 143 ? 5.796   -5.718  8.712   1.00 36.08 ? 598 ARG A NE  1 
ATOM   1072 C  CZ  . ARG A 1 143 ? 6.979   -5.235  9.052   1.00 34.68 ? 598 ARG A CZ  1 
ATOM   1073 N  NH1 . ARG A 1 143 ? 7.948   -6.063  9.395   1.00 33.95 ? 598 ARG A NH1 1 
ATOM   1074 N  NH2 . ARG A 1 143 ? 7.194   -3.921  9.049   1.00 35.15 ? 598 ARG A NH2 1 
ATOM   1075 N  N   . GLU A 1 144 ? 4.341   -12.136 7.586   1.00 40.31 ? 599 GLU A N   1 
ATOM   1076 C  CA  . GLU A 1 144 ? 3.802   -13.423 7.978   1.00 41.14 ? 599 GLU A CA  1 
ATOM   1077 C  C   . GLU A 1 144 ? 2.727   -13.199 9.058   1.00 40.68 ? 599 GLU A C   1 
ATOM   1078 O  O   . GLU A 1 144 ? 1.716   -13.885 9.077   1.00 40.95 ? 599 GLU A O   1 
ATOM   1079 C  CB  . GLU A 1 144 ? 4.925   -14.387 8.456   1.00 41.46 ? 599 GLU A CB  1 
ATOM   1080 C  CG  . GLU A 1 144 ? 5.760   -15.058 7.311   1.00 42.95 ? 599 GLU A CG  1 
ATOM   1081 C  CD  . GLU A 1 144 ? 7.011   -15.887 7.789   1.00 43.67 ? 599 GLU A CD  1 
ATOM   1082 O  OE1 . GLU A 1 144 ? 6.867   -16.905 8.522   1.00 45.52 ? 599 GLU A OE1 1 
ATOM   1083 O  OE2 . GLU A 1 144 ? 8.153   -15.531 7.399   1.00 46.04 ? 599 GLU A OE2 1 
ATOM   1084 N  N   . ASP A 1 145 ? 2.935   -12.201 9.913   1.00 40.18 ? 600 ASP A N   1 
ATOM   1085 C  CA  . ASP A 1 145 ? 2.086   -11.971 11.086  1.00 39.69 ? 600 ASP A CA  1 
ATOM   1086 C  C   . ASP A 1 145 ? 1.266   -10.665 11.008  1.00 39.30 ? 600 ASP A C   1 
ATOM   1087 O  O   . ASP A 1 145 ? 1.019   -10.022 12.033  1.00 39.47 ? 600 ASP A O   1 
ATOM   1088 C  CB  . ASP A 1 145 ? 2.943   -11.984 12.364  1.00 39.54 ? 600 ASP A CB  1 
ATOM   1089 C  CG  . ASP A 1 145 ? 4.063   -10.922 12.339  1.00 39.77 ? 600 ASP A CG  1 
ATOM   1090 O  OD1 . ASP A 1 145 ? 4.275   -10.292 11.279  1.00 36.53 ? 600 ASP A OD1 1 
ATOM   1091 O  OD2 . ASP A 1 145 ? 4.732   -10.726 13.384  1.00 39.46 ? 600 ASP A OD2 1 
ATOM   1092 N  N   . TRP A 1 146 ? 0.811   -10.292 9.815   1.00 38.36 ? 601 TRP A N   1 
ATOM   1093 C  CA  . TRP A 1 146 ? 0.050   -9.060  9.675   1.00 37.97 ? 601 TRP A CA  1 
ATOM   1094 C  C   . TRP A 1 146 ? -1.228  -9.010  10.551  1.00 37.72 ? 601 TRP A C   1 
ATOM   1095 O  O   . TRP A 1 146 ? -1.579  -7.930  11.022  1.00 36.90 ? 601 TRP A O   1 
ATOM   1096 C  CB  . TRP A 1 146 ? -0.238  -8.700  8.202   1.00 37.93 ? 601 TRP A CB  1 
ATOM   1097 C  CG  . TRP A 1 146 ? -1.158  -9.650  7.491   1.00 39.69 ? 601 TRP A CG  1 
ATOM   1098 C  CD1 . TRP A 1 146 ? -0.801  -10.737 6.734   1.00 38.65 ? 601 TRP A CD1 1 
ATOM   1099 C  CD2 . TRP A 1 146 ? -2.607  -9.617  7.492   1.00 39.49 ? 601 TRP A CD2 1 
ATOM   1100 N  NE1 . TRP A 1 146 ? -1.929  -11.374 6.267   1.00 39.68 ? 601 TRP A NE1 1 
ATOM   1101 C  CE2 . TRP A 1 146 ? -3.047  -10.711 6.712   1.00 40.02 ? 601 TRP A CE2 1 
ATOM   1102 C  CE3 . TRP A 1 146 ? -3.562  -8.771  8.081   1.00 38.51 ? 601 TRP A CE3 1 
ATOM   1103 C  CZ2 . TRP A 1 146 ? -4.412  -10.987 6.502   1.00 40.87 ? 601 TRP A CZ2 1 
ATOM   1104 C  CZ3 . TRP A 1 146 ? -4.922  -9.033  7.866   1.00 39.89 ? 601 TRP A CZ3 1 
ATOM   1105 C  CH2 . TRP A 1 146 ? -5.336  -10.143 7.093   1.00 39.80 ? 601 TRP A CH2 1 
ATOM   1106 N  N   . PRO A 1 147 ? -1.913  -10.165 10.785  1.00 37.35 ? 602 PRO A N   1 
ATOM   1107 C  CA  . PRO A 1 147 ? -3.138  -10.049 11.578  1.00 37.30 ? 602 PRO A CA  1 
ATOM   1108 C  C   . PRO A 1 147 ? -2.896  -9.594  13.017  1.00 37.40 ? 602 PRO A C   1 
ATOM   1109 O  O   . PRO A 1 147 ? -3.629  -8.729  13.491  1.00 37.34 ? 602 PRO A O   1 
ATOM   1110 C  CB  . PRO A 1 147 ? -3.737  -11.471 11.540  1.00 37.09 ? 602 PRO A CB  1 
ATOM   1111 C  CG  . PRO A 1 147 ? -3.067  -12.134 10.399  1.00 37.34 ? 602 PRO A CG  1 
ATOM   1112 C  CD  . PRO A 1 147 ? -1.685  -11.561 10.371  1.00 37.22 ? 602 PRO A CD  1 
ATOM   1113 N  N   . SER A 1 148 ? -1.891  -10.148 13.701  1.00 36.89 ? 603 SER A N   1 
ATOM   1114 C  CA  . SER A 1 148 ? -1.559  -9.663  15.054  1.00 37.65 ? 603 SER A CA  1 
ATOM   1115 C  C   . SER A 1 148 ? -0.959  -8.240  15.048  1.00 37.72 ? 603 SER A C   1 
ATOM   1116 O  O   . SER A 1 148 ? -1.270  -7.430  15.925  1.00 37.92 ? 603 SER A O   1 
ATOM   1117 C  CB  . SER A 1 148 ? -0.668  -10.651 15.840  1.00 37.29 ? 603 SER A CB  1 
ATOM   1118 O  OG  . SER A 1 148 ? 0.334   -11.184 14.995  1.00 38.41 ? 603 SER A OG  1 
ATOM   1119 N  N   . ARG A 1 149 ? -0.124  -7.933  14.064  1.00 37.43 ? 604 ARG A N   1 
ATOM   1120 C  CA  . ARG A 1 149 ? 0.372   -6.566  13.911  1.00 37.93 ? 604 ARG A CA  1 
ATOM   1121 C  C   . ARG A 1 149 ? -0.775  -5.583  13.716  1.00 38.67 ? 604 ARG A C   1 
ATOM   1122 O  O   . ARG A 1 149 ? -0.816  -4.546  14.369  1.00 38.53 ? 604 ARG A O   1 
ATOM   1123 C  CB  . ARG A 1 149 ? 1.342   -6.465  12.738  1.00 37.89 ? 604 ARG A CB  1 
ATOM   1124 C  CG  . ARG A 1 149 ? 2.753   -6.950  13.087  1.00 38.26 ? 604 ARG A CG  1 
ATOM   1125 C  CD  . ARG A 1 149 ? 3.587   -7.049  11.826  1.00 38.11 ? 604 ARG A CD  1 
ATOM   1126 N  NE  . ARG A 1 149 ? 4.945   -7.451  12.153  1.00 37.81 ? 604 ARG A NE  1 
ATOM   1127 C  CZ  . ARG A 1 149 ? 5.892   -6.611  12.552  1.00 37.27 ? 604 ARG A CZ  1 
ATOM   1128 N  NH1 . ARG A 1 149 ? 5.634   -5.310  12.671  1.00 38.02 ? 604 ARG A NH1 1 
ATOM   1129 N  NH2 . ARG A 1 149 ? 7.087   -7.076  12.857  1.00 34.57 ? 604 ARG A NH2 1 
ATOM   1130 N  N   . LEU A 1 150 ? -1.715  -5.931  12.837  1.00 39.12 ? 605 LEU A N   1 
ATOM   1131 C  CA  . LEU A 1 150 ? -2.848  -5.076  12.522  1.00 40.45 ? 605 LEU A CA  1 
ATOM   1132 C  C   . LEU A 1 150 ? -3.712  -4.880  13.782  1.00 41.09 ? 605 LEU A C   1 
ATOM   1133 O  O   . LEU A 1 150 ? -4.091  -3.760  14.120  1.00 41.14 ? 605 LEU A O   1 
ATOM   1134 C  CB  . LEU A 1 150 ? -3.631  -5.672  11.339  1.00 40.30 ? 605 LEU A CB  1 
ATOM   1135 C  CG  . LEU A 1 150 ? -4.476  -4.776  10.438  1.00 42.29 ? 605 LEU A CG  1 
ATOM   1136 C  CD1 . LEU A 1 150 ? -3.625  -3.763  9.683   1.00 41.42 ? 605 LEU A CD1 1 
ATOM   1137 C  CD2 . LEU A 1 150 ? -5.345  -5.608  9.495   1.00 40.64 ? 605 LEU A CD2 1 
ATOM   1138 N  N   . GLN A 1 151 ? -3.949  -5.955  14.527  1.00 41.68 ? 606 GLN A N   1 
ATOM   1139 C  CA  . GLN A 1 151 ? -4.688  -5.855  15.763  1.00 42.75 ? 606 GLN A CA  1 
ATOM   1140 C  C   . GLN A 1 151 ? -4.014  -4.927  16.786  1.00 42.95 ? 606 GLN A C   1 
ATOM   1141 O  O   . GLN A 1 151 ? -4.694  -4.103  17.412  1.00 43.40 ? 606 GLN A O   1 
ATOM   1142 C  CB  . GLN A 1 151 ? -4.905  -7.246  16.382  1.00 43.21 ? 606 GLN A CB  1 
ATOM   1143 C  CG  . GLN A 1 151 ? -6.094  -8.012  15.815  1.00 45.65 ? 606 GLN A CG  1 
ATOM   1144 C  CD  . GLN A 1 151 ? -6.761  -8.871  16.863  1.00 49.92 ? 606 GLN A CD  1 
ATOM   1145 O  OE1 . GLN A 1 151 ? -7.852  -8.544  17.359  1.00 51.30 ? 606 GLN A OE1 1 
ATOM   1146 N  NE2 . GLN A 1 151 ? -6.092  -9.959  17.250  1.00 51.45 ? 606 GLN A NE2 1 
ATOM   1147 N  N   . MET A 1 152 ? -2.698  -5.079  16.972  1.00 42.40 ? 607 MET A N   1 
ATOM   1148 C  CA  . MET A 1 152 ? -1.926  -4.219  17.876  1.00 42.80 ? 607 MET A CA  1 
ATOM   1149 C  C   . MET A 1 152 ? -2.017  -2.757  17.426  1.00 41.37 ? 607 MET A C   1 
ATOM   1150 O  O   . MET A 1 152 ? -2.249  -1.857  18.230  1.00 41.25 ? 607 MET A O   1 
ATOM   1151 C  CB  . MET A 1 152 ? -0.454  -4.674  17.965  1.00 42.25 ? 607 MET A CB  1 
ATOM   1152 C  CG  . MET A 1 152 ? -0.212  -5.998  18.753  1.00 44.30 ? 607 MET A CG  1 
ATOM   1153 S  SD  . MET A 1 152 ? 1.558   -6.394  19.102  1.00 47.63 ? 607 MET A SD  1 
ATOM   1154 C  CE  . MET A 1 152 ? 2.336   -6.384  17.438  1.00 44.83 ? 607 MET A CE  1 
ATOM   1155 N  N   . PHE A 1 153 ? -1.881  -2.548  16.122  1.00 40.38 ? 608 PHE A N   1 
ATOM   1156 C  CA  . PHE A 1 153 ? -1.913  -1.237  15.492  1.00 39.85 ? 608 PHE A CA  1 
ATOM   1157 C  C   . PHE A 1 153 ? -3.202  -0.468  15.781  1.00 39.62 ? 608 PHE A C   1 
ATOM   1158 O  O   . PHE A 1 153 ? -3.165  0.743   15.971  1.00 38.91 ? 608 PHE A O   1 
ATOM   1159 C  CB  . PHE A 1 153 ? -1.763  -1.450  13.993  1.00 40.43 ? 608 PHE A CB  1 
ATOM   1160 C  CG  . PHE A 1 153 ? -1.441  -0.229  13.220  1.00 40.43 ? 608 PHE A CG  1 
ATOM   1161 C  CD1 . PHE A 1 153 ? -0.110  0.153   13.023  1.00 41.28 ? 608 PHE A CD1 1 
ATOM   1162 C  CD2 . PHE A 1 153 ? -2.453  0.513   12.628  1.00 42.04 ? 608 PHE A CD2 1 
ATOM   1163 C  CE1 . PHE A 1 153 ? 0.206   1.277   12.263  1.00 40.94 ? 608 PHE A CE1 1 
ATOM   1164 C  CE2 . PHE A 1 153 ? -2.147  1.654   11.851  1.00 43.87 ? 608 PHE A CE2 1 
ATOM   1165 C  CZ  . PHE A 1 153 ? -0.806  2.036   11.673  1.00 40.67 ? 608 PHE A CZ  1 
ATOM   1166 N  N   . PHE A 1 154 ? -4.333  -1.173  15.827  1.00 39.99 ? 609 PHE A N   1 
ATOM   1167 C  CA  . PHE A 1 154 ? -5.636  -0.531  16.023  1.00 40.20 ? 609 PHE A CA  1 
ATOM   1168 C  C   . PHE A 1 154 ? -6.070  -0.444  17.461  1.00 41.29 ? 609 PHE A C   1 
ATOM   1169 O  O   . PHE A 1 154 ? -7.037  0.245   17.779  1.00 42.47 ? 609 PHE A O   1 
ATOM   1170 C  CB  . PHE A 1 154 ? -6.710  -1.200  15.163  1.00 39.43 ? 609 PHE A CB  1 
ATOM   1171 C  CG  . PHE A 1 154 ? -6.694  -0.725  13.751  1.00 38.96 ? 609 PHE A CG  1 
ATOM   1172 C  CD1 . PHE A 1 154 ? -7.528  0.309   13.348  1.00 37.58 ? 609 PHE A CD1 1 
ATOM   1173 C  CD2 . PHE A 1 154 ? -5.812  -1.269  12.839  1.00 36.24 ? 609 PHE A CD2 1 
ATOM   1174 C  CE1 . PHE A 1 154 ? -7.491  0.784   12.047  1.00 36.49 ? 609 PHE A CE1 1 
ATOM   1175 C  CE2 . PHE A 1 154 ? -5.763  -0.806  11.535  1.00 39.36 ? 609 PHE A CE2 1 
ATOM   1176 C  CZ  . PHE A 1 154 ? -6.612  0.212   11.126  1.00 38.84 ? 609 PHE A CZ  1 
ATOM   1177 N  N   . ALA A 1 155 ? -5.359  -1.143  18.334  1.00 42.10 ? 610 ALA A N   1 
ATOM   1178 C  CA  . ALA A 1 155 ? -5.683  -1.162  19.761  1.00 43.16 ? 610 ALA A CA  1 
ATOM   1179 C  C   . ALA A 1 155 ? -5.051  0.000   20.547  1.00 43.81 ? 610 ALA A C   1 
ATOM   1180 O  O   . ALA A 1 155 ? -5.537  0.366   21.632  1.00 44.26 ? 610 ALA A O   1 
ATOM   1181 C  CB  . ALA A 1 155 ? -5.255  -2.499  20.371  1.00 43.06 ? 610 ALA A CB  1 
HETATM 1182 ZN ZN  . ZN  B 2 .   ? 4.581   8.649   6.210   1.00 53.55 ? 1   ZN  A ZN  1 
HETATM 1183 ZN ZN  . ZN  C 2 .   ? -0.955  4.311   -2.888  1.00 54.05 ? 2   ZN  A ZN  1 
HETATM 1184 ZN ZN  . ZN  D 2 .   ? -7.371  -8.637  -1.543  1.00 64.59 ? 3   ZN  A ZN  1 
HETATM 1185 C  C1  . EDO E 3 .   ? -6.234  1.728   5.169   1.00 68.83 ? 615 EDO A C1  1 
HETATM 1186 O  O1  . EDO E 3 .   ? -6.497  0.404   4.718   1.00 69.77 ? 615 EDO A O1  1 
HETATM 1187 C  C2  . EDO E 3 .   ? -5.756  2.508   3.961   1.00 69.05 ? 615 EDO A C2  1 
HETATM 1188 O  O2  . EDO E 3 .   ? -6.886  2.905   3.181   1.00 68.70 ? 615 EDO A O2  1 
HETATM 1189 C  C1  . EDO F 3 .   ? 9.820   -1.989  9.283   1.00 66.30 ? 616 EDO A C1  1 
HETATM 1190 O  O1  . EDO F 3 .   ? 9.894   -3.403  9.082   1.00 65.12 ? 616 EDO A O1  1 
HETATM 1191 C  C2  . EDO F 3 .   ? 10.754  -1.366  10.320  1.00 66.64 ? 616 EDO A C2  1 
HETATM 1192 O  O2  . EDO F 3 .   ? 10.467  0.047   10.385  1.00 63.97 ? 616 EDO A O2  1 
HETATM 1193 C  C1  . EDO G 3 .   ? -12.393 -2.528  10.110  1.00 79.44 ? 617 EDO A C1  1 
HETATM 1194 O  O1  . EDO G 3 .   ? -13.261 -2.766  8.990   1.00 79.22 ? 617 EDO A O1  1 
HETATM 1195 C  C2  . EDO G 3 .   ? -11.428 -1.434  9.695   1.00 80.57 ? 617 EDO A C2  1 
HETATM 1196 O  O2  . EDO G 3 .   ? -11.617 -1.168  8.299   1.00 81.78 ? 617 EDO A O2  1 
HETATM 1197 C  C1  . EDO H 3 .   ? -0.138  -10.289 -7.737  1.00 83.85 ? 4   EDO A C1  1 
HETATM 1198 O  O1  . EDO H 3 .   ? -0.891  -9.399  -8.568  1.00 85.71 ? 4   EDO A O1  1 
HETATM 1199 C  C2  . EDO H 3 .   ? -0.929  -10.600 -6.477  1.00 83.64 ? 4   EDO A C2  1 
HETATM 1200 O  O2  . EDO H 3 .   ? -2.040  -11.426 -6.830  1.00 84.23 ? 4   EDO A O2  1 
HETATM 1201 C  C1  . EDO I 3 .   ? -14.682 7.172   8.484   1.00 70.10 ? 5   EDO A C1  1 
HETATM 1202 O  O1  . EDO I 3 .   ? -15.205 8.397   7.965   1.00 68.47 ? 5   EDO A O1  1 
HETATM 1203 C  C2  . EDO I 3 .   ? -13.274 7.417   9.052   1.00 70.21 ? 5   EDO A C2  1 
HETATM 1204 O  O2  . EDO I 3 .   ? -12.794 8.716   8.659   1.00 70.86 ? 5   EDO A O2  1 
HETATM 1205 C  C1  . EDO J 3 .   ? -2.302  7.756   -8.285  1.00 73.14 ? 6   EDO A C1  1 
HETATM 1206 O  O1  . EDO J 3 .   ? -2.938  6.484   -8.410  1.00 66.25 ? 6   EDO A O1  1 
HETATM 1207 C  C2  . EDO J 3 .   ? -1.841  8.044   -6.857  1.00 76.69 ? 6   EDO A C2  1 
HETATM 1208 O  O2  . EDO J 3 .   ? -1.553  9.448   -6.714  1.00 80.11 ? 6   EDO A O2  1 
HETATM 1209 C  C1  . EDO K 3 .   ? -8.039  -2.271  7.941   1.00 85.91 ? 7   EDO A C1  1 
HETATM 1210 O  O1  . EDO K 3 .   ? -7.162  -3.394  7.984   1.00 85.94 ? 7   EDO A O1  1 
HETATM 1211 C  C2  . EDO K 3 .   ? -7.493  -1.342  6.881   1.00 85.14 ? 7   EDO A C2  1 
HETATM 1212 O  O2  . EDO K 3 .   ? -6.122  -1.679  6.714   1.00 84.82 ? 7   EDO A O2  1 
HETATM 1213 O  O   . HOH L 4 .   ? 14.685  6.593   8.858   1.00 58.19 ? 8   HOH A O   1 
HETATM 1214 O  O   . HOH L 4 .   ? -9.691  3.645   2.676   1.00 54.77 ? 9   HOH A O   1 
HETATM 1215 O  O   . HOH L 4 .   ? 3.599   -3.718  12.863  1.00 56.07 ? 10  HOH A O   1 
HETATM 1216 O  O   . HOH L 4 .   ? 18.518  2.674   5.603   1.00 53.12 ? 11  HOH A O   1 
HETATM 1217 O  O   . HOH L 4 .   ? 15.252  -3.041  1.689   1.00 55.09 ? 12  HOH A O   1 
HETATM 1218 O  O   . HOH L 4 .   ? 10.669  -1.852  -7.388  1.00 74.38 ? 15  HOH A O   1 
HETATM 1219 O  O   . HOH L 4 .   ? 11.911  12.897  5.803   1.00 69.24 ? 16  HOH A O   1 
HETATM 1220 O  O   . HOH L 4 .   ? 7.044   9.345   12.867  1.00 62.74 ? 17  HOH A O   1 
HETATM 1221 O  O   . HOH L 4 .   ? -7.545  -4.228  17.248  1.00 67.09 ? 18  HOH A O   1 
HETATM 1222 O  O   . HOH L 4 .   ? 20.193  -3.061  1.553   1.00 78.85 ? 19  HOH A O   1 
HETATM 1223 O  O   . HOH L 4 .   ? 7.756   5.357   0.022   1.00 67.29 ? 20  HOH A O   1 
HETATM 1224 O  O   . HOH L 4 .   ? -12.096 10.883  9.107   1.00 72.63 ? 21  HOH A O   1 
HETATM 1225 O  O   . HOH L 4 .   ? 22.300  9.118   -8.371  1.00 65.01 ? 22  HOH A O   1 
HETATM 1226 O  O   . HOH L 4 .   ? 6.103   -1.069  15.447  1.00 62.88 ? 23  HOH A O   1 
HETATM 1227 O  O   . HOH L 4 .   ? 10.090  14.019  4.396   1.00 78.23 ? 24  HOH A O   1 
HETATM 1228 O  O   . HOH L 4 .   ? -12.518 6.699   -3.209  1.00 66.06 ? 29  HOH A O   1 
HETATM 1229 O  O   . HOH L 4 .   ? -7.014  -7.921  3.238   1.00 68.07 ? 31  HOH A O   1 
HETATM 1230 O  O   . HOH L 4 .   ? 15.426  12.341  -7.889  1.00 73.13 ? 36  HOH A O   1 
HETATM 1231 O  O   . HOH L 4 .   ? 18.182  5.112   6.035   1.00 71.25 ? 38  HOH A O   1 
HETATM 1232 O  O   . HOH L 4 .   ? 13.554  -4.274  -0.001  1.00 61.35 ? 39  HOH A O   1 
HETATM 1233 O  O   . HOH L 4 .   ? 16.220  -4.559  -3.244  1.00 71.48 ? 40  HOH A O   1 
HETATM 1234 O  O   . HOH L 4 .   ? -0.140  8.243   -3.771  1.00 73.88 ? 43  HOH A O   1 
HETATM 1235 O  O   . HOH L 4 .   ? 15.288  4.934   10.747  1.00 74.58 ? 44  HOH A O   1 
HETATM 1236 O  O   . HOH L 4 .   ? -5.058  12.467  9.930   1.00 87.55 ? 45  HOH A O   1 
HETATM 1237 O  O   . HOH L 4 .   ? 18.146  10.479  -0.617  1.00 76.07 ? 46  HOH A O   1 
HETATM 1238 O  O   . HOH L 4 .   ? 15.612  14.373  -10.699 1.00 76.41 ? 47  HOH A O   1 
HETATM 1239 O  O   . HOH L 4 .   ? -14.302 -4.783  4.678   1.00 73.72 ? 48  HOH A O   1 
HETATM 1240 O  O   . HOH L 4 .   ? -4.377  -12.809 -9.167  1.00 87.33 ? 50  HOH A O   1 
HETATM 1241 O  O   . HOH L 4 .   ? -8.983  10.301  4.363   1.00 88.87 ? 51  HOH A O   1 
HETATM 1242 O  O   . HOH L 4 .   ? 11.055  -5.366  0.158   1.00 66.64 ? 52  HOH A O   1 
HETATM 1243 O  O   . HOH L 4 .   ? -10.998 -6.435  -9.445  1.00 71.79 ? 53  HOH A O   1 
HETATM 1244 O  O   . HOH L 4 .   ? 17.369  -2.335  0.149   1.00 52.49 ? 618 HOH A O   1 
HETATM 1245 O  O   . HOH L 4 .   ? 16.831  0.667   -10.400 1.00 66.53 ? 619 HOH A O   1 
HETATM 1246 O  O   . HOH L 4 .   ? 7.324   -4.477  1.755   1.00 48.61 ? 620 HOH A O   1 
HETATM 1247 O  O   . HOH L 4 .   ? -7.514  -0.181  0.522   1.00 46.49 ? 621 HOH A O   1 
HETATM 1248 O  O   . HOH L 4 .   ? -0.345  2.251   4.672   1.00 62.13 ? 622 HOH A O   1 
HETATM 1249 O  O   . HOH L 4 .   ? -0.677  -13.312 13.086  1.00 52.51 ? 623 HOH A O   1 
HETATM 1250 O  O   . HOH L 4 .   ? 12.582  11.519  -8.247  1.00 47.10 ? 624 HOH A O   1 
# 
loop_
_pdbx_poly_seq_scheme.asym_id 
_pdbx_poly_seq_scheme.entity_id 
_pdbx_poly_seq_scheme.seq_id 
_pdbx_poly_seq_scheme.mon_id 
_pdbx_poly_seq_scheme.ndb_seq_num 
_pdbx_poly_seq_scheme.pdb_seq_num 
_pdbx_poly_seq_scheme.auth_seq_num 
_pdbx_poly_seq_scheme.pdb_mon_id 
_pdbx_poly_seq_scheme.auth_mon_id 
_pdbx_poly_seq_scheme.pdb_strand_id 
_pdbx_poly_seq_scheme.pdb_ins_code 
_pdbx_poly_seq_scheme.hetero 
A 1 1   ALA 1   456 456 ALA ALA A . n 
A 1 2   ARG 2   457 457 ARG ARG A . n 
A 1 3   THR 3   458 458 THR THR A . n 
A 1 4   LYS 4   459 459 LYS LYS A . n 
A 1 5   GLN 5   460 460 GLN GLN A . n 
A 1 6   THR 6   461 461 THR THR A . n 
A 1 7   ALA 7   462 462 ALA ALA A . n 
A 1 8   ARG 8   463 463 ARG ARG A . n 
A 1 9   LYS 9   464 464 LYS LYS A . n 
A 1 10  SER 10  465 ?   ?   ?   A . n 
A 1 11  THR 11  466 ?   ?   ?   A . n 
A 1 12  GLY 12  467 ?   ?   ?   A . n 
A 1 13  GLY 13  468 ?   ?   ?   A . n 
A 1 14  LYS 14  469 ?   ?   ?   A . n 
A 1 15  ALA 15  470 ?   ?   ?   A . n 
A 1 16  PRO 16  471 ?   ?   ?   A . n 
A 1 17  ARG 17  472 472 ARG ARG A . n 
A 1 18  LYS 18  473 473 LYS LYS A . n 
A 1 19  GLN 19  474 474 GLN GLN A . n 
A 1 20  LEU 20  475 475 LEU LEU A . n 
A 1 21  ARG 21  476 476 ARG ARG A . n 
A 1 22  GLU 22  477 477 GLU GLU A . n 
A 1 23  ARG 23  478 478 ARG ARG A . n 
A 1 24  LEU 24  479 479 LEU LEU A . n 
A 1 25  VAL 25  480 480 VAL VAL A . n 
A 1 26  TYR 26  481 481 TYR TYR A . n 
A 1 27  GLU 27  482 482 GLU GLU A . n 
A 1 28  VAL 28  483 483 VAL VAL A . n 
A 1 29  ARG 29  484 484 ARG ARG A . n 
A 1 30  GLN 30  485 485 GLN GLN A . n 
A 1 31  LYS 31  486 486 LYS LYS A . n 
A 1 32  CYS 32  487 487 CYS CYS A . n 
A 1 33  ARG 33  488 488 ARG ARG A . n 
A 1 34  ASN 34  489 489 ASN ASN A . n 
A 1 35  ILE 35  490 490 ILE ILE A . n 
A 1 36  GLU 36  491 491 GLU GLU A . n 
A 1 37  ASP 37  492 492 ASP ASP A . n 
A 1 38  ILE 38  493 493 ILE ILE A . n 
A 1 39  CYS 39  494 494 CYS CYS A . n 
A 1 40  ILE 40  495 495 ILE ILE A . n 
A 1 41  SER 41  496 496 SER SER A . n 
A 1 42  CYS 42  497 497 CYS CYS A . n 
A 1 43  GLY 43  498 498 GLY GLY A . n 
A 1 44  SER 44  499 499 SER SER A . n 
A 1 45  LEU 45  500 500 LEU LEU A . n 
A 1 46  ASN 46  501 501 ASN ASN A . n 
A 1 47  VAL 47  502 502 VAL VAL A . n 
A 1 48  THR 48  503 503 THR THR A . n 
A 1 49  LEU 49  504 504 LEU LEU A . n 
A 1 50  GLU 50  505 505 GLU GLU A . n 
A 1 51  HIS 51  506 506 HIS HIS A . n 
A 1 52  PRO 52  507 507 PRO PRO A . n 
A 1 53  LEU 53  508 508 LEU LEU A . n 
A 1 54  PHE 54  509 509 PHE PHE A . n 
A 1 55  VAL 55  510 510 VAL VAL A . n 
A 1 56  GLY 56  511 511 GLY GLY A . n 
A 1 57  GLY 57  512 512 GLY GLY A . n 
A 1 58  MET 58  513 513 MET MET A . n 
A 1 59  CYS 59  514 514 CYS CYS A . n 
A 1 60  GLN 60  515 515 GLN GLN A . n 
A 1 61  ASN 61  516 516 ASN ASN A . n 
A 1 62  CYS 62  517 517 CYS CYS A . n 
A 1 63  LYS 63  518 518 LYS LYS A . n 
A 1 64  ASN 64  519 519 ASN ASN A . n 
A 1 65  CYS 65  520 520 CYS CYS A . n 
A 1 66  PHE 66  521 521 PHE PHE A . n 
A 1 67  LEU 67  522 522 LEU LEU A . n 
A 1 68  GLU 68  523 523 GLU GLU A . n 
A 1 69  CYS 69  524 524 CYS CYS A . n 
A 1 70  ALA 70  525 525 ALA ALA A . n 
A 1 71  TYR 71  526 526 TYR TYR A . n 
A 1 72  GLN 72  527 527 GLN GLN A . n 
A 1 73  TYR 73  528 528 TYR TYR A . n 
A 1 74  ASP 74  529 529 ASP ASP A . n 
A 1 75  ASP 75  530 530 ASP ASP A . n 
A 1 76  ASP 76  531 531 ASP ASP A . n 
A 1 77  GLY 77  532 532 GLY GLY A . n 
A 1 78  TYR 78  533 533 TYR TYR A . n 
A 1 79  GLN 79  534 534 GLN GLN A . n 
A 1 80  SER 80  535 535 SER SER A . n 
A 1 81  TYR 81  536 536 TYR TYR A . n 
A 1 82  CYS 82  537 537 CYS CYS A . n 
A 1 83  THR 83  538 538 THR THR A . n 
A 1 84  ILE 84  539 539 ILE ILE A . n 
A 1 85  CYS 85  540 540 CYS CYS A . n 
A 1 86  CYS 86  541 541 CYS CYS A . n 
A 1 87  GLY 87  542 542 GLY GLY A . n 
A 1 88  GLY 88  543 543 GLY GLY A . n 
A 1 89  ARG 89  544 544 ARG ARG A . n 
A 1 90  GLU 90  545 545 GLU GLU A . n 
A 1 91  VAL 91  546 546 VAL VAL A . n 
A 1 92  LEU 92  547 547 LEU LEU A . n 
A 1 93  MET 93  548 548 MET MET A . n 
A 1 94  CYS 94  549 549 CYS CYS A . n 
A 1 95  GLY 95  550 550 GLY GLY A . n 
A 1 96  ASN 96  551 551 ASN ASN A . n 
A 1 97  ASN 97  552 552 ASN ASN A . n 
A 1 98  ASN 98  553 553 ASN ASN A . n 
A 1 99  CYS 99  554 554 CYS CYS A . n 
A 1 100 CYS 100 555 555 CYS CYS A . n 
A 1 101 ARG 101 556 556 ARG ARG A . n 
A 1 102 CYS 102 557 557 CYS CYS A . n 
A 1 103 PHE 103 558 558 PHE PHE A . n 
A 1 104 CYS 104 559 559 CYS CYS A . n 
A 1 105 VAL 105 560 560 VAL VAL A . n 
A 1 106 GLU 106 561 561 GLU GLU A . n 
A 1 107 CYS 107 562 562 CYS CYS A . n 
A 1 108 VAL 108 563 563 VAL VAL A . n 
A 1 109 ASP 109 564 564 ASP ASP A . n 
A 1 110 LEU 110 565 565 LEU LEU A . n 
A 1 111 LEU 111 566 566 LEU LEU A . n 
A 1 112 VAL 112 567 567 VAL VAL A . n 
A 1 113 GLY 113 568 568 GLY GLY A . n 
A 1 114 PRO 114 569 569 PRO PRO A . n 
A 1 115 GLY 115 570 570 GLY GLY A . n 
A 1 116 ALA 116 571 571 ALA ALA A . n 
A 1 117 ALA 117 572 572 ALA ALA A . n 
A 1 118 GLN 118 573 573 GLN GLN A . n 
A 1 119 ALA 119 574 574 ALA ALA A . n 
A 1 120 ALA 120 575 575 ALA ALA A . n 
A 1 121 ILE 121 576 576 ILE ILE A . n 
A 1 122 LYS 122 577 577 LYS LYS A . n 
A 1 123 GLU 123 578 578 GLU GLU A . n 
A 1 124 ASP 124 579 579 ASP ASP A . n 
A 1 125 PRO 125 580 580 PRO PRO A . n 
A 1 126 TRP 126 581 581 TRP TRP A . n 
A 1 127 ASN 127 582 582 ASN ASN A . n 
A 1 128 CYS 128 583 583 CYS CYS A . n 
A 1 129 TYR 129 584 584 TYR TYR A . n 
A 1 130 MET 130 585 585 MET MET A . n 
A 1 131 CYS 131 586 586 CYS CYS A . n 
A 1 132 GLY 132 587 587 GLY GLY A . n 
A 1 133 HIS 133 588 588 HIS HIS A . n 
A 1 134 LYS 134 589 589 LYS LYS A . n 
A 1 135 GLY 135 590 590 GLY GLY A . n 
A 1 136 THR 136 591 591 THR THR A . n 
A 1 137 TYR 137 592 592 TYR TYR A . n 
A 1 138 GLY 138 593 593 GLY GLY A . n 
A 1 139 LEU 139 594 594 LEU LEU A . n 
A 1 140 LEU 140 595 595 LEU LEU A . n 
A 1 141 ARG 141 596 596 ARG ARG A . n 
A 1 142 ARG 142 597 597 ARG ARG A . n 
A 1 143 ARG 143 598 598 ARG ARG A . n 
A 1 144 GLU 144 599 599 GLU GLU A . n 
A 1 145 ASP 145 600 600 ASP ASP A . n 
A 1 146 TRP 146 601 601 TRP TRP A . n 
A 1 147 PRO 147 602 602 PRO PRO A . n 
A 1 148 SER 148 603 603 SER SER A . n 
A 1 149 ARG 149 604 604 ARG ARG A . n 
A 1 150 LEU 150 605 605 LEU LEU A . n 
A 1 151 GLN 151 606 606 GLN GLN A . n 
A 1 152 MET 152 607 607 MET MET A . n 
A 1 153 PHE 153 608 608 PHE PHE A . n 
A 1 154 PHE 154 609 609 PHE PHE A . n 
A 1 155 ALA 155 610 610 ALA ALA A . n 
A 1 156 ASN 156 611 ?   ?   ?   A . n 
A 1 157 ASN 157 612 ?   ?   ?   A . n 
A 1 158 HIS 158 613 ?   ?   ?   A . n 
A 1 159 ASP 159 614 ?   ?   ?   A . n 
# 
loop_
_pdbx_nonpoly_scheme.asym_id 
_pdbx_nonpoly_scheme.entity_id 
_pdbx_nonpoly_scheme.mon_id 
_pdbx_nonpoly_scheme.ndb_seq_num 
_pdbx_nonpoly_scheme.pdb_seq_num 
_pdbx_nonpoly_scheme.auth_seq_num 
_pdbx_nonpoly_scheme.pdb_mon_id 
_pdbx_nonpoly_scheme.auth_mon_id 
_pdbx_nonpoly_scheme.pdb_strand_id 
_pdbx_nonpoly_scheme.pdb_ins_code 
B 2 ZN  1  1   1  ZN  ZN  A . 
C 2 ZN  1  2   2  ZN  ZN  A . 
D 2 ZN  1  3   3  ZN  ZN  A . 
E 3 EDO 1  615 1  EDO EDO A . 
F 3 EDO 1  616 2  EDO EDO A . 
G 3 EDO 1  617 3  EDO EDO A . 
H 3 EDO 1  4   4  EDO EDO A . 
I 3 EDO 1  5   5  EDO EDO A . 
J 3 EDO 1  6   6  EDO EDO A . 
K 3 EDO 1  7   7  EDO EDO A . 
L 4 HOH 1  8   8  HOH HOH A . 
L 4 HOH 2  9   9  HOH HOH A . 
L 4 HOH 3  10  10 HOH HOH A . 
L 4 HOH 4  11  11 HOH HOH A . 
L 4 HOH 5  12  12 HOH HOH A . 
L 4 HOH 6  15  15 HOH HOH A . 
L 4 HOH 7  16  16 HOH HOH A . 
L 4 HOH 8  17  17 HOH HOH A . 
L 4 HOH 9  18  18 HOH HOH A . 
L 4 HOH 10 19  19 HOH HOH A . 
L 4 HOH 11 20  20 HOH HOH A . 
L 4 HOH 12 21  21 HOH HOH A . 
L 4 HOH 13 22  22 HOH HOH A . 
L 4 HOH 14 23  23 HOH HOH A . 
L 4 HOH 15 24  24 HOH HOH A . 
L 4 HOH 16 29  29 HOH HOH A . 
L 4 HOH 17 31  31 HOH HOH A . 
L 4 HOH 18 36  36 HOH HOH A . 
L 4 HOH 19 38  38 HOH HOH A . 
L 4 HOH 20 39  39 HOH HOH A . 
L 4 HOH 21 40  40 HOH HOH A . 
L 4 HOH 22 43  43 HOH HOH A . 
L 4 HOH 23 44  44 HOH HOH A . 
L 4 HOH 24 45  45 HOH HOH A . 
L 4 HOH 25 46  46 HOH HOH A . 
L 4 HOH 26 47  47 HOH HOH A . 
L 4 HOH 27 48  48 HOH HOH A . 
L 4 HOH 28 50  50 HOH HOH A . 
L 4 HOH 29 51  51 HOH HOH A . 
L 4 HOH 30 52  52 HOH HOH A . 
L 4 HOH 31 53  53 HOH HOH A . 
L 4 HOH 32 618 1  HOH HOH A . 
L 4 HOH 33 619 2  HOH HOH A . 
L 4 HOH 34 620 3  HOH HOH A . 
L 4 HOH 35 621 4  HOH HOH A . 
L 4 HOH 36 622 5  HOH HOH A . 
L 4 HOH 37 623 6  HOH HOH A . 
L 4 HOH 38 624 7  HOH HOH A . 
# 
_pdbx_struct_assembly.id                   1 
_pdbx_struct_assembly.details              author_and_software_defined_assembly 
_pdbx_struct_assembly.method_details       PISA 
_pdbx_struct_assembly.oligomeric_details   monomeric 
_pdbx_struct_assembly.oligomeric_count     1 
# 
_pdbx_struct_assembly_gen.assembly_id       1 
_pdbx_struct_assembly_gen.oper_expression   1 
_pdbx_struct_assembly_gen.asym_id_list      A,B,C,D,E,F,G,H,I,J,K,L 
# 
_pdbx_struct_oper_list.id                   1 
_pdbx_struct_oper_list.type                 'identity operation' 
_pdbx_struct_oper_list.name                 1_555 
_pdbx_struct_oper_list.symmetry_operation   x,y,z 
_pdbx_struct_oper_list.matrix[1][1]         1.0000000000 
_pdbx_struct_oper_list.matrix[1][2]         0.0000000000 
_pdbx_struct_oper_list.matrix[1][3]         0.0000000000 
_pdbx_struct_oper_list.vector[1]            0.0000000000 
_pdbx_struct_oper_list.matrix[2][1]         0.0000000000 
_pdbx_struct_oper_list.matrix[2][2]         1.0000000000 
_pdbx_struct_oper_list.matrix[2][3]         0.0000000000 
_pdbx_struct_oper_list.vector[2]            0.0000000000 
_pdbx_struct_oper_list.matrix[3][1]         0.0000000000 
_pdbx_struct_oper_list.matrix[3][2]         0.0000000000 
_pdbx_struct_oper_list.matrix[3][3]         1.0000000000 
_pdbx_struct_oper_list.vector[3]            0.0000000000 
# 
loop_
_pdbx_struct_conn_angle.id 
_pdbx_struct_conn_angle.ptnr1_label_atom_id 
_pdbx_struct_conn_angle.ptnr1_label_alt_id 
_pdbx_struct_conn_angle.ptnr1_label_asym_id 
_pdbx_struct_conn_angle.ptnr1_label_comp_id 
_pdbx_struct_conn_angle.ptnr1_label_seq_id 
_pdbx_struct_conn_angle.ptnr1_auth_atom_id 
_pdbx_struct_conn_angle.ptnr1_auth_asym_id 
_pdbx_struct_conn_angle.ptnr1_auth_comp_id 
_pdbx_struct_conn_angle.ptnr1_auth_seq_id 
_pdbx_struct_conn_angle.ptnr1_PDB_ins_code 
_pdbx_struct_conn_angle.ptnr1_symmetry 
_pdbx_struct_conn_angle.ptnr2_label_atom_id 
_pdbx_struct_conn_angle.ptnr2_label_alt_id 
_pdbx_struct_conn_angle.ptnr2_label_asym_id 
_pdbx_struct_conn_angle.ptnr2_label_comp_id 
_pdbx_struct_conn_angle.ptnr2_label_seq_id 
_pdbx_struct_conn_angle.ptnr2_auth_atom_id 
_pdbx_struct_conn_angle.ptnr2_auth_asym_id 
_pdbx_struct_conn_angle.ptnr2_auth_comp_id 
_pdbx_struct_conn_angle.ptnr2_auth_seq_id 
_pdbx_struct_conn_angle.ptnr2_PDB_ins_code 
_pdbx_struct_conn_angle.ptnr2_symmetry 
_pdbx_struct_conn_angle.ptnr3_label_atom_id 
_pdbx_struct_conn_angle.ptnr3_label_alt_id 
_pdbx_struct_conn_angle.ptnr3_label_asym_id 
_pdbx_struct_conn_angle.ptnr3_label_comp_id 
_pdbx_struct_conn_angle.ptnr3_label_seq_id 
_pdbx_struct_conn_angle.ptnr3_auth_atom_id 
_pdbx_struct_conn_angle.ptnr3_auth_asym_id 
_pdbx_struct_conn_angle.ptnr3_auth_comp_id 
_pdbx_struct_conn_angle.ptnr3_auth_seq_id 
_pdbx_struct_conn_angle.ptnr3_PDB_ins_code 
_pdbx_struct_conn_angle.ptnr3_symmetry 
_pdbx_struct_conn_angle.value 
_pdbx_struct_conn_angle.value_esd 
1  SG ? A CYS 39  ? A CYS 494 ? 1_555 ZN ? B ZN . ? A ZN 1 ? 1_555 SG ? A CYS 42  ? A CYS 497 ? 1_555 113.8 ? 
2  SG ? A CYS 39  ? A CYS 494 ? 1_555 ZN ? B ZN . ? A ZN 1 ? 1_555 SG ? A CYS 59  ? A CYS 514 ? 1_555 113.1 ? 
3  SG ? A CYS 42  ? A CYS 497 ? 1_555 ZN ? B ZN . ? A ZN 1 ? 1_555 SG ? A CYS 59  ? A CYS 514 ? 1_555 112.2 ? 
4  SG ? A CYS 39  ? A CYS 494 ? 1_555 ZN ? B ZN . ? A ZN 1 ? 1_555 SG ? A CYS 62  ? A CYS 517 ? 1_555 107.3 ? 
5  SG ? A CYS 42  ? A CYS 497 ? 1_555 ZN ? B ZN . ? A ZN 1 ? 1_555 SG ? A CYS 62  ? A CYS 517 ? 1_555 106.7 ? 
6  SG ? A CYS 59  ? A CYS 514 ? 1_555 ZN ? B ZN . ? A ZN 1 ? 1_555 SG ? A CYS 62  ? A CYS 517 ? 1_555 102.8 ? 
7  SG ? A CYS 82  ? A CYS 537 ? 1_555 ZN ? C ZN . ? A ZN 2 ? 1_555 SG ? A CYS 85  ? A CYS 540 ? 1_555 106.8 ? 
8  SG ? A CYS 82  ? A CYS 537 ? 1_555 ZN ? C ZN . ? A ZN 2 ? 1_555 SG ? A CYS 104 ? A CYS 559 ? 1_555 111.4 ? 
9  SG ? A CYS 85  ? A CYS 540 ? 1_555 ZN ? C ZN . ? A ZN 2 ? 1_555 SG ? A CYS 104 ? A CYS 559 ? 1_555 109.9 ? 
10 SG ? A CYS 82  ? A CYS 537 ? 1_555 ZN ? C ZN . ? A ZN 2 ? 1_555 SG ? A CYS 107 ? A CYS 562 ? 1_555 114.1 ? 
11 SG ? A CYS 85  ? A CYS 540 ? 1_555 ZN ? C ZN . ? A ZN 2 ? 1_555 SG ? A CYS 107 ? A CYS 562 ? 1_555 108.6 ? 
12 SG ? A CYS 104 ? A CYS 559 ? 1_555 ZN ? C ZN . ? A ZN 2 ? 1_555 SG ? A CYS 107 ? A CYS 562 ? 1_555 105.9 ? 
13 SG ? A CYS 94  ? A CYS 549 ? 1_555 ZN ? D ZN . ? A ZN 3 ? 1_555 SG ? A CYS 99  ? A CYS 554 ? 1_555 109.8 ? 
14 SG ? A CYS 94  ? A CYS 549 ? 1_555 ZN ? D ZN . ? A ZN 3 ? 1_555 SG ? A CYS 128 ? A CYS 583 ? 1_555 112.4 ? 
15 SG ? A CYS 99  ? A CYS 554 ? 1_555 ZN ? D ZN . ? A ZN 3 ? 1_555 SG ? A CYS 128 ? A CYS 583 ? 1_555 107.5 ? 
16 SG ? A CYS 94  ? A CYS 549 ? 1_555 ZN ? D ZN . ? A ZN 3 ? 1_555 SG ? A CYS 131 ? A CYS 586 ? 1_555 107.3 ? 
17 SG ? A CYS 99  ? A CYS 554 ? 1_555 ZN ? D ZN . ? A ZN 3 ? 1_555 SG ? A CYS 131 ? A CYS 586 ? 1_555 100.7 ? 
18 SG ? A CYS 128 ? A CYS 583 ? 1_555 ZN ? D ZN . ? A ZN 3 ? 1_555 SG ? A CYS 131 ? A CYS 586 ? 1_555 118.4 ? 
# 
loop_
_pdbx_audit_revision_history.ordinal 
_pdbx_audit_revision_history.data_content_type 
_pdbx_audit_revision_history.major_revision 
_pdbx_audit_revision_history.minor_revision 
_pdbx_audit_revision_history.revision_date 
1 'Structure model' 1 0 2009-11-10 
2 'Structure model' 1 1 2011-07-13 
3 'Structure model' 1 2 2017-08-09 
4 'Structure model' 1 3 2023-11-01 
# 
_pdbx_audit_revision_details.ordinal             1 
_pdbx_audit_revision_details.revision_ordinal    1 
_pdbx_audit_revision_details.data_content_type   'Structure model' 
_pdbx_audit_revision_details.provider            repository 
_pdbx_audit_revision_details.type                'Initial release' 
_pdbx_audit_revision_details.description         ? 
_pdbx_audit_revision_details.details             ? 
# 
loop_
_pdbx_audit_revision_group.ordinal 
_pdbx_audit_revision_group.revision_ordinal 
_pdbx_audit_revision_group.data_content_type 
_pdbx_audit_revision_group.group 
1 2 'Structure model' Advisory                    
2 2 'Structure model' 'Version format compliance' 
3 3 'Structure model' Advisory                    
4 3 'Structure model' 'Source and taxonomy'       
5 4 'Structure model' Advisory                    
6 4 'Structure model' 'Data collection'           
7 4 'Structure model' 'Database references'       
8 4 'Structure model' 'Derived calculations'      
9 4 'Structure model' 'Refinement description'    
# 
loop_
_pdbx_audit_revision_category.ordinal 
_pdbx_audit_revision_category.revision_ordinal 
_pdbx_audit_revision_category.data_content_type 
_pdbx_audit_revision_category.category 
1 3 'Structure model' entity_src_gen                
2 3 'Structure model' pdbx_unobs_or_zero_occ_atoms  
3 4 'Structure model' chem_comp_atom                
4 4 'Structure model' chem_comp_bond                
5 4 'Structure model' database_2                    
6 4 'Structure model' pdbx_initial_refinement_model 
7 4 'Structure model' pdbx_unobs_or_zero_occ_atoms  
8 4 'Structure model' struct_conn                   
9 4 'Structure model' struct_site                   
# 
loop_
_pdbx_audit_revision_item.ordinal 
_pdbx_audit_revision_item.revision_ordinal 
_pdbx_audit_revision_item.data_content_type 
_pdbx_audit_revision_item.item 
1  4 'Structure model' '_database_2.pdbx_DOI'                
2  4 'Structure model' '_database_2.pdbx_database_accession' 
3  4 'Structure model' '_struct_conn.pdbx_dist_value'        
4  4 'Structure model' '_struct_conn.ptnr1_auth_comp_id'     
5  4 'Structure model' '_struct_conn.ptnr1_auth_seq_id'      
6  4 'Structure model' '_struct_conn.ptnr1_label_asym_id'    
7  4 'Structure model' '_struct_conn.ptnr1_label_atom_id'    
8  4 'Structure model' '_struct_conn.ptnr1_label_comp_id'    
9  4 'Structure model' '_struct_conn.ptnr1_label_seq_id'     
10 4 'Structure model' '_struct_conn.ptnr2_auth_comp_id'     
11 4 'Structure model' '_struct_conn.ptnr2_auth_seq_id'      
12 4 'Structure model' '_struct_conn.ptnr2_label_asym_id'    
13 4 'Structure model' '_struct_conn.ptnr2_label_atom_id'    
14 4 'Structure model' '_struct_conn.ptnr2_label_comp_id'    
15 4 'Structure model' '_struct_conn.ptnr2_label_seq_id'     
16 4 'Structure model' '_struct_site.pdbx_auth_asym_id'      
17 4 'Structure model' '_struct_site.pdbx_auth_comp_id'      
18 4 'Structure model' '_struct_site.pdbx_auth_seq_id'       
# 
loop_
_pdbx_refine_tls.pdbx_refine_id 
_pdbx_refine_tls.id 
_pdbx_refine_tls.details 
_pdbx_refine_tls.method 
_pdbx_refine_tls.origin_x 
_pdbx_refine_tls.origin_y 
_pdbx_refine_tls.origin_z 
_pdbx_refine_tls.T[1][1] 
_pdbx_refine_tls.T[2][2] 
_pdbx_refine_tls.T[3][3] 
_pdbx_refine_tls.T[1][2] 
_pdbx_refine_tls.T[1][3] 
_pdbx_refine_tls.T[2][3] 
_pdbx_refine_tls.L[1][1] 
_pdbx_refine_tls.L[2][2] 
_pdbx_refine_tls.L[3][3] 
_pdbx_refine_tls.L[1][2] 
_pdbx_refine_tls.L[1][3] 
_pdbx_refine_tls.L[2][3] 
_pdbx_refine_tls.S[1][1] 
_pdbx_refine_tls.S[1][2] 
_pdbx_refine_tls.S[1][3] 
_pdbx_refine_tls.S[2][1] 
_pdbx_refine_tls.S[2][2] 
_pdbx_refine_tls.S[2][3] 
_pdbx_refine_tls.S[3][1] 
_pdbx_refine_tls.S[3][2] 
_pdbx_refine_tls.S[3][3] 
'X-RAY DIFFRACTION' 1 ? refined -8.7509 6.2798  -6.2881 0.2896 0.4563 -0.0613 0.0504  -0.0393 0.2132  19.6625 2.7014 12.0000 -3.9744 0.0852  4.7552  0.0291  1.1732  1.3985  0.0416  -0.7276 1.1354 -0.7913 -1.4728 0.6985  
'X-RAY DIFFRACTION' 2 ? refined 3.2148  3.9415  3.2000  0.0595 0.1369 0.0609  -0.0186 -0.0076 0.0155  10.4757 1.6743 2.5846  0.8128  -3.9527 -0.3288 0.2413  -0.2440 0.1498  0.1460  -0.1533 0.0030 -0.1862 -0.0379 -0.0880 
'X-RAY DIFFRACTION' 3 ? refined -1.8331 -5.4858 -2.0674 0.0631 0.2330 0.2540  -0.0773 0.0377  -0.0598 8.2253  5.0355 9.2584  -0.5643 -3.4680 -1.6145 -0.2048 0.7003  -0.9813 -0.5442 0.0362  0.0661 0.7052  -0.6564 0.1685  
# 
loop_
_pdbx_refine_tls_group.pdbx_refine_id 
_pdbx_refine_tls_group.id 
_pdbx_refine_tls_group.refine_tls_id 
_pdbx_refine_tls_group.beg_auth_asym_id 
_pdbx_refine_tls_group.beg_auth_seq_id 
_pdbx_refine_tls_group.beg_label_asym_id 
_pdbx_refine_tls_group.beg_label_seq_id 
_pdbx_refine_tls_group.end_auth_asym_id 
_pdbx_refine_tls_group.end_auth_seq_id 
_pdbx_refine_tls_group.end_label_asym_id 
_pdbx_refine_tls_group.end_label_seq_id 
_pdbx_refine_tls_group.selection 
_pdbx_refine_tls_group.selection_details 
'X-RAY DIFFRACTION' 1 1 A 456 ? ? A 472 ? ? ? ? 
'X-RAY DIFFRACTION' 2 2 A 473 ? ? A 543 ? ? ? ? 
'X-RAY DIFFRACTION' 3 3 A 544 ? ? A 610 ? ? ? ? 
# 
loop_
_software.name 
_software.classification 
_software.version 
_software.citation_id 
_software.pdbx_ordinal 
REFMAC   refinement        5.2.0019 ? 1 
ADSC     'data collection' Quantum  ? 2 
HKL-2000 'data reduction'  .        ? 3 
HKL-2000 'data scaling'    .        ? 4 
MOLREP   phasing           .        ? 5 
# 
_pdbx_validate_rmsd_bond.id                        1 
_pdbx_validate_rmsd_bond.PDB_model_num             1 
_pdbx_validate_rmsd_bond.auth_atom_id_1            CB 
_pdbx_validate_rmsd_bond.auth_asym_id_1            A 
_pdbx_validate_rmsd_bond.auth_comp_id_1            ARG 
_pdbx_validate_rmsd_bond.auth_seq_id_1             463 
_pdbx_validate_rmsd_bond.PDB_ins_code_1            ? 
_pdbx_validate_rmsd_bond.label_alt_id_1            ? 
_pdbx_validate_rmsd_bond.auth_atom_id_2            CG 
_pdbx_validate_rmsd_bond.auth_asym_id_2            A 
_pdbx_validate_rmsd_bond.auth_comp_id_2            ARG 
_pdbx_validate_rmsd_bond.auth_seq_id_2             463 
_pdbx_validate_rmsd_bond.PDB_ins_code_2            ? 
_pdbx_validate_rmsd_bond.label_alt_id_2            ? 
_pdbx_validate_rmsd_bond.bond_value                1.298 
_pdbx_validate_rmsd_bond.bond_target_value         1.521 
_pdbx_validate_rmsd_bond.bond_deviation            -0.223 
_pdbx_validate_rmsd_bond.bond_standard_deviation   0.027 
_pdbx_validate_rmsd_bond.linker_flag               N 
# 
_pdbx_validate_rmsd_angle.id                         1 
_pdbx_validate_rmsd_angle.PDB_model_num              1 
_pdbx_validate_rmsd_angle.auth_atom_id_1             CA 
_pdbx_validate_rmsd_angle.auth_asym_id_1             A 
_pdbx_validate_rmsd_angle.auth_comp_id_1             LEU 
_pdbx_validate_rmsd_angle.auth_seq_id_1              504 
_pdbx_validate_rmsd_angle.PDB_ins_code_1             ? 
_pdbx_validate_rmsd_angle.label_alt_id_1             ? 
_pdbx_validate_rmsd_angle.auth_atom_id_2             CB 
_pdbx_validate_rmsd_angle.auth_asym_id_2             A 
_pdbx_validate_rmsd_angle.auth_comp_id_2             LEU 
_pdbx_validate_rmsd_angle.auth_seq_id_2              504 
_pdbx_validate_rmsd_angle.PDB_ins_code_2             ? 
_pdbx_validate_rmsd_angle.label_alt_id_2             ? 
_pdbx_validate_rmsd_angle.auth_atom_id_3             CG 
_pdbx_validate_rmsd_angle.auth_asym_id_3             A 
_pdbx_validate_rmsd_angle.auth_comp_id_3             LEU 
_pdbx_validate_rmsd_angle.auth_seq_id_3              504 
_pdbx_validate_rmsd_angle.PDB_ins_code_3             ? 
_pdbx_validate_rmsd_angle.label_alt_id_3             ? 
_pdbx_validate_rmsd_angle.angle_value                130.70 
_pdbx_validate_rmsd_angle.angle_target_value         115.30 
_pdbx_validate_rmsd_angle.angle_deviation            15.40 
_pdbx_validate_rmsd_angle.angle_standard_deviation   2.30 
_pdbx_validate_rmsd_angle.linker_flag                N 
# 
loop_
_pdbx_unobs_or_zero_occ_atoms.id 
_pdbx_unobs_or_zero_occ_atoms.PDB_model_num 
_pdbx_unobs_or_zero_occ_atoms.polymer_flag 
_pdbx_unobs_or_zero_occ_atoms.occupancy_flag 
_pdbx_unobs_or_zero_occ_atoms.auth_asym_id 
_pdbx_unobs_or_zero_occ_atoms.auth_comp_id 
_pdbx_unobs_or_zero_occ_atoms.auth_seq_id 
_pdbx_unobs_or_zero_occ_atoms.PDB_ins_code 
_pdbx_unobs_or_zero_occ_atoms.auth_atom_id 
_pdbx_unobs_or_zero_occ_atoms.label_alt_id 
_pdbx_unobs_or_zero_occ_atoms.label_asym_id 
_pdbx_unobs_or_zero_occ_atoms.label_comp_id 
_pdbx_unobs_or_zero_occ_atoms.label_seq_id 
_pdbx_unobs_or_zero_occ_atoms.label_atom_id 
1 1 Y 0 A ARG 463 ? CG  ? A ARG 8 CG  
2 1 Y 0 A ARG 463 ? CD  ? A ARG 8 CD  
3 1 Y 0 A ARG 463 ? NE  ? A ARG 8 NE  
4 1 Y 0 A ARG 463 ? CZ  ? A ARG 8 CZ  
5 1 Y 0 A ARG 463 ? NH1 ? A ARG 8 NH1 
6 1 Y 0 A ARG 463 ? NH2 ? A ARG 8 NH2 
# 
loop_
_pdbx_unobs_or_zero_occ_residues.id 
_pdbx_unobs_or_zero_occ_residues.PDB_model_num 
_pdbx_unobs_or_zero_occ_residues.polymer_flag 
_pdbx_unobs_or_zero_occ_residues.occupancy_flag 
_pdbx_unobs_or_zero_occ_residues.auth_asym_id 
_pdbx_unobs_or_zero_occ_residues.auth_comp_id 
_pdbx_unobs_or_zero_occ_residues.auth_seq_id 
_pdbx_unobs_or_zero_occ_residues.PDB_ins_code 
_pdbx_unobs_or_zero_occ_residues.label_asym_id 
_pdbx_unobs_or_zero_occ_residues.label_comp_id 
_pdbx_unobs_or_zero_occ_residues.label_seq_id 
1  1 Y 1 A SER 465 ? A SER 10  
2  1 Y 1 A THR 466 ? A THR 11  
3  1 Y 1 A GLY 467 ? A GLY 12  
4  1 Y 1 A GLY 468 ? A GLY 13  
5  1 Y 1 A LYS 469 ? A LYS 14  
6  1 Y 1 A ALA 470 ? A ALA 15  
7  1 Y 1 A PRO 471 ? A PRO 16  
8  1 Y 1 A ASN 611 ? A ASN 156 
9  1 Y 1 A ASN 612 ? A ASN 157 
10 1 Y 1 A HIS 613 ? A HIS 158 
11 1 Y 1 A ASP 614 ? A ASP 159 
# 
loop_
_chem_comp_atom.comp_id 
_chem_comp_atom.atom_id 
_chem_comp_atom.type_symbol 
_chem_comp_atom.pdbx_aromatic_flag 
_chem_comp_atom.pdbx_stereo_config 
_chem_comp_atom.pdbx_ordinal 
ALA N    N  N N 1   
ALA CA   C  N S 2   
ALA C    C  N N 3   
ALA O    O  N N 4   
ALA CB   C  N N 5   
ALA OXT  O  N N 6   
ALA H    H  N N 7   
ALA H2   H  N N 8   
ALA HA   H  N N 9   
ALA HB1  H  N N 10  
ALA HB2  H  N N 11  
ALA HB3  H  N N 12  
ALA HXT  H  N N 13  
ARG N    N  N N 14  
ARG CA   C  N S 15  
ARG C    C  N N 16  
ARG O    O  N N 17  
ARG CB   C  N N 18  
ARG CG   C  N N 19  
ARG CD   C  N N 20  
ARG NE   N  N N 21  
ARG CZ   C  N N 22  
ARG NH1  N  N N 23  
ARG NH2  N  N N 24  
ARG OXT  O  N N 25  
ARG H    H  N N 26  
ARG H2   H  N N 27  
ARG HA   H  N N 28  
ARG HB2  H  N N 29  
ARG HB3  H  N N 30  
ARG HG2  H  N N 31  
ARG HG3  H  N N 32  
ARG HD2  H  N N 33  
ARG HD3  H  N N 34  
ARG HE   H  N N 35  
ARG HH11 H  N N 36  
ARG HH12 H  N N 37  
ARG HH21 H  N N 38  
ARG HH22 H  N N 39  
ARG HXT  H  N N 40  
ASN N    N  N N 41  
ASN CA   C  N S 42  
ASN C    C  N N 43  
ASN O    O  N N 44  
ASN CB   C  N N 45  
ASN CG   C  N N 46  
ASN OD1  O  N N 47  
ASN ND2  N  N N 48  
ASN OXT  O  N N 49  
ASN H    H  N N 50  
ASN H2   H  N N 51  
ASN HA   H  N N 52  
ASN HB2  H  N N 53  
ASN HB3  H  N N 54  
ASN HD21 H  N N 55  
ASN HD22 H  N N 56  
ASN HXT  H  N N 57  
ASP N    N  N N 58  
ASP CA   C  N S 59  
ASP C    C  N N 60  
ASP O    O  N N 61  
ASP CB   C  N N 62  
ASP CG   C  N N 63  
ASP OD1  O  N N 64  
ASP OD2  O  N N 65  
ASP OXT  O  N N 66  
ASP H    H  N N 67  
ASP H2   H  N N 68  
ASP HA   H  N N 69  
ASP HB2  H  N N 70  
ASP HB3  H  N N 71  
ASP HD2  H  N N 72  
ASP HXT  H  N N 73  
CYS N    N  N N 74  
CYS CA   C  N R 75  
CYS C    C  N N 76  
CYS O    O  N N 77  
CYS CB   C  N N 78  
CYS SG   S  N N 79  
CYS OXT  O  N N 80  
CYS H    H  N N 81  
CYS H2   H  N N 82  
CYS HA   H  N N 83  
CYS HB2  H  N N 84  
CYS HB3  H  N N 85  
CYS HG   H  N N 86  
CYS HXT  H  N N 87  
EDO C1   C  N N 88  
EDO O1   O  N N 89  
EDO C2   C  N N 90  
EDO O2   O  N N 91  
EDO H11  H  N N 92  
EDO H12  H  N N 93  
EDO HO1  H  N N 94  
EDO H21  H  N N 95  
EDO H22  H  N N 96  
EDO HO2  H  N N 97  
GLN N    N  N N 98  
GLN CA   C  N S 99  
GLN C    C  N N 100 
GLN O    O  N N 101 
GLN CB   C  N N 102 
GLN CG   C  N N 103 
GLN CD   C  N N 104 
GLN OE1  O  N N 105 
GLN NE2  N  N N 106 
GLN OXT  O  N N 107 
GLN H    H  N N 108 
GLN H2   H  N N 109 
GLN HA   H  N N 110 
GLN HB2  H  N N 111 
GLN HB3  H  N N 112 
GLN HG2  H  N N 113 
GLN HG3  H  N N 114 
GLN HE21 H  N N 115 
GLN HE22 H  N N 116 
GLN HXT  H  N N 117 
GLU N    N  N N 118 
GLU CA   C  N S 119 
GLU C    C  N N 120 
GLU O    O  N N 121 
GLU CB   C  N N 122 
GLU CG   C  N N 123 
GLU CD   C  N N 124 
GLU OE1  O  N N 125 
GLU OE2  O  N N 126 
GLU OXT  O  N N 127 
GLU H    H  N N 128 
GLU H2   H  N N 129 
GLU HA   H  N N 130 
GLU HB2  H  N N 131 
GLU HB3  H  N N 132 
GLU HG2  H  N N 133 
GLU HG3  H  N N 134 
GLU HE2  H  N N 135 
GLU HXT  H  N N 136 
GLY N    N  N N 137 
GLY CA   C  N N 138 
GLY C    C  N N 139 
GLY O    O  N N 140 
GLY OXT  O  N N 141 
GLY H    H  N N 142 
GLY H2   H  N N 143 
GLY HA2  H  N N 144 
GLY HA3  H  N N 145 
GLY HXT  H  N N 146 
HIS N    N  N N 147 
HIS CA   C  N S 148 
HIS C    C  N N 149 
HIS O    O  N N 150 
HIS CB   C  N N 151 
HIS CG   C  Y N 152 
HIS ND1  N  Y N 153 
HIS CD2  C  Y N 154 
HIS CE1  C  Y N 155 
HIS NE2  N  Y N 156 
HIS OXT  O  N N 157 
HIS H    H  N N 158 
HIS H2   H  N N 159 
HIS HA   H  N N 160 
HIS HB2  H  N N 161 
HIS HB3  H  N N 162 
HIS HD1  H  N N 163 
HIS HD2  H  N N 164 
HIS HE1  H  N N 165 
HIS HE2  H  N N 166 
HIS HXT  H  N N 167 
HOH O    O  N N 168 
HOH H1   H  N N 169 
HOH H2   H  N N 170 
ILE N    N  N N 171 
ILE CA   C  N S 172 
ILE C    C  N N 173 
ILE O    O  N N 174 
ILE CB   C  N S 175 
ILE CG1  C  N N 176 
ILE CG2  C  N N 177 
ILE CD1  C  N N 178 
ILE OXT  O  N N 179 
ILE H    H  N N 180 
ILE H2   H  N N 181 
ILE HA   H  N N 182 
ILE HB   H  N N 183 
ILE HG12 H  N N 184 
ILE HG13 H  N N 185 
ILE HG21 H  N N 186 
ILE HG22 H  N N 187 
ILE HG23 H  N N 188 
ILE HD11 H  N N 189 
ILE HD12 H  N N 190 
ILE HD13 H  N N 191 
ILE HXT  H  N N 192 
LEU N    N  N N 193 
LEU CA   C  N S 194 
LEU C    C  N N 195 
LEU O    O  N N 196 
LEU CB   C  N N 197 
LEU CG   C  N N 198 
LEU CD1  C  N N 199 
LEU CD2  C  N N 200 
LEU OXT  O  N N 201 
LEU H    H  N N 202 
LEU H2   H  N N 203 
LEU HA   H  N N 204 
LEU HB2  H  N N 205 
LEU HB3  H  N N 206 
LEU HG   H  N N 207 
LEU HD11 H  N N 208 
LEU HD12 H  N N 209 
LEU HD13 H  N N 210 
LEU HD21 H  N N 211 
LEU HD22 H  N N 212 
LEU HD23 H  N N 213 
LEU HXT  H  N N 214 
LYS N    N  N N 215 
LYS CA   C  N S 216 
LYS C    C  N N 217 
LYS O    O  N N 218 
LYS CB   C  N N 219 
LYS CG   C  N N 220 
LYS CD   C  N N 221 
LYS CE   C  N N 222 
LYS NZ   N  N N 223 
LYS OXT  O  N N 224 
LYS H    H  N N 225 
LYS H2   H  N N 226 
LYS HA   H  N N 227 
LYS HB2  H  N N 228 
LYS HB3  H  N N 229 
LYS HG2  H  N N 230 
LYS HG3  H  N N 231 
LYS HD2  H  N N 232 
LYS HD3  H  N N 233 
LYS HE2  H  N N 234 
LYS HE3  H  N N 235 
LYS HZ1  H  N N 236 
LYS HZ2  H  N N 237 
LYS HZ3  H  N N 238 
LYS HXT  H  N N 239 
MET N    N  N N 240 
MET CA   C  N S 241 
MET C    C  N N 242 
MET O    O  N N 243 
MET CB   C  N N 244 
MET CG   C  N N 245 
MET SD   S  N N 246 
MET CE   C  N N 247 
MET OXT  O  N N 248 
MET H    H  N N 249 
MET H2   H  N N 250 
MET HA   H  N N 251 
MET HB2  H  N N 252 
MET HB3  H  N N 253 
MET HG2  H  N N 254 
MET HG3  H  N N 255 
MET HE1  H  N N 256 
MET HE2  H  N N 257 
MET HE3  H  N N 258 
MET HXT  H  N N 259 
PHE N    N  N N 260 
PHE CA   C  N S 261 
PHE C    C  N N 262 
PHE O    O  N N 263 
PHE CB   C  N N 264 
PHE CG   C  Y N 265 
PHE CD1  C  Y N 266 
PHE CD2  C  Y N 267 
PHE CE1  C  Y N 268 
PHE CE2  C  Y N 269 
PHE CZ   C  Y N 270 
PHE OXT  O  N N 271 
PHE H    H  N N 272 
PHE H2   H  N N 273 
PHE HA   H  N N 274 
PHE HB2  H  N N 275 
PHE HB3  H  N N 276 
PHE HD1  H  N N 277 
PHE HD2  H  N N 278 
PHE HE1  H  N N 279 
PHE HE2  H  N N 280 
PHE HZ   H  N N 281 
PHE HXT  H  N N 282 
PRO N    N  N N 283 
PRO CA   C  N S 284 
PRO C    C  N N 285 
PRO O    O  N N 286 
PRO CB   C  N N 287 
PRO CG   C  N N 288 
PRO CD   C  N N 289 
PRO OXT  O  N N 290 
PRO H    H  N N 291 
PRO HA   H  N N 292 
PRO HB2  H  N N 293 
PRO HB3  H  N N 294 
PRO HG2  H  N N 295 
PRO HG3  H  N N 296 
PRO HD2  H  N N 297 
PRO HD3  H  N N 298 
PRO HXT  H  N N 299 
SER N    N  N N 300 
SER CA   C  N S 301 
SER C    C  N N 302 
SER O    O  N N 303 
SER CB   C  N N 304 
SER OG   O  N N 305 
SER OXT  O  N N 306 
SER H    H  N N 307 
SER H2   H  N N 308 
SER HA   H  N N 309 
SER HB2  H  N N 310 
SER HB3  H  N N 311 
SER HG   H  N N 312 
SER HXT  H  N N 313 
THR N    N  N N 314 
THR CA   C  N S 315 
THR C    C  N N 316 
THR O    O  N N 317 
THR CB   C  N R 318 
THR OG1  O  N N 319 
THR CG2  C  N N 320 
THR OXT  O  N N 321 
THR H    H  N N 322 
THR H2   H  N N 323 
THR HA   H  N N 324 
THR HB   H  N N 325 
THR HG1  H  N N 326 
THR HG21 H  N N 327 
THR HG22 H  N N 328 
THR HG23 H  N N 329 
THR HXT  H  N N 330 
TRP N    N  N N 331 
TRP CA   C  N S 332 
TRP C    C  N N 333 
TRP O    O  N N 334 
TRP CB   C  N N 335 
TRP CG   C  Y N 336 
TRP CD1  C  Y N 337 
TRP CD2  C  Y N 338 
TRP NE1  N  Y N 339 
TRP CE2  C  Y N 340 
TRP CE3  C  Y N 341 
TRP CZ2  C  Y N 342 
TRP CZ3  C  Y N 343 
TRP CH2  C  Y N 344 
TRP OXT  O  N N 345 
TRP H    H  N N 346 
TRP H2   H  N N 347 
TRP HA   H  N N 348 
TRP HB2  H  N N 349 
TRP HB3  H  N N 350 
TRP HD1  H  N N 351 
TRP HE1  H  N N 352 
TRP HE3  H  N N 353 
TRP HZ2  H  N N 354 
TRP HZ3  H  N N 355 
TRP HH2  H  N N 356 
TRP HXT  H  N N 357 
TYR N    N  N N 358 
TYR CA   C  N S 359 
TYR C    C  N N 360 
TYR O    O  N N 361 
TYR CB   C  N N 362 
TYR CG   C  Y N 363 
TYR CD1  C  Y N 364 
TYR CD2  C  Y N 365 
TYR CE1  C  Y N 366 
TYR CE2  C  Y N 367 
TYR CZ   C  Y N 368 
TYR OH   O  N N 369 
TYR OXT  O  N N 370 
TYR H    H  N N 371 
TYR H2   H  N N 372 
TYR HA   H  N N 373 
TYR HB2  H  N N 374 
TYR HB3  H  N N 375 
TYR HD1  H  N N 376 
TYR HD2  H  N N 377 
TYR HE1  H  N N 378 
TYR HE2  H  N N 379 
TYR HH   H  N N 380 
TYR HXT  H  N N 381 
VAL N    N  N N 382 
VAL CA   C  N S 383 
VAL C    C  N N 384 
VAL O    O  N N 385 
VAL CB   C  N N 386 
VAL CG1  C  N N 387 
VAL CG2  C  N N 388 
VAL OXT  O  N N 389 
VAL H    H  N N 390 
VAL H2   H  N N 391 
VAL HA   H  N N 392 
VAL HB   H  N N 393 
VAL HG11 H  N N 394 
VAL HG12 H  N N 395 
VAL HG13 H  N N 396 
VAL HG21 H  N N 397 
VAL HG22 H  N N 398 
VAL HG23 H  N N 399 
VAL HXT  H  N N 400 
ZN  ZN   ZN N N 401 
# 
loop_
_chem_comp_bond.comp_id 
_chem_comp_bond.atom_id_1 
_chem_comp_bond.atom_id_2 
_chem_comp_bond.value_order 
_chem_comp_bond.pdbx_aromatic_flag 
_chem_comp_bond.pdbx_stereo_config 
_chem_comp_bond.pdbx_ordinal 
ALA N   CA   sing N N 1   
ALA N   H    sing N N 2   
ALA N   H2   sing N N 3   
ALA CA  C    sing N N 4   
ALA CA  CB   sing N N 5   
ALA CA  HA   sing N N 6   
ALA C   O    doub N N 7   
ALA C   OXT  sing N N 8   
ALA CB  HB1  sing N N 9   
ALA CB  HB2  sing N N 10  
ALA CB  HB3  sing N N 11  
ALA OXT HXT  sing N N 12  
ARG N   CA   sing N N 13  
ARG N   H    sing N N 14  
ARG N   H2   sing N N 15  
ARG CA  C    sing N N 16  
ARG CA  CB   sing N N 17  
ARG CA  HA   sing N N 18  
ARG C   O    doub N N 19  
ARG C   OXT  sing N N 20  
ARG CB  CG   sing N N 21  
ARG CB  HB2  sing N N 22  
ARG CB  HB3  sing N N 23  
ARG CG  CD   sing N N 24  
ARG CG  HG2  sing N N 25  
ARG CG  HG3  sing N N 26  
ARG CD  NE   sing N N 27  
ARG CD  HD2  sing N N 28  
ARG CD  HD3  sing N N 29  
ARG NE  CZ   sing N N 30  
ARG NE  HE   sing N N 31  
ARG CZ  NH1  sing N N 32  
ARG CZ  NH2  doub N N 33  
ARG NH1 HH11 sing N N 34  
ARG NH1 HH12 sing N N 35  
ARG NH2 HH21 sing N N 36  
ARG NH2 HH22 sing N N 37  
ARG OXT HXT  sing N N 38  
ASN N   CA   sing N N 39  
ASN N   H    sing N N 40  
ASN N   H2   sing N N 41  
ASN CA  C    sing N N 42  
ASN CA  CB   sing N N 43  
ASN CA  HA   sing N N 44  
ASN C   O    doub N N 45  
ASN C   OXT  sing N N 46  
ASN CB  CG   sing N N 47  
ASN CB  HB2  sing N N 48  
ASN CB  HB3  sing N N 49  
ASN CG  OD1  doub N N 50  
ASN CG  ND2  sing N N 51  
ASN ND2 HD21 sing N N 52  
ASN ND2 HD22 sing N N 53  
ASN OXT HXT  sing N N 54  
ASP N   CA   sing N N 55  
ASP N   H    sing N N 56  
ASP N   H2   sing N N 57  
ASP CA  C    sing N N 58  
ASP CA  CB   sing N N 59  
ASP CA  HA   sing N N 60  
ASP C   O    doub N N 61  
ASP C   OXT  sing N N 62  
ASP CB  CG   sing N N 63  
ASP CB  HB2  sing N N 64  
ASP CB  HB3  sing N N 65  
ASP CG  OD1  doub N N 66  
ASP CG  OD2  sing N N 67  
ASP OD2 HD2  sing N N 68  
ASP OXT HXT  sing N N 69  
CYS N   CA   sing N N 70  
CYS N   H    sing N N 71  
CYS N   H2   sing N N 72  
CYS CA  C    sing N N 73  
CYS CA  CB   sing N N 74  
CYS CA  HA   sing N N 75  
CYS C   O    doub N N 76  
CYS C   OXT  sing N N 77  
CYS CB  SG   sing N N 78  
CYS CB  HB2  sing N N 79  
CYS CB  HB3  sing N N 80  
CYS SG  HG   sing N N 81  
CYS OXT HXT  sing N N 82  
EDO C1  O1   sing N N 83  
EDO C1  C2   sing N N 84  
EDO C1  H11  sing N N 85  
EDO C1  H12  sing N N 86  
EDO O1  HO1  sing N N 87  
EDO C2  O2   sing N N 88  
EDO C2  H21  sing N N 89  
EDO C2  H22  sing N N 90  
EDO O2  HO2  sing N N 91  
GLN N   CA   sing N N 92  
GLN N   H    sing N N 93  
GLN N   H2   sing N N 94  
GLN CA  C    sing N N 95  
GLN CA  CB   sing N N 96  
GLN CA  HA   sing N N 97  
GLN C   O    doub N N 98  
GLN C   OXT  sing N N 99  
GLN CB  CG   sing N N 100 
GLN CB  HB2  sing N N 101 
GLN CB  HB3  sing N N 102 
GLN CG  CD   sing N N 103 
GLN CG  HG2  sing N N 104 
GLN CG  HG3  sing N N 105 
GLN CD  OE1  doub N N 106 
GLN CD  NE2  sing N N 107 
GLN NE2 HE21 sing N N 108 
GLN NE2 HE22 sing N N 109 
GLN OXT HXT  sing N N 110 
GLU N   CA   sing N N 111 
GLU N   H    sing N N 112 
GLU N   H2   sing N N 113 
GLU CA  C    sing N N 114 
GLU CA  CB   sing N N 115 
GLU CA  HA   sing N N 116 
GLU C   O    doub N N 117 
GLU C   OXT  sing N N 118 
GLU CB  CG   sing N N 119 
GLU CB  HB2  sing N N 120 
GLU CB  HB3  sing N N 121 
GLU CG  CD   sing N N 122 
GLU CG  HG2  sing N N 123 
GLU CG  HG3  sing N N 124 
GLU CD  OE1  doub N N 125 
GLU CD  OE2  sing N N 126 
GLU OE2 HE2  sing N N 127 
GLU OXT HXT  sing N N 128 
GLY N   CA   sing N N 129 
GLY N   H    sing N N 130 
GLY N   H2   sing N N 131 
GLY CA  C    sing N N 132 
GLY CA  HA2  sing N N 133 
GLY CA  HA3  sing N N 134 
GLY C   O    doub N N 135 
GLY C   OXT  sing N N 136 
GLY OXT HXT  sing N N 137 
HIS N   CA   sing N N 138 
HIS N   H    sing N N 139 
HIS N   H2   sing N N 140 
HIS CA  C    sing N N 141 
HIS CA  CB   sing N N 142 
HIS CA  HA   sing N N 143 
HIS C   O    doub N N 144 
HIS C   OXT  sing N N 145 
HIS CB  CG   sing N N 146 
HIS CB  HB2  sing N N 147 
HIS CB  HB3  sing N N 148 
HIS CG  ND1  sing Y N 149 
HIS CG  CD2  doub Y N 150 
HIS ND1 CE1  doub Y N 151 
HIS ND1 HD1  sing N N 152 
HIS CD2 NE2  sing Y N 153 
HIS CD2 HD2  sing N N 154 
HIS CE1 NE2  sing Y N 155 
HIS CE1 HE1  sing N N 156 
HIS NE2 HE2  sing N N 157 
HIS OXT HXT  sing N N 158 
HOH O   H1   sing N N 159 
HOH O   H2   sing N N 160 
ILE N   CA   sing N N 161 
ILE N   H    sing N N 162 
ILE N   H2   sing N N 163 
ILE CA  C    sing N N 164 
ILE CA  CB   sing N N 165 
ILE CA  HA   sing N N 166 
ILE C   O    doub N N 167 
ILE C   OXT  sing N N 168 
ILE CB  CG1  sing N N 169 
ILE CB  CG2  sing N N 170 
ILE CB  HB   sing N N 171 
ILE CG1 CD1  sing N N 172 
ILE CG1 HG12 sing N N 173 
ILE CG1 HG13 sing N N 174 
ILE CG2 HG21 sing N N 175 
ILE CG2 HG22 sing N N 176 
ILE CG2 HG23 sing N N 177 
ILE CD1 HD11 sing N N 178 
ILE CD1 HD12 sing N N 179 
ILE CD1 HD13 sing N N 180 
ILE OXT HXT  sing N N 181 
LEU N   CA   sing N N 182 
LEU N   H    sing N N 183 
LEU N   H2   sing N N 184 
LEU CA  C    sing N N 185 
LEU CA  CB   sing N N 186 
LEU CA  HA   sing N N 187 
LEU C   O    doub N N 188 
LEU C   OXT  sing N N 189 
LEU CB  CG   sing N N 190 
LEU CB  HB2  sing N N 191 
LEU CB  HB3  sing N N 192 
LEU CG  CD1  sing N N 193 
LEU CG  CD2  sing N N 194 
LEU CG  HG   sing N N 195 
LEU CD1 HD11 sing N N 196 
LEU CD1 HD12 sing N N 197 
LEU CD1 HD13 sing N N 198 
LEU CD2 HD21 sing N N 199 
LEU CD2 HD22 sing N N 200 
LEU CD2 HD23 sing N N 201 
LEU OXT HXT  sing N N 202 
LYS N   CA   sing N N 203 
LYS N   H    sing N N 204 
LYS N   H2   sing N N 205 
LYS CA  C    sing N N 206 
LYS CA  CB   sing N N 207 
LYS CA  HA   sing N N 208 
LYS C   O    doub N N 209 
LYS C   OXT  sing N N 210 
LYS CB  CG   sing N N 211 
LYS CB  HB2  sing N N 212 
LYS CB  HB3  sing N N 213 
LYS CG  CD   sing N N 214 
LYS CG  HG2  sing N N 215 
LYS CG  HG3  sing N N 216 
LYS CD  CE   sing N N 217 
LYS CD  HD2  sing N N 218 
LYS CD  HD3  sing N N 219 
LYS CE  NZ   sing N N 220 
LYS CE  HE2  sing N N 221 
LYS CE  HE3  sing N N 222 
LYS NZ  HZ1  sing N N 223 
LYS NZ  HZ2  sing N N 224 
LYS NZ  HZ3  sing N N 225 
LYS OXT HXT  sing N N 226 
MET N   CA   sing N N 227 
MET N   H    sing N N 228 
MET N   H2   sing N N 229 
MET CA  C    sing N N 230 
MET CA  CB   sing N N 231 
MET CA  HA   sing N N 232 
MET C   O    doub N N 233 
MET C   OXT  sing N N 234 
MET CB  CG   sing N N 235 
MET CB  HB2  sing N N 236 
MET CB  HB3  sing N N 237 
MET CG  SD   sing N N 238 
MET CG  HG2  sing N N 239 
MET CG  HG3  sing N N 240 
MET SD  CE   sing N N 241 
MET CE  HE1  sing N N 242 
MET CE  HE2  sing N N 243 
MET CE  HE3  sing N N 244 
MET OXT HXT  sing N N 245 
PHE N   CA   sing N N 246 
PHE N   H    sing N N 247 
PHE N   H2   sing N N 248 
PHE CA  C    sing N N 249 
PHE CA  CB   sing N N 250 
PHE CA  HA   sing N N 251 
PHE C   O    doub N N 252 
PHE C   OXT  sing N N 253 
PHE CB  CG   sing N N 254 
PHE CB  HB2  sing N N 255 
PHE CB  HB3  sing N N 256 
PHE CG  CD1  doub Y N 257 
PHE CG  CD2  sing Y N 258 
PHE CD1 CE1  sing Y N 259 
PHE CD1 HD1  sing N N 260 
PHE CD2 CE2  doub Y N 261 
PHE CD2 HD2  sing N N 262 
PHE CE1 CZ   doub Y N 263 
PHE CE1 HE1  sing N N 264 
PHE CE2 CZ   sing Y N 265 
PHE CE2 HE2  sing N N 266 
PHE CZ  HZ   sing N N 267 
PHE OXT HXT  sing N N 268 
PRO N   CA   sing N N 269 
PRO N   CD   sing N N 270 
PRO N   H    sing N N 271 
PRO CA  C    sing N N 272 
PRO CA  CB   sing N N 273 
PRO CA  HA   sing N N 274 
PRO C   O    doub N N 275 
PRO C   OXT  sing N N 276 
PRO CB  CG   sing N N 277 
PRO CB  HB2  sing N N 278 
PRO CB  HB3  sing N N 279 
PRO CG  CD   sing N N 280 
PRO CG  HG2  sing N N 281 
PRO CG  HG3  sing N N 282 
PRO CD  HD2  sing N N 283 
PRO CD  HD3  sing N N 284 
PRO OXT HXT  sing N N 285 
SER N   CA   sing N N 286 
SER N   H    sing N N 287 
SER N   H2   sing N N 288 
SER CA  C    sing N N 289 
SER CA  CB   sing N N 290 
SER CA  HA   sing N N 291 
SER C   O    doub N N 292 
SER C   OXT  sing N N 293 
SER CB  OG   sing N N 294 
SER CB  HB2  sing N N 295 
SER CB  HB3  sing N N 296 
SER OG  HG   sing N N 297 
SER OXT HXT  sing N N 298 
THR N   CA   sing N N 299 
THR N   H    sing N N 300 
THR N   H2   sing N N 301 
THR CA  C    sing N N 302 
THR CA  CB   sing N N 303 
THR CA  HA   sing N N 304 
THR C   O    doub N N 305 
THR C   OXT  sing N N 306 
THR CB  OG1  sing N N 307 
THR CB  CG2  sing N N 308 
THR CB  HB   sing N N 309 
THR OG1 HG1  sing N N 310 
THR CG2 HG21 sing N N 311 
THR CG2 HG22 sing N N 312 
THR CG2 HG23 sing N N 313 
THR OXT HXT  sing N N 314 
TRP N   CA   sing N N 315 
TRP N   H    sing N N 316 
TRP N   H2   sing N N 317 
TRP CA  C    sing N N 318 
TRP CA  CB   sing N N 319 
TRP CA  HA   sing N N 320 
TRP C   O    doub N N 321 
TRP C   OXT  sing N N 322 
TRP CB  CG   sing N N 323 
TRP CB  HB2  sing N N 324 
TRP CB  HB3  sing N N 325 
TRP CG  CD1  doub Y N 326 
TRP CG  CD2  sing Y N 327 
TRP CD1 NE1  sing Y N 328 
TRP CD1 HD1  sing N N 329 
TRP CD2 CE2  doub Y N 330 
TRP CD2 CE3  sing Y N 331 
TRP NE1 CE2  sing Y N 332 
TRP NE1 HE1  sing N N 333 
TRP CE2 CZ2  sing Y N 334 
TRP CE3 CZ3  doub Y N 335 
TRP CE3 HE3  sing N N 336 
TRP CZ2 CH2  doub Y N 337 
TRP CZ2 HZ2  sing N N 338 
TRP CZ3 CH2  sing Y N 339 
TRP CZ3 HZ3  sing N N 340 
TRP CH2 HH2  sing N N 341 
TRP OXT HXT  sing N N 342 
TYR N   CA   sing N N 343 
TYR N   H    sing N N 344 
TYR N   H2   sing N N 345 
TYR CA  C    sing N N 346 
TYR CA  CB   sing N N 347 
TYR CA  HA   sing N N 348 
TYR C   O    doub N N 349 
TYR C   OXT  sing N N 350 
TYR CB  CG   sing N N 351 
TYR CB  HB2  sing N N 352 
TYR CB  HB3  sing N N 353 
TYR CG  CD1  doub Y N 354 
TYR CG  CD2  sing Y N 355 
TYR CD1 CE1  sing Y N 356 
TYR CD1 HD1  sing N N 357 
TYR CD2 CE2  doub Y N 358 
TYR CD2 HD2  sing N N 359 
TYR CE1 CZ   doub Y N 360 
TYR CE1 HE1  sing N N 361 
TYR CE2 CZ   sing Y N 362 
TYR CE2 HE2  sing N N 363 
TYR CZ  OH   sing N N 364 
TYR OH  HH   sing N N 365 
TYR OXT HXT  sing N N 366 
VAL N   CA   sing N N 367 
VAL N   H    sing N N 368 
VAL N   H2   sing N N 369 
VAL CA  C    sing N N 370 
VAL CA  CB   sing N N 371 
VAL CA  HA   sing N N 372 
VAL C   O    doub N N 373 
VAL C   OXT  sing N N 374 
VAL CB  CG1  sing N N 375 
VAL CB  CG2  sing N N 376 
VAL CB  HB   sing N N 377 
VAL CG1 HG11 sing N N 378 
VAL CG1 HG12 sing N N 379 
VAL CG1 HG13 sing N N 380 
VAL CG2 HG21 sing N N 381 
VAL CG2 HG22 sing N N 382 
VAL CG2 HG23 sing N N 383 
VAL OXT HXT  sing N N 384 
# 
loop_
_pdbx_entity_nonpoly.entity_id 
_pdbx_entity_nonpoly.name 
_pdbx_entity_nonpoly.comp_id 
2 'ZINC ION'     ZN  
3 1,2-ETHANEDIOL EDO 
4 water          HOH 
# 
_pdbx_initial_refinement_model.id               1 
_pdbx_initial_refinement_model.entity_id_list   ? 
_pdbx_initial_refinement_model.type             'experimental model' 
_pdbx_initial_refinement_model.source_name      PDB 
_pdbx_initial_refinement_model.accession_code   3A1A 
_pdbx_initial_refinement_model.details          'PDB ENTRY 3A1A' 
# 
